data_5CJW
#
_entry.id   5CJW
#
_cell.length_a   317.520
_cell.length_b   317.520
_cell.length_c   343.040
_cell.angle_alpha   90.00
_cell.angle_beta   90.00
_cell.angle_gamma   120.00
#
_symmetry.space_group_name_H-M   'H 3 2'
#
loop_
_entity.id
_entity.type
_entity.pdbx_description
1 polymer 'Isobutyryl-CoA mutase fused'
2 non-polymer COBALAMIN
3 non-polymer "5'-DEOXYADENOSINE"
4 non-polymer 'pivalyl-coenzyme A'
5 non-polymer "GUANOSINE-5'-DIPHOSPHATE"
6 non-polymer 'MAGNESIUM ION'
#
_entity_poly.entity_id   1
_entity_poly.type   'polypeptide(L)'
_entity_poly.pdbx_seq_one_letter_code
;MGSSHHHHHHSSGLVPRGSHMTDLSDVSRTAAAKPPAVPGRGPANKVRFVTAASLFDGHDASINIMRRILQSQGCEVIHL
GHNRSVQEVVTAALQEDVQGIAISSYQGGHVEYFKYMIDLLREHGGEHIQVFGGGGGVIVPDEIRELQAYGVARIYSPED
GQRMGLAGMITDMAQRCDIDLTRYAPTTLDTVVAGDRRALAQLITALENGKADPELVSALHAQAKAAAVPVLGITGTGGA
GKSSLTDELIRRFRLDQDDALSIAVISIDPSRRKSGGALLGDRIRMNAINHPNIFMRSLATREAGSEISQALPDVIAACK
AARFDLVIVETSGIGQGDAAIVPHVDLSLYVMTPEFGAASQLEKIDMLDFADFVAINKFDRKGAQDAWRDVAKQVQRNRE
QWHSRAEDMPVYGTQASRFNDDGVTMLYQGLVGALGARGMSLKPGTLPNLEGRISTGQNVIVPPARSRYLAELADTVRAY
HRRVVAQSKLARERQQLRAAHDMLQGAGHESAALETLASERDVSLGAVERKLLAMWPQMQQAYSGDEYVVKIRDKEIRTG
LISTTLSGTKIRKVVLPRFEDEGEILKWLMRENVPGSFPYTAGVFAFKREGEDPTRMFAGEGDAFRTNRRFKLVSEGMEA
KRLSTAFDSVTLYGEDPHERPDIYGKVGNSGVSIATLEDMKVLYDGFDLTNPSTSVSMTINGPAPTILAMFMNTAIDQQI
DRFRADNGRDPTADEEAKIRAWVLQNVRGTVQADILKEDQGQNTCIFSTEFSLKVMGDIQEYFVHHQVRNFYSVSISGYH
IAEAGANPISQLAFTLANGFTYVEAYLARGMHIDDFAPNLSFFFSNGMDPEYSVLGRVARRIWAVTMRDKYGANDRSQKL
KYHIQTSGRSLHAQEIDFNDIRTTLQALIAIYDNCNSLHTNAYDEAITTPTAESVRRALAIQLIINREWGVAKCENPNQG
SFLIEELTDLVEEAVLQEFERIAERGGVLGAMETGYQRGKIQEESLYYEQLKHDGTLPIIGVNTFRNPNGDPTPQTLELA
RSSEDEKQSQLHRLTEFHGAHQADAEAMLARLRQAVIDNRNVFAVLMDAVRVCSLGQITHALFEVGGQYRRNM
;
_entity_poly.pdbx_strand_id   A,B
#
loop_
_chem_comp.id
_chem_comp.type
_chem_comp.name
_chem_comp.formula
52O non-polymer 'pivalyl-coenzyme A' 'C26 H44 N7 O17 P3 S'
5AD non-polymer 5'-DEOXYADENOSINE 'C10 H13 N5 O3'
B12 non-polymer COBALAMIN 'C62 H89 Co N13 O14 P 2'
GDP RNA linking GUANOSINE-5'-DIPHOSPHATE 'C10 H15 N5 O11 P2'
MG non-polymer 'MAGNESIUM ION' 'Mg 2'
#
# COMPACT_ATOMS: atom_id res chain seq x y z
N ARG A 41 -3.04 -15.13 -47.40
CA ARG A 41 -2.01 -14.51 -48.23
C ARG A 41 -1.26 -13.44 -47.45
N GLY A 42 0.06 -13.41 -47.62
CA GLY A 42 0.89 -12.42 -46.97
C GLY A 42 1.00 -11.15 -47.79
N PRO A 43 2.20 -10.54 -47.81
CA PRO A 43 2.44 -9.32 -48.60
C PRO A 43 2.43 -9.60 -50.10
N ALA A 44 2.36 -8.55 -50.91
CA ALA A 44 2.32 -8.69 -52.36
C ALA A 44 3.70 -9.08 -52.91
N ASN A 45 4.74 -8.45 -52.38
CA ASN A 45 6.11 -8.75 -52.81
C ASN A 45 6.86 -9.61 -51.79
N LYS A 46 8.05 -10.06 -52.17
CA LYS A 46 8.93 -10.73 -51.23
C LYS A 46 9.52 -9.68 -50.28
N VAL A 47 8.88 -9.50 -49.14
CA VAL A 47 9.27 -8.46 -48.19
C VAL A 47 10.30 -8.94 -47.18
N ARG A 48 11.43 -8.24 -47.13
CA ARG A 48 12.53 -8.61 -46.24
C ARG A 48 12.83 -7.52 -45.21
N PHE A 49 13.21 -7.94 -44.02
CA PHE A 49 13.53 -7.03 -42.93
C PHE A 49 14.88 -7.33 -42.30
N VAL A 50 15.53 -6.30 -41.78
CA VAL A 50 16.71 -6.49 -40.93
C VAL A 50 16.39 -5.97 -39.54
N THR A 51 16.42 -6.86 -38.56
CA THR A 51 16.08 -6.49 -37.19
C THR A 51 17.28 -6.62 -36.27
N ALA A 52 17.41 -5.67 -35.34
CA ALA A 52 18.53 -5.67 -34.40
C ALA A 52 18.25 -4.74 -33.22
N ALA A 53 19.04 -4.88 -32.16
CA ALA A 53 19.01 -3.94 -31.05
C ALA A 53 20.17 -2.96 -31.21
N SER A 54 19.99 -1.73 -30.74
CA SER A 54 20.98 -0.67 -30.94
C SER A 54 22.34 -1.03 -30.33
N LEU A 55 23.34 -0.21 -30.62
CA LEU A 55 24.70 -0.45 -30.13
C LEU A 55 24.75 -0.43 -28.60
N PHE A 56 25.47 -1.39 -28.03
CA PHE A 56 25.62 -1.53 -26.58
C PHE A 56 24.27 -1.70 -25.89
N ASP A 57 23.28 -2.23 -26.60
CA ASP A 57 21.95 -2.45 -26.05
C ASP A 57 21.65 -3.94 -25.93
N GLY A 58 21.19 -4.35 -24.76
CA GLY A 58 20.88 -5.75 -24.53
C GLY A 58 19.40 -6.04 -24.64
N HIS A 59 18.59 -4.98 -24.67
CA HIS A 59 17.15 -5.15 -24.71
C HIS A 59 16.69 -5.82 -26.00
N ASP A 60 16.53 -7.14 -25.96
CA ASP A 60 16.06 -7.86 -27.14
C ASP A 60 14.63 -8.32 -26.98
N ALA A 61 14.09 -8.21 -25.77
CA ALA A 61 12.75 -8.69 -25.46
C ALA A 61 11.72 -8.02 -26.37
N SER A 62 11.94 -6.74 -26.64
CA SER A 62 11.05 -6.01 -27.53
C SER A 62 11.21 -6.44 -28.98
N ILE A 63 12.44 -6.38 -29.49
CA ILE A 63 12.70 -6.66 -30.89
C ILE A 63 12.45 -8.13 -31.26
N ASN A 64 12.52 -9.02 -30.27
CA ASN A 64 12.33 -10.44 -30.53
C ASN A 64 10.87 -10.79 -30.78
N ILE A 65 9.95 -10.12 -30.10
CA ILE A 65 8.53 -10.41 -30.28
C ILE A 65 7.99 -9.68 -31.52
N MET A 66 8.81 -8.80 -32.09
CA MET A 66 8.41 -8.09 -33.32
C MET A 66 8.79 -8.90 -34.55
N ARG A 67 9.97 -9.51 -34.54
CA ARG A 67 10.42 -10.34 -35.65
C ARG A 67 9.61 -11.62 -35.72
N ARG A 68 8.92 -11.95 -34.63
CA ARG A 68 8.03 -13.10 -34.58
C ARG A 68 6.73 -12.80 -35.30
N ILE A 69 6.19 -11.59 -35.08
CA ILE A 69 4.97 -11.17 -35.77
C ILE A 69 5.29 -10.87 -37.23
N LEU A 70 6.47 -10.33 -37.49
CA LEU A 70 6.91 -10.07 -38.85
C LEU A 70 6.97 -11.36 -39.66
N GLN A 71 7.59 -12.38 -39.07
CA GLN A 71 7.76 -13.66 -39.73
C GLN A 71 6.42 -14.35 -39.95
N SER A 72 5.50 -14.20 -38.99
CA SER A 72 4.21 -14.87 -39.07
C SER A 72 3.32 -14.24 -40.12
N GLN A 73 3.55 -12.96 -40.40
CA GLN A 73 2.75 -12.26 -41.41
C GLN A 73 3.31 -12.48 -42.81
N GLY A 74 4.44 -13.18 -42.89
CA GLY A 74 4.99 -13.58 -44.17
C GLY A 74 6.19 -12.79 -44.64
N CYS A 75 7.03 -12.38 -43.70
CA CYS A 75 8.22 -11.61 -44.05
C CYS A 75 9.50 -12.39 -43.74
N GLU A 76 10.45 -12.33 -44.66
CA GLU A 76 11.77 -12.89 -44.40
C GLU A 76 12.52 -11.92 -43.49
N VAL A 77 12.95 -12.42 -42.33
CA VAL A 77 13.60 -11.56 -41.34
C VAL A 77 15.05 -11.96 -41.12
N ILE A 78 15.97 -11.07 -41.48
CA ILE A 78 17.38 -11.28 -41.20
C ILE A 78 17.70 -10.68 -39.83
N HIS A 79 17.58 -11.49 -38.79
CA HIS A 79 17.78 -11.02 -37.42
C HIS A 79 19.26 -10.94 -37.07
N LEU A 80 19.69 -9.76 -36.64
CA LEU A 80 21.09 -9.53 -36.32
C LEU A 80 21.38 -9.68 -34.83
N GLY A 81 20.32 -9.73 -34.01
CA GLY A 81 20.48 -9.85 -32.58
C GLY A 81 20.76 -8.51 -31.91
N HIS A 82 21.29 -8.57 -30.69
CA HIS A 82 21.53 -7.38 -29.90
C HIS A 82 22.92 -6.78 -30.16
N ASN A 83 23.14 -5.59 -29.62
CA ASN A 83 24.44 -4.91 -29.70
C ASN A 83 24.96 -4.76 -31.13
N ARG A 84 24.29 -3.93 -31.92
CA ARG A 84 24.70 -3.72 -33.30
C ARG A 84 24.92 -2.24 -33.59
N SER A 85 26.10 -1.93 -34.13
CA SER A 85 26.40 -0.57 -34.52
C SER A 85 25.65 -0.21 -35.79
N VAL A 86 25.69 1.06 -36.18
CA VAL A 86 25.06 1.49 -37.41
C VAL A 86 25.77 0.86 -38.60
N GLN A 87 27.10 0.88 -38.57
CA GLN A 87 27.92 0.33 -39.65
C GLN A 87 27.64 -1.17 -39.86
N GLU A 88 27.14 -1.82 -38.81
CA GLU A 88 26.77 -3.23 -38.91
C GLU A 88 25.39 -3.41 -39.54
N VAL A 89 24.39 -2.75 -38.97
CA VAL A 89 23.02 -2.86 -39.43
C VAL A 89 22.86 -2.40 -40.89
N VAL A 90 23.47 -1.27 -41.21
CA VAL A 90 23.38 -0.71 -42.56
C VAL A 90 24.03 -1.63 -43.59
N THR A 91 25.26 -2.08 -43.30
CA THR A 91 25.97 -3.01 -44.18
C THR A 91 25.14 -4.27 -44.43
N ALA A 92 24.51 -4.77 -43.38
CA ALA A 92 23.65 -5.94 -43.48
C ALA A 92 22.47 -5.68 -44.40
N ALA A 93 21.72 -4.61 -44.11
CA ALA A 93 20.52 -4.28 -44.87
C ALA A 93 20.83 -4.03 -46.35
N LEU A 94 22.03 -3.53 -46.62
CA LEU A 94 22.44 -3.22 -47.98
C LEU A 94 22.79 -4.48 -48.77
N GLN A 95 23.42 -5.44 -48.09
CA GLN A 95 23.81 -6.68 -48.75
C GLN A 95 22.61 -7.61 -48.93
N GLU A 96 21.69 -7.57 -47.96
CA GLU A 96 20.48 -8.37 -48.03
C GLU A 96 19.46 -7.73 -48.97
N ASP A 97 19.65 -6.44 -49.22
CA ASP A 97 18.71 -5.64 -50.02
C ASP A 97 17.29 -5.78 -49.49
N VAL A 98 17.05 -5.20 -48.32
CA VAL A 98 15.75 -5.29 -47.68
C VAL A 98 14.93 -4.03 -47.94
N GLN A 99 13.64 -4.09 -47.62
CA GLN A 99 12.77 -2.94 -47.75
C GLN A 99 12.67 -2.18 -46.43
N GLY A 100 12.93 -2.86 -45.33
CA GLY A 100 12.77 -2.26 -44.01
C GLY A 100 13.82 -2.64 -42.98
N ILE A 101 14.07 -1.72 -42.05
CA ILE A 101 14.97 -1.95 -40.93
C ILE A 101 14.25 -1.66 -39.62
N ALA A 102 14.25 -2.64 -38.71
CA ALA A 102 13.63 -2.46 -37.41
C ALA A 102 14.68 -2.47 -36.30
N ILE A 103 14.75 -1.39 -35.54
CA ILE A 103 15.74 -1.25 -34.49
C ILE A 103 15.09 -0.94 -33.15
N SER A 104 15.57 -1.59 -32.09
CA SER A 104 15.15 -1.25 -30.73
C SER A 104 16.29 -0.52 -30.02
N SER A 105 15.99 0.63 -29.41
CA SER A 105 17.00 1.38 -28.67
C SER A 105 16.49 1.79 -27.29
N TYR A 106 16.92 1.06 -26.27
CA TYR A 106 16.46 1.31 -24.90
C TYR A 106 17.54 1.96 -24.03
N GLN A 107 18.75 2.11 -24.58
CA GLN A 107 19.85 2.67 -23.80
C GLN A 107 19.92 4.18 -23.91
N GLY A 108 19.12 4.75 -24.80
CA GLY A 108 19.21 6.16 -25.10
C GLY A 108 20.26 6.38 -26.16
N GLY A 109 20.55 7.64 -26.47
CA GLY A 109 21.45 7.97 -27.56
C GLY A 109 20.83 7.55 -28.88
N HIS A 110 19.50 7.44 -28.88
CA HIS A 110 18.76 6.95 -30.02
C HIS A 110 18.62 8.02 -31.11
N VAL A 111 18.56 9.28 -30.69
CA VAL A 111 18.46 10.38 -31.65
C VAL A 111 19.71 10.41 -32.53
N GLU A 112 20.87 10.37 -31.91
CA GLU A 112 22.13 10.34 -32.65
C GLU A 112 22.25 9.07 -33.47
N TYR A 113 21.78 7.96 -32.91
CA TYR A 113 21.90 6.66 -33.56
C TYR A 113 21.08 6.59 -34.84
N PHE A 114 19.80 6.91 -34.76
CA PHE A 114 18.93 6.84 -35.93
C PHE A 114 19.31 7.88 -36.98
N LYS A 115 19.73 9.05 -36.54
CA LYS A 115 20.19 10.08 -37.46
C LYS A 115 21.39 9.59 -38.26
N TYR A 116 22.33 8.94 -37.56
CA TYR A 116 23.49 8.35 -38.21
C TYR A 116 23.07 7.32 -39.25
N MET A 117 22.12 6.47 -38.87
CA MET A 117 21.65 5.40 -39.75
C MET A 117 20.99 5.96 -41.00
N ILE A 118 20.09 6.93 -40.79
CA ILE A 118 19.41 7.58 -41.92
C ILE A 118 20.43 8.21 -42.86
N ASP A 119 21.42 8.89 -42.30
CA ASP A 119 22.47 9.52 -43.09
C ASP A 119 23.28 8.50 -43.88
N LEU A 120 23.67 7.43 -43.21
CA LEU A 120 24.55 6.43 -43.82
C LEU A 120 23.83 5.67 -44.91
N LEU A 121 22.52 5.48 -44.75
CA LEU A 121 21.72 4.78 -45.76
C LEU A 121 21.63 5.57 -47.06
N ARG A 122 21.36 6.87 -46.95
CA ARG A 122 21.24 7.72 -48.12
C ARG A 122 22.57 7.84 -48.86
N GLU A 123 23.65 7.88 -48.08
CA GLU A 123 24.99 8.06 -48.63
C GLU A 123 25.43 6.86 -49.47
N HIS A 124 24.92 5.68 -49.13
CA HIS A 124 25.36 4.45 -49.79
C HIS A 124 24.24 3.70 -50.50
N GLY A 125 23.37 4.44 -51.18
CA GLY A 125 22.33 3.84 -52.02
C GLY A 125 21.34 2.98 -51.26
N GLY A 126 20.73 3.55 -50.23
CA GLY A 126 19.72 2.85 -49.47
C GLY A 126 18.64 3.81 -49.01
N GLU A 127 18.43 4.87 -49.78
CA GLU A 127 17.45 5.89 -49.45
C GLU A 127 16.03 5.32 -49.42
N HIS A 128 15.78 4.32 -50.28
CA HIS A 128 14.45 3.74 -50.40
C HIS A 128 14.13 2.76 -49.27
N ILE A 129 15.16 2.40 -48.49
CA ILE A 129 14.97 1.54 -47.33
C ILE A 129 14.35 2.31 -46.18
N GLN A 130 13.22 1.83 -45.68
CA GLN A 130 12.53 2.49 -44.57
C GLN A 130 13.02 2.00 -43.23
N VAL A 131 13.17 2.91 -42.28
CA VAL A 131 13.68 2.57 -40.94
C VAL A 131 12.61 2.73 -39.86
N PHE A 132 12.40 1.67 -39.09
CA PHE A 132 11.43 1.69 -38.00
C PHE A 132 12.12 1.51 -36.66
N GLY A 133 11.56 2.14 -35.62
CA GLY A 133 12.19 2.09 -34.31
C GLY A 133 11.21 1.99 -33.15
N GLY A 134 11.75 1.68 -31.98
CA GLY A 134 10.97 1.63 -30.77
C GLY A 134 11.88 1.50 -29.57
N GLY A 135 11.52 2.13 -28.46
CA GLY A 135 12.32 2.08 -27.26
C GLY A 135 11.49 2.28 -26.01
N GLY A 136 10.18 2.04 -26.13
CA GLY A 136 9.28 2.23 -25.02
C GLY A 136 9.20 3.69 -24.62
N GLY A 137 9.32 3.94 -23.32
CA GLY A 137 9.21 5.30 -22.80
C GLY A 137 10.51 6.09 -22.91
N VAL A 138 11.59 5.42 -23.25
CA VAL A 138 12.89 6.06 -23.39
C VAL A 138 12.87 7.15 -24.46
N ILE A 139 12.26 6.83 -25.60
CA ILE A 139 12.11 7.80 -26.68
C ILE A 139 10.87 8.66 -26.46
N VAL A 140 11.07 9.86 -25.91
CA VAL A 140 9.97 10.77 -25.63
C VAL A 140 9.33 11.27 -26.93
N PRO A 141 8.05 11.70 -26.86
CA PRO A 141 7.29 12.19 -28.01
C PRO A 141 8.04 13.22 -28.88
N ASP A 142 8.72 14.17 -28.26
CA ASP A 142 9.43 15.21 -29.00
C ASP A 142 10.52 14.62 -29.89
N GLU A 143 11.20 13.60 -29.38
CA GLU A 143 12.28 12.96 -30.11
C GLU A 143 11.74 12.10 -31.25
N ILE A 144 10.51 11.63 -31.10
CA ILE A 144 9.87 10.85 -32.15
C ILE A 144 9.52 11.73 -33.34
N ARG A 145 8.90 12.88 -33.06
CA ARG A 145 8.55 13.83 -34.11
C ARG A 145 9.81 14.33 -34.80
N GLU A 146 10.89 14.47 -34.05
CA GLU A 146 12.16 14.90 -34.59
C GLU A 146 12.73 13.87 -35.54
N LEU A 147 12.82 12.63 -35.07
CA LEU A 147 13.40 11.54 -35.84
C LEU A 147 12.56 11.20 -37.07
N GLN A 148 11.23 11.21 -36.91
CA GLN A 148 10.35 10.92 -38.03
C GLN A 148 10.43 12.04 -39.07
N ALA A 149 10.71 13.25 -38.61
CA ALA A 149 10.91 14.38 -39.51
C ALA A 149 12.26 14.26 -40.22
N TYR A 150 13.22 13.64 -39.54
CA TYR A 150 14.57 13.51 -40.08
C TYR A 150 14.60 12.53 -41.25
N GLY A 151 13.82 11.46 -41.16
CA GLY A 151 13.76 10.47 -42.23
C GLY A 151 13.22 9.13 -41.78
N VAL A 152 13.22 8.89 -40.48
CA VAL A 152 12.72 7.65 -39.91
C VAL A 152 11.24 7.44 -40.25
N ALA A 153 10.90 6.25 -40.73
CA ALA A 153 9.54 5.93 -41.14
C ALA A 153 8.56 6.10 -39.98
N ARG A 154 8.74 5.29 -38.95
CA ARG A 154 7.90 5.36 -37.75
C ARG A 154 8.66 4.92 -36.51
N ILE A 155 8.44 5.61 -35.40
CA ILE A 155 8.91 5.15 -34.11
C ILE A 155 7.72 5.00 -33.17
N TYR A 156 7.56 3.80 -32.63
CA TYR A 156 6.35 3.45 -31.89
C TYR A 156 6.51 3.64 -30.38
N SER A 157 5.61 4.42 -29.80
CA SER A 157 5.57 4.63 -28.36
C SER A 157 4.72 3.55 -27.72
N PRO A 158 4.83 3.38 -26.39
CA PRO A 158 3.96 2.42 -25.70
C PRO A 158 2.48 2.73 -25.89
N GLU A 159 2.16 4.00 -26.12
CA GLU A 159 0.79 4.40 -26.38
C GLU A 159 0.35 3.96 -27.77
N ASP A 160 1.28 3.95 -28.72
CA ASP A 160 1.01 3.45 -30.06
C ASP A 160 0.69 1.96 -30.02
N GLY A 161 1.45 1.23 -29.20
CA GLY A 161 1.26 -0.19 -29.05
C GLY A 161 -0.10 -0.54 -28.48
N GLN A 162 -0.60 0.30 -27.58
CA GLN A 162 -1.90 0.06 -26.98
C GLN A 162 -3.02 0.33 -27.98
N ARG A 163 -2.89 1.40 -28.74
CA ARG A 163 -3.92 1.80 -29.70
C ARG A 163 -3.93 0.89 -30.91
N MET A 164 -2.75 0.60 -31.44
CA MET A 164 -2.64 -0.19 -32.67
C MET A 164 -2.65 -1.68 -32.42
N GLY A 165 -2.14 -2.09 -31.25
CA GLY A 165 -1.99 -3.50 -30.96
C GLY A 165 -0.68 -4.01 -31.51
N LEU A 166 -0.23 -5.15 -30.97
CA LEU A 166 1.03 -5.75 -31.40
C LEU A 166 1.04 -6.06 -32.88
N ALA A 167 -0.02 -6.70 -33.35
CA ALA A 167 -0.15 -7.06 -34.76
C ALA A 167 -0.40 -5.83 -35.61
N GLY A 168 -1.05 -4.83 -35.02
CA GLY A 168 -1.36 -3.60 -35.71
C GLY A 168 -0.13 -2.83 -36.14
N MET A 169 0.86 -2.76 -35.26
CA MET A 169 2.13 -2.09 -35.57
C MET A 169 2.84 -2.77 -36.72
N ILE A 170 2.93 -4.09 -36.63
CA ILE A 170 3.67 -4.87 -37.63
C ILE A 170 2.94 -4.87 -38.96
N THR A 171 1.61 -4.86 -38.92
CA THR A 171 0.82 -4.73 -40.13
C THR A 171 1.12 -3.41 -40.81
N ASP A 172 1.07 -2.32 -40.04
CA ASP A 172 1.41 -0.99 -40.54
C ASP A 172 2.84 -0.97 -41.07
N MET A 173 3.74 -1.63 -40.35
CA MET A 173 5.15 -1.66 -40.70
C MET A 173 5.38 -2.47 -41.98
N ALA A 174 4.66 -3.57 -42.13
CA ALA A 174 4.83 -4.45 -43.28
C ALA A 174 4.21 -3.85 -44.54
N GLN A 175 3.05 -3.21 -44.38
CA GLN A 175 2.35 -2.63 -45.53
C GLN A 175 3.13 -1.46 -46.13
N ARG A 176 3.95 -0.80 -45.31
CA ARG A 176 4.80 0.28 -45.80
C ARG A 176 5.93 -0.25 -46.67
N CYS A 177 6.49 -1.37 -46.26
CA CYS A 177 7.65 -1.95 -46.95
C CYS A 177 7.24 -2.90 -48.07
N ASP A 178 5.94 -2.99 -48.33
CA ASP A 178 5.43 -3.86 -49.38
C ASP A 178 5.69 -3.25 -50.76
N ILE A 179 6.96 -3.21 -51.15
CA ILE A 179 7.36 -2.62 -52.43
C ILE A 179 8.26 -3.57 -53.22
N ASP A 180 8.24 -3.44 -54.54
CA ASP A 180 9.04 -4.28 -55.42
C ASP A 180 10.43 -3.67 -55.65
N LEU A 181 11.45 -4.35 -55.19
CA LEU A 181 12.82 -3.83 -55.27
C LEU A 181 13.53 -4.17 -56.57
N THR A 182 12.85 -4.89 -57.46
CA THR A 182 13.47 -5.34 -58.70
C THR A 182 13.67 -4.20 -59.70
N ARG A 183 13.04 -3.05 -59.42
CA ARG A 183 13.19 -1.89 -60.29
C ARG A 183 14.56 -1.23 -60.08
N TYR A 184 15.15 -1.45 -58.91
CA TYR A 184 16.45 -0.88 -58.59
C TYR A 184 17.58 -1.78 -59.07
N ALA A 185 17.22 -2.93 -59.62
CA ALA A 185 18.20 -3.90 -60.10
C ALA A 185 18.87 -3.43 -61.38
N PRO A 186 20.18 -3.70 -61.51
CA PRO A 186 20.93 -3.33 -62.70
C PRO A 186 20.47 -4.11 -63.92
N THR A 187 20.56 -3.50 -65.10
CA THR A 187 20.15 -4.16 -66.34
C THR A 187 21.34 -4.72 -67.09
N THR A 188 22.54 -4.21 -66.76
CA THR A 188 23.77 -4.71 -67.35
C THR A 188 24.75 -5.11 -66.25
N LEU A 189 25.67 -6.02 -66.58
CA LEU A 189 26.61 -6.54 -65.59
C LEU A 189 27.79 -5.59 -65.36
N ASP A 190 27.79 -4.45 -66.04
CA ASP A 190 28.87 -3.48 -65.94
C ASP A 190 29.18 -3.07 -64.51
N THR A 191 28.13 -2.73 -63.76
CA THR A 191 28.28 -2.32 -62.38
C THR A 191 28.79 -3.45 -61.49
N VAL A 192 28.18 -4.63 -61.64
CA VAL A 192 28.49 -5.77 -60.77
C VAL A 192 29.92 -6.27 -60.94
N VAL A 193 30.34 -6.45 -62.19
CA VAL A 193 31.69 -6.95 -62.49
C VAL A 193 32.76 -5.97 -62.03
N ALA A 194 32.45 -4.69 -62.11
CA ALA A 194 33.38 -3.64 -61.69
C ALA A 194 33.76 -3.78 -60.22
N GLY A 195 32.85 -4.30 -59.42
CA GLY A 195 33.11 -4.52 -58.01
C GLY A 195 32.06 -3.90 -57.11
N ASP A 196 31.01 -3.34 -57.71
CA ASP A 196 29.91 -2.75 -56.97
C ASP A 196 29.18 -3.84 -56.19
N ARG A 197 29.25 -3.77 -54.87
CA ARG A 197 28.64 -4.78 -54.01
C ARG A 197 27.15 -4.52 -53.81
N ARG A 198 26.75 -3.26 -53.89
CA ARG A 198 25.34 -2.88 -53.76
C ARG A 198 24.57 -3.26 -55.02
N ALA A 199 25.22 -3.11 -56.16
CA ALA A 199 24.62 -3.54 -57.43
C ALA A 199 24.49 -5.05 -57.46
N LEU A 200 25.48 -5.74 -56.88
CA LEU A 200 25.44 -7.19 -56.76
C LEU A 200 24.29 -7.63 -55.89
N ALA A 201 24.11 -6.95 -54.77
CA ALA A 201 23.04 -7.28 -53.82
C ALA A 201 21.67 -7.10 -54.45
N GLN A 202 21.55 -6.13 -55.35
CA GLN A 202 20.27 -5.85 -56.00
C GLN A 202 20.03 -6.78 -57.18
N LEU A 203 21.10 -7.14 -57.88
CA LEU A 203 21.00 -8.09 -58.99
C LEU A 203 20.52 -9.44 -58.49
N ILE A 204 20.95 -9.80 -57.28
CA ILE A 204 20.54 -11.06 -56.66
C ILE A 204 19.04 -11.05 -56.36
N THR A 205 18.54 -9.92 -55.88
CA THR A 205 17.12 -9.78 -55.58
C THR A 205 16.31 -9.91 -56.86
N ALA A 206 16.91 -9.53 -57.99
CA ALA A 206 16.27 -9.67 -59.29
C ALA A 206 16.28 -11.12 -59.75
N LEU A 207 17.43 -11.77 -59.57
CA LEU A 207 17.60 -13.17 -59.98
C LEU A 207 16.73 -14.09 -59.12
N GLU A 208 16.66 -13.81 -57.83
CA GLU A 208 15.91 -14.64 -56.90
C GLU A 208 14.41 -14.58 -57.19
N ASN A 209 13.93 -13.39 -57.56
CA ASN A 209 12.52 -13.20 -57.86
C ASN A 209 12.18 -13.52 -59.32
N GLY A 210 13.22 -13.87 -60.08
CA GLY A 210 13.04 -14.26 -61.47
C GLY A 210 12.62 -13.13 -62.39
N LYS A 211 12.86 -11.90 -61.96
CA LYS A 211 12.50 -10.74 -62.76
C LYS A 211 13.68 -10.28 -63.63
N ALA A 212 14.74 -11.08 -63.64
CA ALA A 212 15.91 -10.76 -64.45
C ALA A 212 15.74 -11.25 -65.89
N ASP A 213 16.21 -10.46 -66.84
CA ASP A 213 16.07 -10.78 -68.25
C ASP A 213 16.86 -12.04 -68.61
N PRO A 214 16.25 -12.93 -69.42
CA PRO A 214 16.87 -14.19 -69.85
C PRO A 214 18.21 -14.01 -70.55
N GLU A 215 18.35 -12.97 -71.36
CA GLU A 215 19.60 -12.70 -72.05
C GLU A 215 20.67 -12.23 -71.08
N LEU A 216 20.23 -11.62 -69.98
CA LEU A 216 21.13 -11.17 -68.92
C LEU A 216 21.60 -12.35 -68.08
N VAL A 217 20.71 -13.31 -67.87
CA VAL A 217 21.01 -14.50 -67.08
C VAL A 217 22.10 -15.35 -67.74
N SER A 218 21.89 -15.66 -69.02
CA SER A 218 22.85 -16.47 -69.76
C SER A 218 24.18 -15.76 -69.93
N ALA A 219 24.13 -14.43 -70.01
CA ALA A 219 25.35 -13.62 -70.11
C ALA A 219 26.11 -13.66 -68.80
N LEU A 220 25.37 -13.83 -67.70
CA LEU A 220 25.95 -13.89 -66.38
C LEU A 220 26.65 -15.24 -66.15
N HIS A 221 25.98 -16.31 -66.55
CA HIS A 221 26.54 -17.65 -66.44
C HIS A 221 27.76 -17.81 -67.35
N ALA A 222 27.72 -17.14 -68.49
CA ALA A 222 28.81 -17.19 -69.46
C ALA A 222 30.10 -16.63 -68.87
N GLN A 223 29.96 -15.51 -68.15
CA GLN A 223 31.12 -14.87 -67.53
C GLN A 223 31.48 -15.57 -66.22
N ALA A 224 30.50 -16.23 -65.61
CA ALA A 224 30.73 -17.00 -64.39
C ALA A 224 31.56 -18.24 -64.69
N LYS A 225 31.38 -18.80 -65.88
CA LYS A 225 32.13 -19.96 -66.31
C LYS A 225 33.59 -19.59 -66.55
N ALA A 226 33.80 -18.43 -67.18
CA ALA A 226 35.14 -17.95 -67.47
C ALA A 226 35.80 -17.38 -66.23
N ALA A 227 35.01 -17.09 -65.21
CA ALA A 227 35.51 -16.52 -63.96
C ALA A 227 36.43 -17.50 -63.24
N ALA A 228 36.05 -18.78 -63.25
CA ALA A 228 36.84 -19.85 -62.65
C ALA A 228 37.22 -19.57 -61.19
N VAL A 229 36.22 -19.33 -60.36
CA VAL A 229 36.43 -19.18 -58.92
C VAL A 229 35.86 -20.37 -58.17
N PRO A 230 36.57 -20.83 -57.14
CA PRO A 230 36.15 -22.02 -56.37
C PRO A 230 34.89 -21.76 -55.57
N VAL A 231 34.00 -22.76 -55.52
CA VAL A 231 32.78 -22.65 -54.74
C VAL A 231 32.71 -23.74 -53.67
N LEU A 232 32.85 -23.33 -52.41
CA LEU A 232 32.80 -24.27 -51.30
C LEU A 232 31.39 -24.42 -50.74
N GLY A 233 30.89 -25.65 -50.72
CA GLY A 233 29.59 -25.92 -50.16
C GLY A 233 29.70 -26.49 -48.76
N ILE A 234 28.90 -25.95 -47.84
CA ILE A 234 28.89 -26.43 -46.47
C ILE A 234 27.49 -26.87 -46.08
N THR A 235 27.31 -28.18 -45.96
CA THR A 235 26.00 -28.74 -45.60
C THR A 235 26.13 -29.63 -44.37
N GLY A 236 24.99 -30.06 -43.82
CA GLY A 236 24.99 -30.91 -42.65
C GLY A 236 23.68 -30.88 -41.89
N THR A 237 23.60 -31.67 -40.83
CA THR A 237 22.39 -31.75 -40.01
C THR A 237 22.09 -30.41 -39.33
N GLY A 238 20.84 -30.25 -38.91
CA GLY A 238 20.40 -29.00 -38.30
C GLY A 238 21.05 -28.70 -36.96
N GLY A 239 21.56 -27.49 -36.82
CA GLY A 239 22.14 -27.06 -35.55
C GLY A 239 23.50 -27.66 -35.24
N ALA A 240 24.09 -28.35 -36.21
CA ALA A 240 25.38 -29.01 -36.02
C ALA A 240 26.49 -27.98 -35.79
N GLY A 241 26.37 -26.83 -36.44
CA GLY A 241 27.35 -25.77 -36.30
C GLY A 241 27.86 -25.29 -37.64
N LYS A 242 27.03 -25.42 -38.67
CA LYS A 242 27.41 -25.01 -40.03
C LYS A 242 27.75 -23.53 -40.11
N SER A 243 26.91 -22.69 -39.51
CA SER A 243 27.13 -21.25 -39.51
C SER A 243 28.35 -20.88 -38.66
N SER A 244 28.44 -21.45 -37.47
CA SER A 244 29.53 -21.16 -36.55
C SER A 244 30.87 -21.58 -37.14
N LEU A 245 30.90 -22.73 -37.78
CA LEU A 245 32.13 -23.24 -38.38
C LEU A 245 32.51 -22.40 -39.60
N THR A 246 31.49 -21.96 -40.34
CA THR A 246 31.71 -21.11 -41.50
C THR A 246 32.40 -19.81 -41.12
N ASP A 247 31.89 -19.19 -40.05
CA ASP A 247 32.46 -17.95 -39.54
C ASP A 247 33.91 -18.13 -39.15
N GLU A 248 34.18 -19.20 -38.39
CA GLU A 248 35.53 -19.50 -37.92
C GLU A 248 36.49 -19.71 -39.07
N LEU A 249 36.04 -20.45 -40.09
CA LEU A 249 36.87 -20.70 -41.26
C LEU A 249 37.23 -19.41 -42.00
N ILE A 250 36.27 -18.50 -42.08
CA ILE A 250 36.50 -17.21 -42.71
C ILE A 250 37.53 -16.41 -41.91
N ARG A 251 37.41 -16.48 -40.58
CA ARG A 251 38.37 -15.82 -39.71
C ARG A 251 39.78 -16.35 -39.96
N ARG A 252 39.88 -17.67 -40.15
CA ARG A 252 41.16 -18.28 -40.48
C ARG A 252 41.70 -17.71 -41.79
N PHE A 253 40.81 -17.57 -42.77
CA PHE A 253 41.19 -17.02 -44.07
C PHE A 253 41.73 -15.60 -43.96
N ARG A 254 41.10 -14.80 -43.11
CA ARG A 254 41.51 -13.41 -42.94
C ARG A 254 42.86 -13.31 -42.24
N LEU A 255 43.02 -14.05 -41.14
CA LEU A 255 44.27 -14.03 -40.38
C LEU A 255 45.44 -14.60 -41.17
N ASP A 256 45.15 -15.57 -42.03
CA ASP A 256 46.20 -16.28 -42.76
C ASP A 256 46.66 -15.47 -43.98
N GLN A 257 45.74 -14.75 -44.60
CA GLN A 257 46.02 -14.07 -45.86
C GLN A 257 46.03 -12.55 -45.71
N ASP A 258 45.98 -12.08 -44.47
CA ASP A 258 45.99 -10.64 -44.18
C ASP A 258 44.84 -9.93 -44.90
N ASP A 259 43.66 -10.53 -44.84
CA ASP A 259 42.44 -9.97 -45.43
C ASP A 259 42.59 -9.61 -46.91
N ALA A 260 43.33 -10.44 -47.65
CA ALA A 260 43.56 -10.17 -49.06
C ALA A 260 42.54 -10.90 -49.94
N LEU A 261 41.73 -11.76 -49.32
CA LEU A 261 40.76 -12.54 -50.07
C LEU A 261 39.36 -11.93 -50.04
N SER A 262 38.72 -11.91 -51.20
CA SER A 262 37.34 -11.44 -51.31
C SER A 262 36.38 -12.63 -51.27
N ILE A 263 35.67 -12.78 -50.15
CA ILE A 263 34.82 -13.95 -49.94
C ILE A 263 33.34 -13.60 -49.99
N ALA A 264 32.58 -14.40 -50.74
CA ALA A 264 31.13 -14.24 -50.80
C ALA A 264 30.45 -15.41 -50.09
N VAL A 265 29.54 -15.08 -49.17
CA VAL A 265 28.86 -16.10 -48.38
C VAL A 265 27.36 -16.16 -48.67
N ILE A 266 26.89 -17.33 -49.09
CA ILE A 266 25.46 -17.52 -49.36
C ILE A 266 24.86 -18.53 -48.40
N SER A 267 24.22 -18.04 -47.35
CA SER A 267 23.62 -18.91 -46.35
C SER A 267 22.14 -19.14 -46.61
N ILE A 268 21.73 -20.39 -46.59
CA ILE A 268 20.33 -20.75 -46.83
C ILE A 268 19.70 -21.36 -45.59
N ASP A 269 18.51 -20.89 -45.24
CA ASP A 269 17.78 -21.41 -44.09
C ASP A 269 16.37 -21.80 -44.51
N PRO A 270 15.76 -22.78 -43.84
CA PRO A 270 14.47 -23.29 -44.29
C PRO A 270 13.34 -22.29 -44.06
N SER A 271 12.38 -22.26 -44.97
CA SER A 271 11.27 -21.31 -44.89
C SER A 271 9.94 -21.98 -44.57
N ARG A 272 9.30 -21.51 -43.50
CA ARG A 272 7.98 -22.01 -43.12
C ARG A 272 6.94 -21.57 -44.16
N ARG A 273 6.41 -22.53 -44.91
CA ARG A 273 5.49 -22.23 -46.01
C ARG A 273 4.13 -21.78 -45.52
N LYS A 274 3.84 -22.05 -44.24
CA LYS A 274 2.56 -21.65 -43.65
C LYS A 274 2.39 -20.14 -43.63
N SER A 275 3.36 -19.45 -43.06
CA SER A 275 3.32 -17.99 -42.97
C SER A 275 3.63 -17.35 -44.33
N GLY A 276 4.71 -17.80 -44.96
CA GLY A 276 5.15 -17.23 -46.22
C GLY A 276 6.58 -16.76 -46.11
N GLY A 277 6.93 -16.20 -44.96
CA GLY A 277 8.28 -15.72 -44.71
C GLY A 277 9.09 -16.72 -43.91
N ALA A 278 10.28 -16.31 -43.49
CA ALA A 278 11.19 -17.21 -42.77
C ALA A 278 12.07 -16.47 -41.78
N LEU A 279 12.80 -17.23 -40.97
CA LEU A 279 13.74 -16.66 -40.02
C LEU A 279 15.18 -17.03 -40.41
N LEU A 280 15.72 -16.27 -41.36
CA LEU A 280 17.09 -16.46 -41.82
C LEU A 280 18.09 -16.18 -40.69
N GLY A 281 18.38 -17.21 -39.91
CA GLY A 281 19.23 -17.05 -38.73
C GLY A 281 20.61 -17.66 -38.88
N ASP A 282 21.36 -17.16 -39.85
CA ASP A 282 22.75 -17.58 -40.02
C ASP A 282 23.70 -16.40 -39.82
N ARG A 283 23.24 -15.23 -40.26
CA ARG A 283 24.06 -14.03 -40.21
C ARG A 283 24.36 -13.61 -38.77
N ILE A 284 23.45 -13.97 -37.86
CA ILE A 284 23.58 -13.59 -36.46
C ILE A 284 24.80 -14.27 -35.81
N ARG A 285 25.19 -15.42 -36.34
CA ARG A 285 26.32 -16.18 -35.81
C ARG A 285 27.64 -15.68 -36.38
N MET A 286 27.58 -14.96 -37.49
CA MET A 286 28.76 -14.48 -38.18
C MET A 286 29.37 -13.25 -37.51
N ASN A 287 30.59 -13.38 -37.02
CA ASN A 287 31.29 -12.26 -36.39
C ASN A 287 32.50 -11.80 -37.20
N ALA A 288 32.93 -12.62 -38.15
CA ALA A 288 34.13 -12.34 -38.91
C ALA A 288 33.83 -11.79 -40.30
N ILE A 289 32.56 -11.53 -40.57
CA ILE A 289 32.16 -11.08 -41.90
C ILE A 289 32.08 -9.56 -42.00
N ASN A 290 32.45 -8.88 -40.93
CA ASN A 290 32.43 -7.42 -40.93
C ASN A 290 33.70 -6.83 -41.54
N HIS A 291 33.74 -6.82 -42.87
CA HIS A 291 34.89 -6.34 -43.62
C HIS A 291 34.48 -6.12 -45.08
N PRO A 292 34.99 -5.04 -45.70
CA PRO A 292 34.65 -4.70 -47.08
C PRO A 292 34.89 -5.82 -48.09
N ASN A 293 35.84 -6.71 -47.81
CA ASN A 293 36.14 -7.81 -48.72
C ASN A 293 35.20 -9.00 -48.53
N ILE A 294 34.34 -8.92 -47.53
CA ILE A 294 33.39 -9.99 -47.25
C ILE A 294 31.95 -9.57 -47.59
N PHE A 295 31.25 -10.43 -48.31
CA PHE A 295 29.86 -10.19 -48.67
C PHE A 295 29.00 -11.39 -48.27
N MET A 296 27.83 -11.12 -47.69
CA MET A 296 26.95 -12.21 -47.30
C MET A 296 25.48 -11.92 -47.61
N ARG A 297 24.81 -12.89 -48.21
CA ARG A 297 23.39 -12.80 -48.53
C ARG A 297 22.65 -14.00 -47.95
N SER A 298 21.55 -13.73 -47.25
CA SER A 298 20.74 -14.79 -46.65
C SER A 298 19.53 -15.13 -47.51
N LEU A 299 19.44 -16.40 -47.92
CA LEU A 299 18.34 -16.85 -48.77
C LEU A 299 17.42 -17.80 -48.02
N ALA A 300 16.12 -17.67 -48.27
CA ALA A 300 15.15 -18.63 -47.79
C ALA A 300 14.98 -19.72 -48.84
N THR A 301 14.75 -20.95 -48.39
CA THR A 301 14.56 -22.06 -49.31
C THR A 301 13.36 -21.78 -50.22
N ARG A 302 12.35 -21.14 -49.65
CA ARG A 302 11.10 -20.78 -50.33
C ARG A 302 10.39 -22.01 -50.89
N GLU A 303 10.77 -23.16 -50.35
CA GLU A 303 10.12 -24.43 -50.62
C GLU A 303 10.11 -25.23 -49.32
N ALA A 304 9.02 -25.94 -49.05
CA ALA A 304 8.87 -26.66 -47.80
C ALA A 304 9.82 -27.85 -47.69
N GLY A 305 10.39 -28.26 -48.83
CA GLY A 305 11.21 -29.46 -48.87
C GLY A 305 12.68 -29.24 -49.18
N SER A 306 12.97 -28.72 -50.37
CA SER A 306 14.34 -28.57 -50.84
C SER A 306 15.21 -27.76 -49.89
N GLU A 307 16.47 -28.18 -49.74
CA GLU A 307 17.40 -27.53 -48.83
C GLU A 307 18.26 -26.50 -49.57
N ILE A 308 17.79 -26.10 -50.74
CA ILE A 308 18.48 -25.09 -51.53
C ILE A 308 17.47 -24.19 -52.25
N SER A 309 17.80 -22.91 -52.36
CA SER A 309 16.94 -21.96 -53.05
C SER A 309 16.81 -22.34 -54.52
N GLN A 310 15.62 -22.15 -55.09
CA GLN A 310 15.34 -22.54 -56.47
C GLN A 310 16.18 -21.76 -57.47
N ALA A 311 16.80 -20.68 -57.02
CA ALA A 311 17.63 -19.85 -57.89
C ALA A 311 19.08 -19.81 -57.42
N LEU A 312 19.48 -20.83 -56.66
CA LEU A 312 20.85 -20.91 -56.13
C LEU A 312 21.94 -20.90 -57.22
N PRO A 313 21.78 -21.68 -58.31
CA PRO A 313 22.82 -21.60 -59.35
C PRO A 313 22.98 -20.20 -59.94
N ASP A 314 21.90 -19.44 -59.99
CA ASP A 314 21.95 -18.06 -60.49
C ASP A 314 22.70 -17.16 -59.52
N VAL A 315 22.37 -17.29 -58.24
CA VAL A 315 22.99 -16.47 -57.20
C VAL A 315 24.50 -16.72 -57.12
N ILE A 316 24.88 -17.99 -57.19
CA ILE A 316 26.30 -18.36 -57.16
C ILE A 316 27.02 -17.76 -58.36
N ALA A 317 26.43 -17.91 -59.54
CA ALA A 317 27.01 -17.37 -60.77
C ALA A 317 27.19 -15.86 -60.68
N ALA A 318 26.27 -15.19 -60.02
CA ALA A 318 26.34 -13.74 -59.87
C ALA A 318 27.55 -13.32 -59.05
N CYS A 319 27.87 -14.13 -58.03
CA CYS A 319 29.02 -13.84 -57.18
C CYS A 319 30.33 -14.15 -57.90
N LYS A 320 30.32 -15.19 -58.73
CA LYS A 320 31.50 -15.57 -59.50
C LYS A 320 31.88 -14.44 -60.46
N ALA A 321 30.87 -13.82 -61.07
CA ALA A 321 31.10 -12.76 -62.03
C ALA A 321 31.53 -11.46 -61.34
N ALA A 322 31.24 -11.36 -60.05
CA ALA A 322 31.58 -10.16 -59.29
C ALA A 322 33.04 -10.19 -58.82
N ARG A 323 33.81 -11.12 -59.39
CA ARG A 323 35.24 -11.23 -59.11
C ARG A 323 35.56 -11.48 -57.64
N PHE A 324 34.86 -12.42 -57.04
CA PHE A 324 35.18 -12.87 -55.68
C PHE A 324 36.22 -13.99 -55.74
N ASP A 325 37.09 -14.04 -54.74
CA ASP A 325 38.16 -15.04 -54.72
C ASP A 325 37.64 -16.41 -54.30
N LEU A 326 36.51 -16.42 -53.60
CA LEU A 326 35.92 -17.66 -53.09
C LEU A 326 34.44 -17.47 -52.73
N VAL A 327 33.61 -18.42 -53.13
CA VAL A 327 32.19 -18.39 -52.78
C VAL A 327 31.85 -19.54 -51.85
N ILE A 328 31.24 -19.24 -50.71
CA ILE A 328 30.88 -20.25 -49.73
C ILE A 328 29.36 -20.34 -49.57
N VAL A 329 28.83 -21.56 -49.64
CA VAL A 329 27.39 -21.78 -49.57
C VAL A 329 27.00 -22.66 -48.39
N GLU A 330 26.17 -22.13 -47.51
CA GLU A 330 25.63 -22.91 -46.40
C GLU A 330 24.18 -23.30 -46.68
N THR A 331 23.88 -24.59 -46.60
CA THR A 331 22.52 -25.07 -46.80
C THR A 331 21.76 -25.07 -45.49
N SER A 332 20.50 -25.49 -45.54
CA SER A 332 19.71 -25.65 -44.33
C SER A 332 19.93 -27.03 -43.73
N GLY A 333 19.16 -27.35 -42.70
CA GLY A 333 19.20 -28.65 -42.07
C GLY A 333 18.72 -29.74 -43.02
N ILE A 334 19.68 -30.55 -43.50
CA ILE A 334 19.38 -31.62 -44.44
C ILE A 334 19.30 -32.97 -43.73
N GLY A 335 18.49 -33.88 -44.27
CA GLY A 335 18.37 -35.21 -43.71
C GLY A 335 19.59 -36.06 -44.02
N GLN A 336 19.51 -37.35 -43.68
CA GLN A 336 20.60 -38.28 -43.93
C GLN A 336 20.73 -38.60 -45.42
N GLY A 337 19.59 -38.67 -46.10
CA GLY A 337 19.59 -38.98 -47.52
C GLY A 337 19.42 -37.74 -48.38
N ASP A 338 20.01 -36.64 -47.94
CA ASP A 338 19.94 -35.38 -48.67
C ASP A 338 21.33 -34.88 -49.04
N ALA A 339 21.49 -34.46 -50.29
CA ALA A 339 22.80 -34.04 -50.80
C ALA A 339 22.65 -33.18 -52.04
N ALA A 340 21.79 -32.17 -51.97
CA ALA A 340 21.47 -31.34 -53.13
C ALA A 340 22.53 -30.28 -53.38
N ILE A 341 23.47 -30.14 -52.45
CA ILE A 341 24.50 -29.11 -52.55
C ILE A 341 25.65 -29.56 -53.45
N VAL A 342 25.81 -30.87 -53.58
CA VAL A 342 26.94 -31.46 -54.31
C VAL A 342 27.11 -31.01 -55.76
N PRO A 343 26.03 -30.98 -56.56
CA PRO A 343 26.27 -30.65 -57.96
C PRO A 343 26.53 -29.16 -58.22
N HIS A 344 26.26 -28.31 -57.23
CA HIS A 344 26.36 -26.87 -57.43
C HIS A 344 27.69 -26.27 -56.97
N VAL A 345 28.48 -27.07 -56.26
CA VAL A 345 29.74 -26.58 -55.71
C VAL A 345 30.95 -27.34 -56.23
N ASP A 346 32.14 -26.79 -56.01
CA ASP A 346 33.38 -27.41 -56.43
C ASP A 346 33.96 -28.27 -55.31
N LEU A 347 33.67 -27.90 -54.06
CA LEU A 347 34.05 -28.68 -52.90
C LEU A 347 32.91 -28.71 -51.89
N SER A 348 32.71 -29.85 -51.25
CA SER A 348 31.61 -30.01 -50.29
C SER A 348 32.12 -30.39 -48.90
N LEU A 349 31.52 -29.80 -47.88
CA LEU A 349 31.89 -30.06 -46.51
C LEU A 349 30.68 -30.47 -45.67
N TYR A 350 30.64 -31.73 -45.27
CA TYR A 350 29.55 -32.23 -44.43
C TYR A 350 29.86 -32.02 -42.95
N VAL A 351 28.94 -31.38 -42.24
CA VAL A 351 29.12 -31.10 -40.82
C VAL A 351 28.16 -31.93 -39.98
N MET A 352 28.68 -32.59 -38.95
CA MET A 352 27.86 -33.41 -38.08
C MET A 352 28.33 -33.31 -36.63
N THR A 353 27.51 -33.83 -35.72
CA THR A 353 27.87 -33.88 -34.31
C THR A 353 28.18 -35.33 -33.94
N PRO A 354 28.90 -35.55 -32.82
CA PRO A 354 29.18 -36.91 -32.36
C PRO A 354 27.93 -37.74 -32.12
N GLU A 355 26.79 -37.09 -31.86
CA GLU A 355 25.53 -37.80 -31.67
C GLU A 355 24.86 -38.08 -33.02
N PHE A 356 24.99 -39.31 -33.47
CA PHE A 356 24.35 -39.76 -34.71
C PHE A 356 23.73 -41.14 -34.52
N GLY A 357 23.68 -41.59 -33.27
CA GLY A 357 23.10 -42.88 -32.96
C GLY A 357 24.09 -44.01 -33.13
N ALA A 358 23.65 -45.08 -33.79
CA ALA A 358 24.50 -46.24 -34.02
C ALA A 358 25.53 -45.97 -35.12
N ALA A 359 26.56 -46.80 -35.18
CA ALA A 359 27.60 -46.66 -36.19
C ALA A 359 27.10 -47.13 -37.55
N SER A 360 25.99 -47.87 -37.54
CA SER A 360 25.38 -48.38 -38.77
C SER A 360 24.62 -47.30 -39.51
N GLN A 361 24.34 -46.19 -38.83
CA GLN A 361 23.61 -45.09 -39.41
C GLN A 361 24.42 -44.40 -40.51
N LEU A 362 25.74 -44.43 -40.37
CA LEU A 362 26.63 -43.77 -41.31
C LEU A 362 26.58 -44.37 -42.70
N GLU A 363 26.05 -45.60 -42.79
CA GLU A 363 25.89 -46.26 -44.08
C GLU A 363 24.64 -45.77 -44.80
N LYS A 364 23.82 -44.99 -44.09
CA LYS A 364 22.58 -44.47 -44.65
C LYS A 364 22.75 -43.02 -45.10
N ILE A 365 23.83 -42.39 -44.66
CA ILE A 365 24.07 -40.98 -44.97
C ILE A 365 24.69 -40.80 -46.35
N ASP A 366 23.88 -40.29 -47.28
CA ASP A 366 24.31 -40.08 -48.66
C ASP A 366 25.47 -39.09 -48.77
N MET A 367 25.50 -38.13 -47.86
CA MET A 367 26.48 -37.05 -47.96
C MET A 367 27.89 -37.52 -47.67
N LEU A 368 28.01 -38.63 -46.93
CA LEU A 368 29.32 -39.20 -46.63
C LEU A 368 29.96 -39.83 -47.86
N ASP A 369 29.18 -39.94 -48.93
CA ASP A 369 29.65 -40.57 -50.16
C ASP A 369 30.15 -39.55 -51.15
N PHE A 370 29.80 -38.28 -50.93
CA PHE A 370 30.15 -37.22 -51.87
C PHE A 370 31.09 -36.17 -51.28
N ALA A 371 31.00 -35.99 -49.97
CA ALA A 371 31.75 -34.93 -49.28
C ALA A 371 33.25 -35.06 -49.47
N ASP A 372 33.90 -33.96 -49.83
CA ASP A 372 35.34 -33.92 -49.97
C ASP A 372 35.99 -33.75 -48.60
N PHE A 373 35.23 -33.16 -47.68
CA PHE A 373 35.68 -32.98 -46.30
C PHE A 373 34.52 -33.24 -45.35
N VAL A 374 34.81 -33.87 -44.22
CA VAL A 374 33.80 -34.11 -43.20
C VAL A 374 34.24 -33.51 -41.88
N ALA A 375 33.43 -32.61 -41.34
CA ALA A 375 33.76 -31.96 -40.08
C ALA A 375 32.83 -32.41 -38.97
N ILE A 376 33.37 -33.19 -38.04
CA ILE A 376 32.60 -33.58 -36.86
C ILE A 376 32.71 -32.48 -35.82
N ASN A 377 31.78 -31.53 -35.89
CA ASN A 377 31.77 -30.39 -34.99
C ASN A 377 31.26 -30.77 -33.60
N LYS A 378 31.32 -29.82 -32.67
CA LYS A 378 30.95 -30.06 -31.28
C LYS A 378 31.73 -31.23 -30.72
N PHE A 379 33.04 -31.21 -30.92
CA PHE A 379 33.91 -32.30 -30.52
C PHE A 379 34.13 -32.32 -29.00
N ASP A 380 33.53 -31.35 -28.32
CA ASP A 380 33.61 -31.29 -26.87
C ASP A 380 32.56 -32.21 -26.24
N ARG A 381 31.61 -32.65 -27.05
CA ARG A 381 30.53 -33.51 -26.58
C ARG A 381 31.04 -34.92 -26.27
N LYS A 382 30.27 -35.65 -25.47
CA LYS A 382 30.64 -37.02 -25.10
C LYS A 382 30.62 -37.94 -26.32
N GLY A 383 31.66 -38.77 -26.44
CA GLY A 383 31.74 -39.77 -27.49
C GLY A 383 32.23 -39.22 -28.82
N ALA A 384 32.93 -38.09 -28.77
CA ALA A 384 33.45 -37.46 -29.97
C ALA A 384 34.56 -38.29 -30.59
N GLN A 385 35.43 -38.83 -29.76
CA GLN A 385 36.55 -39.65 -30.22
C GLN A 385 36.05 -40.88 -31.00
N ASP A 386 35.14 -41.63 -30.40
CA ASP A 386 34.59 -42.82 -31.04
C ASP A 386 33.80 -42.47 -32.30
N ALA A 387 33.15 -41.31 -32.28
CA ALA A 387 32.39 -40.83 -33.41
C ALA A 387 33.31 -40.60 -34.62
N TRP A 388 34.50 -40.08 -34.35
CA TRP A 388 35.46 -39.82 -35.40
C TRP A 388 35.96 -41.12 -36.03
N ARG A 389 36.22 -42.13 -35.22
CA ARG A 389 36.74 -43.38 -35.74
C ARG A 389 35.70 -44.11 -36.57
N ASP A 390 34.42 -43.92 -36.28
CA ASP A 390 33.36 -44.51 -37.08
C ASP A 390 33.23 -43.79 -38.42
N VAL A 391 33.19 -42.46 -38.38
CA VAL A 391 33.05 -41.67 -39.59
C VAL A 391 34.27 -41.85 -40.49
N ALA A 392 35.46 -41.88 -39.90
CA ALA A 392 36.69 -42.04 -40.65
C ALA A 392 36.70 -43.36 -41.41
N LYS A 393 36.35 -44.44 -40.73
CA LYS A 393 36.31 -45.76 -41.35
C LYS A 393 35.24 -45.84 -42.43
N GLN A 394 34.13 -45.13 -42.21
CA GLN A 394 33.03 -45.13 -43.17
C GLN A 394 33.41 -44.39 -44.44
N VAL A 395 34.16 -43.30 -44.31
CA VAL A 395 34.62 -42.55 -45.46
C VAL A 395 35.66 -43.34 -46.23
N GLN A 396 36.52 -44.05 -45.50
CA GLN A 396 37.51 -44.93 -46.10
C GLN A 396 36.83 -46.04 -46.90
N ARG A 397 35.71 -46.53 -46.38
CA ARG A 397 34.96 -47.57 -47.07
C ARG A 397 34.27 -47.03 -48.32
N ASN A 398 33.71 -45.84 -48.22
CA ASN A 398 33.01 -45.23 -49.35
C ASN A 398 33.94 -44.87 -50.50
N ARG A 399 35.22 -44.67 -50.18
CA ARG A 399 36.20 -44.31 -51.19
C ARG A 399 37.03 -45.51 -51.63
N GLU A 400 36.83 -46.63 -50.94
CA GLU A 400 37.56 -47.87 -51.23
C GLU A 400 39.08 -47.68 -51.15
N GLN A 401 39.52 -46.79 -50.26
CA GLN A 401 40.95 -46.55 -50.08
C GLN A 401 41.49 -47.40 -48.93
N TRP A 402 41.53 -48.71 -49.16
CA TRP A 402 41.98 -49.68 -48.15
C TRP A 402 43.47 -49.59 -47.93
N HIS A 403 44.18 -49.08 -48.93
CA HIS A 403 45.63 -48.96 -48.87
C HIS A 403 46.04 -47.70 -48.10
N SER A 404 45.06 -46.96 -47.61
CA SER A 404 45.32 -45.75 -46.84
C SER A 404 44.91 -45.95 -45.39
N ARG A 405 45.47 -45.14 -44.50
CA ARG A 405 45.12 -45.19 -43.08
C ARG A 405 43.81 -44.47 -42.85
N ALA A 406 43.02 -44.95 -41.91
CA ALA A 406 41.74 -44.33 -41.59
C ALA A 406 41.93 -42.91 -41.07
N GLU A 407 43.04 -42.70 -40.38
CA GLU A 407 43.35 -41.40 -39.79
C GLU A 407 43.79 -40.38 -40.84
N ASP A 408 44.03 -40.85 -42.06
CA ASP A 408 44.47 -39.97 -43.14
C ASP A 408 43.32 -39.42 -43.97
N MET A 409 42.11 -39.92 -43.68
CA MET A 409 40.93 -39.46 -44.40
C MET A 409 40.61 -38.01 -44.05
N PRO A 410 40.02 -37.27 -45.00
CA PRO A 410 39.67 -35.85 -44.77
C PRO A 410 38.57 -35.65 -43.73
N VAL A 411 38.54 -36.48 -42.69
CA VAL A 411 37.58 -36.33 -41.62
C VAL A 411 38.20 -35.57 -40.45
N TYR A 412 37.61 -34.43 -40.10
CA TYR A 412 38.18 -33.58 -39.07
C TYR A 412 37.28 -33.43 -37.86
N GLY A 413 37.89 -33.34 -36.68
CA GLY A 413 37.14 -33.10 -35.46
C GLY A 413 37.31 -31.66 -35.01
N THR A 414 36.23 -30.89 -35.13
CA THR A 414 36.30 -29.46 -34.86
C THR A 414 35.44 -29.02 -33.68
N GLN A 415 35.78 -27.86 -33.13
CA GLN A 415 34.97 -27.23 -32.09
C GLN A 415 34.86 -25.74 -32.37
N ALA A 416 33.88 -25.37 -33.19
CA ALA A 416 33.74 -23.98 -33.64
C ALA A 416 33.42 -23.02 -32.50
N SER A 417 32.80 -23.54 -31.44
CA SER A 417 32.42 -22.72 -30.30
C SER A 417 33.65 -22.22 -29.54
N ARG A 418 34.74 -22.98 -29.69
CA ARG A 418 36.01 -22.71 -29.03
C ARG A 418 36.89 -21.77 -29.86
N PHE A 419 37.38 -20.72 -29.22
CA PHE A 419 38.17 -19.69 -29.90
C PHE A 419 39.55 -20.21 -30.28
N ASN A 420 39.94 -19.98 -31.53
CA ASN A 420 41.23 -20.44 -32.07
C ASN A 420 41.44 -21.95 -31.93
N ASP A 421 40.36 -22.70 -32.03
CA ASP A 421 40.40 -24.16 -31.96
C ASP A 421 41.38 -24.74 -32.97
N ASP A 422 42.29 -25.58 -32.50
CA ASP A 422 43.29 -26.19 -33.37
C ASP A 422 42.65 -27.14 -34.37
N GLY A 423 41.51 -27.72 -34.00
CA GLY A 423 40.78 -28.59 -34.88
C GLY A 423 40.31 -27.86 -36.12
N VAL A 424 39.69 -26.70 -35.91
CA VAL A 424 39.21 -25.88 -37.02
C VAL A 424 40.35 -25.46 -37.93
N THR A 425 41.48 -25.10 -37.31
CA THR A 425 42.67 -24.71 -38.07
C THR A 425 43.17 -25.88 -38.92
N MET A 426 43.11 -27.08 -38.38
CA MET A 426 43.50 -28.28 -39.13
C MET A 426 42.60 -28.47 -40.35
N LEU A 427 41.30 -28.26 -40.15
CA LEU A 427 40.35 -28.33 -41.25
C LEU A 427 40.63 -27.25 -42.28
N TYR A 428 40.96 -26.06 -41.79
CA TYR A 428 41.29 -24.94 -42.66
C TYR A 428 42.51 -25.24 -43.52
N GLN A 429 43.56 -25.76 -42.89
CA GLN A 429 44.78 -26.11 -43.59
C GLN A 429 44.49 -27.11 -44.71
N GLY A 430 43.56 -28.01 -44.44
CA GLY A 430 43.15 -29.00 -45.43
C GLY A 430 42.41 -28.37 -46.59
N LEU A 431 41.47 -27.49 -46.27
CA LEU A 431 40.68 -26.80 -47.30
C LEU A 431 41.55 -25.92 -48.19
N VAL A 432 42.59 -25.34 -47.60
CA VAL A 432 43.50 -24.49 -48.36
C VAL A 432 44.25 -25.29 -49.42
N GLY A 433 44.80 -26.43 -49.01
CA GLY A 433 45.52 -27.29 -49.93
C GLY A 433 44.65 -27.79 -51.07
N ALA A 434 43.38 -28.01 -50.78
CA ALA A 434 42.43 -28.48 -51.78
C ALA A 434 42.04 -27.36 -52.74
N LEU A 435 41.81 -26.17 -52.18
CA LEU A 435 41.47 -25.00 -52.99
C LEU A 435 42.68 -24.53 -53.79
N GLY A 436 43.87 -24.79 -53.26
CA GLY A 436 45.10 -24.42 -53.94
C GLY A 436 45.26 -25.17 -55.25
N ALA A 437 44.98 -26.47 -55.22
CA ALA A 437 45.08 -27.30 -56.41
C ALA A 437 43.97 -26.99 -57.41
N ARG A 438 42.88 -26.40 -56.91
CA ARG A 438 41.73 -26.08 -57.75
C ARG A 438 41.78 -24.64 -58.24
N GLY A 439 43.00 -24.14 -58.48
CA GLY A 439 43.18 -22.81 -59.03
C GLY A 439 42.75 -21.68 -58.12
N MET A 440 43.53 -21.42 -57.08
CA MET A 440 43.27 -20.31 -56.18
C MET A 440 44.56 -19.81 -55.58
N SER A 441 45.09 -18.72 -56.14
CA SER A 441 46.35 -18.15 -55.69
C SER A 441 46.26 -17.67 -54.25
N LEU A 442 47.14 -18.18 -53.40
CA LEU A 442 47.19 -17.73 -52.03
C LEU A 442 48.63 -17.70 -51.50
N LYS A 443 48.91 -16.69 -50.69
CA LYS A 443 50.22 -16.51 -50.10
C LYS A 443 50.50 -17.58 -49.05
N PRO A 444 51.79 -17.86 -48.79
CA PRO A 444 52.15 -18.76 -47.69
C PRO A 444 51.59 -18.26 -46.36
N GLY A 445 50.79 -19.11 -45.71
CA GLY A 445 50.04 -18.70 -44.53
C GLY A 445 50.86 -18.24 -43.34
N THR A 446 50.19 -17.50 -42.45
CA THR A 446 50.82 -17.02 -41.23
C THR A 446 50.33 -17.81 -40.02
N LEU A 447 49.46 -18.78 -40.28
CA LEU A 447 48.90 -19.62 -39.23
C LEU A 447 49.78 -20.85 -38.95
N PRO A 448 49.66 -21.42 -37.74
CA PRO A 448 50.38 -22.65 -37.39
C PRO A 448 49.97 -23.83 -38.26
N ASN A 449 50.78 -24.11 -39.28
CA ASN A 449 50.52 -25.23 -40.17
C ASN A 449 50.70 -26.55 -39.45
N LEU A 450 49.74 -26.89 -38.58
CA LEU A 450 49.83 -28.07 -37.75
C LEU A 450 49.34 -29.33 -38.46
N GLU A 451 49.55 -30.47 -37.81
CA GLU A 451 49.18 -31.76 -38.35
C GLU A 451 48.22 -32.48 -37.41
N GLY A 452 47.42 -33.39 -37.96
CA GLY A 452 46.40 -34.06 -37.18
C GLY A 452 45.02 -33.79 -37.76
N ARG A 453 44.01 -34.47 -37.22
CA ARG A 453 42.64 -34.32 -37.73
C ARG A 453 41.65 -34.00 -36.62
N ILE A 454 42.15 -34.00 -35.38
CA ILE A 454 41.27 -33.91 -34.22
C ILE A 454 41.65 -32.76 -33.30
N SER A 455 40.64 -32.01 -32.86
CA SER A 455 40.84 -30.95 -31.89
C SER A 455 41.34 -31.48 -30.55
N THR A 456 42.19 -30.70 -29.89
CA THR A 456 42.73 -31.08 -28.59
C THR A 456 42.15 -30.24 -27.47
N GLY A 457 40.93 -29.74 -27.66
CA GLY A 457 40.26 -28.94 -26.65
C GLY A 457 39.80 -29.79 -25.47
N GLN A 458 40.66 -29.88 -24.46
CA GLN A 458 40.39 -30.75 -23.32
C GLN A 458 39.75 -29.99 -22.16
N ASN A 459 39.16 -28.83 -22.45
CA ASN A 459 38.47 -28.06 -21.43
C ASN A 459 37.04 -28.55 -21.21
N VAL A 460 36.64 -28.66 -19.95
CA VAL A 460 35.27 -29.02 -19.60
C VAL A 460 34.79 -28.20 -18.41
N ILE A 461 33.58 -27.67 -18.53
CA ILE A 461 32.99 -26.90 -17.44
C ILE A 461 32.26 -27.85 -16.48
N VAL A 462 31.44 -28.74 -17.03
CA VAL A 462 30.76 -29.75 -16.24
C VAL A 462 30.94 -31.12 -16.88
N PRO A 463 31.62 -32.04 -16.18
CA PRO A 463 31.87 -33.39 -16.69
C PRO A 463 30.59 -34.17 -16.96
N PRO A 464 30.56 -34.91 -18.08
CA PRO A 464 29.38 -35.70 -18.49
C PRO A 464 28.92 -36.70 -17.42
N ALA A 465 29.80 -37.02 -16.49
CA ALA A 465 29.44 -37.86 -15.35
C ALA A 465 28.45 -37.13 -14.45
N ARG A 466 28.63 -35.82 -14.32
CA ARG A 466 27.76 -35.00 -13.49
C ARG A 466 26.65 -34.34 -14.30
N SER A 467 26.46 -34.82 -15.53
CA SER A 467 25.54 -34.19 -16.48
C SER A 467 24.13 -34.00 -15.92
N ARG A 468 23.68 -34.96 -15.12
CA ARG A 468 22.33 -34.94 -14.56
C ARG A 468 22.32 -34.41 -13.13
N TYR A 469 23.14 -33.40 -12.86
CA TYR A 469 23.27 -32.86 -11.51
C TYR A 469 21.98 -32.21 -11.03
N LEU A 470 21.30 -31.50 -11.92
CA LEU A 470 20.06 -30.82 -11.57
C LEU A 470 18.97 -31.81 -11.16
N ALA A 471 18.93 -32.95 -11.85
CA ALA A 471 17.95 -33.99 -11.53
C ALA A 471 18.22 -34.58 -10.16
N GLU A 472 19.49 -34.75 -9.83
CA GLU A 472 19.90 -35.29 -8.54
C GLU A 472 19.45 -34.36 -7.41
N LEU A 473 19.58 -33.06 -7.65
CA LEU A 473 19.18 -32.05 -6.68
C LEU A 473 17.69 -32.09 -6.44
N ALA A 474 16.92 -32.30 -7.51
CA ALA A 474 15.48 -32.41 -7.40
C ALA A 474 15.10 -33.60 -6.52
N ASP A 475 15.80 -34.72 -6.73
CA ASP A 475 15.58 -35.92 -5.93
C ASP A 475 15.95 -35.67 -4.48
N THR A 476 17.03 -34.93 -4.26
CA THR A 476 17.50 -34.62 -2.91
C THR A 476 16.45 -33.88 -2.10
N VAL A 477 15.83 -32.89 -2.73
CA VAL A 477 14.80 -32.10 -2.05
C VAL A 477 13.56 -32.93 -1.78
N ARG A 478 13.08 -33.64 -2.80
CA ARG A 478 11.89 -34.48 -2.65
C ARG A 478 12.12 -35.55 -1.59
N ALA A 479 13.35 -36.05 -1.51
CA ALA A 479 13.72 -37.04 -0.51
C ALA A 479 13.64 -36.45 0.89
N TYR A 480 14.06 -35.20 1.02
CA TYR A 480 14.00 -34.50 2.30
C TYR A 480 12.57 -34.39 2.79
N HIS A 481 11.67 -34.00 1.91
CA HIS A 481 10.26 -33.83 2.26
C HIS A 481 9.60 -35.17 2.61
N ARG A 482 9.99 -36.23 1.92
CA ARG A 482 9.48 -37.55 2.24
C ARG A 482 9.83 -37.92 3.67
N ARG A 483 11.03 -37.55 4.10
CA ARG A 483 11.47 -37.83 5.46
C ARG A 483 10.66 -37.04 6.48
N VAL A 484 10.36 -35.78 6.15
CA VAL A 484 9.58 -34.94 7.04
C VAL A 484 8.21 -35.56 7.30
N VAL A 485 7.57 -36.09 6.26
CA VAL A 485 6.28 -36.74 6.39
C VAL A 485 6.36 -37.96 7.31
N ALA A 486 7.37 -38.79 7.09
CA ALA A 486 7.54 -40.01 7.85
C ALA A 486 7.88 -39.75 9.31
N GLN A 487 8.85 -38.86 9.55
CA GLN A 487 9.26 -38.53 10.89
C GLN A 487 8.15 -37.86 11.69
N SER A 488 7.30 -37.10 10.99
CA SER A 488 6.15 -36.48 11.62
C SER A 488 5.16 -37.54 12.07
N LYS A 489 4.86 -38.48 11.18
CA LYS A 489 3.95 -39.58 11.48
C LYS A 489 4.45 -40.34 12.71
N LEU A 490 5.76 -40.51 12.82
CA LEU A 490 6.36 -41.17 13.95
C LEU A 490 6.24 -40.35 15.22
N ALA A 491 6.60 -39.08 15.13
CA ALA A 491 6.54 -38.17 16.28
C ALA A 491 5.11 -38.02 16.78
N ARG A 492 4.16 -37.99 15.84
CA ARG A 492 2.75 -37.87 16.18
C ARG A 492 2.26 -39.10 16.93
N GLU A 493 2.51 -40.28 16.35
CA GLU A 493 2.12 -41.54 16.96
C GLU A 493 2.76 -41.71 18.33
N ARG A 494 4.04 -41.37 18.44
CA ARG A 494 4.77 -41.48 19.69
C ARG A 494 4.08 -40.68 20.79
N GLN A 495 3.63 -39.47 20.44
CA GLN A 495 2.93 -38.62 21.39
C GLN A 495 1.55 -39.19 21.72
N GLN A 496 0.83 -39.63 20.68
CA GLN A 496 -0.50 -40.18 20.84
C GLN A 496 -0.52 -41.38 21.79
N LEU A 497 0.51 -42.22 21.68
CA LEU A 497 0.63 -43.39 22.53
C LEU A 497 0.82 -42.99 24.00
N ARG A 498 1.89 -42.24 24.25
CA ARG A 498 2.22 -41.82 25.61
C ARG A 498 1.11 -40.96 26.22
N ALA A 499 0.36 -40.28 25.36
CA ALA A 499 -0.80 -39.50 25.81
C ALA A 499 -1.88 -40.45 26.33
N ALA A 500 -2.15 -41.50 25.56
CA ALA A 500 -3.15 -42.49 25.94
C ALA A 500 -2.69 -43.28 27.16
N HIS A 501 -1.38 -43.47 27.28
CA HIS A 501 -0.80 -44.19 28.41
C HIS A 501 -1.03 -43.44 29.71
N ASP A 502 -0.88 -42.12 29.67
CA ASP A 502 -1.07 -41.28 30.84
C ASP A 502 -2.55 -41.17 31.22
N MET A 503 -3.42 -41.32 30.23
CA MET A 503 -4.86 -41.21 30.47
C MET A 503 -5.41 -42.51 31.05
N LEU A 504 -4.81 -43.63 30.67
CA LEU A 504 -5.21 -44.92 31.22
C LEU A 504 -4.80 -45.02 32.70
N GLN A 505 -3.60 -44.55 33.00
CA GLN A 505 -3.10 -44.59 34.37
C GLN A 505 -3.88 -43.64 35.28
N GLY A 506 -4.52 -42.64 34.66
CA GLY A 506 -5.35 -41.71 35.40
C GLY A 506 -6.71 -42.30 35.73
N ALA A 507 -7.08 -43.36 35.03
CA ALA A 507 -8.34 -44.05 35.25
C ALA A 507 -8.12 -45.32 36.08
N GLY A 508 -6.89 -45.82 36.07
CA GLY A 508 -6.56 -47.02 36.80
C GLY A 508 -5.94 -48.10 35.93
N HIS A 509 -6.67 -48.51 34.91
CA HIS A 509 -6.23 -49.60 34.04
C HIS A 509 -4.89 -49.30 33.38
N GLU A 510 -3.82 -49.87 33.93
CA GLU A 510 -2.48 -49.65 33.38
C GLU A 510 -2.12 -50.72 32.36
N SER A 511 -1.61 -50.28 31.21
CA SER A 511 -1.19 -51.19 30.15
C SER A 511 0.17 -50.76 29.59
N ALA A 512 1.20 -51.51 29.93
CA ALA A 512 2.56 -51.23 29.45
C ALA A 512 2.70 -51.61 27.98
N ALA A 513 1.64 -52.18 27.41
CA ALA A 513 1.62 -52.54 26.01
C ALA A 513 1.72 -51.29 25.13
N LEU A 514 1.16 -50.19 25.61
CA LEU A 514 1.25 -48.91 24.91
C LEU A 514 2.69 -48.40 24.91
N GLU A 515 3.35 -48.49 26.06
CA GLU A 515 4.70 -47.97 26.23
C GLU A 515 5.70 -48.67 25.31
N THR A 516 5.45 -49.95 25.06
CA THR A 516 6.31 -50.75 24.18
C THR A 516 6.30 -50.18 22.76
N LEU A 517 5.12 -49.80 22.29
CA LEU A 517 4.97 -49.23 20.97
C LEU A 517 5.55 -47.81 20.91
N ALA A 518 5.56 -47.14 22.06
CA ALA A 518 6.09 -45.78 22.15
C ALA A 518 7.61 -45.78 22.08
N SER A 519 8.22 -46.61 22.93
CA SER A 519 9.69 -46.75 22.95
C SER A 519 10.19 -47.27 21.61
N GLU A 520 9.32 -47.99 20.91
CA GLU A 520 9.61 -48.51 19.58
C GLU A 520 9.81 -47.37 18.58
N ARG A 521 9.11 -46.27 18.80
CA ARG A 521 9.16 -45.14 17.88
C ARG A 521 10.20 -44.10 18.30
N ASP A 522 10.76 -44.26 19.49
CA ASP A 522 11.87 -43.41 19.92
C ASP A 522 13.09 -43.72 19.08
N VAL A 523 13.24 -45.00 18.74
CA VAL A 523 14.35 -45.44 17.90
C VAL A 523 14.05 -45.16 16.42
N SER A 524 12.77 -45.25 16.07
CA SER A 524 12.33 -44.97 14.71
C SER A 524 12.62 -43.52 14.32
N LEU A 525 12.45 -42.61 15.28
CA LEU A 525 12.80 -41.21 15.08
C LEU A 525 14.30 -41.07 14.92
N GLY A 526 14.71 -40.21 13.99
CA GLY A 526 16.12 -39.97 13.76
C GLY A 526 16.77 -39.26 14.93
N ALA A 527 18.10 -39.19 14.93
CA ALA A 527 18.83 -38.52 15.99
C ALA A 527 18.59 -37.01 15.93
N VAL A 528 18.62 -36.46 14.72
CA VAL A 528 18.43 -35.03 14.52
C VAL A 528 17.01 -34.60 14.87
N GLU A 529 16.04 -35.38 14.42
CA GLU A 529 14.63 -35.08 14.63
C GLU A 529 14.27 -35.13 16.12
N ARG A 530 14.84 -36.09 16.84
CA ARG A 530 14.55 -36.25 18.26
C ARG A 530 15.04 -35.05 19.05
N LYS A 531 16.18 -34.48 18.64
CA LYS A 531 16.75 -33.33 19.32
C LYS A 531 15.96 -32.06 18.99
N LEU A 532 15.36 -32.03 17.81
CA LEU A 532 14.54 -30.89 17.40
C LEU A 532 13.33 -30.71 18.31
N LEU A 533 12.61 -31.80 18.54
CA LEU A 533 11.45 -31.78 19.43
C LEU A 533 11.87 -31.55 20.87
N ALA A 534 13.05 -32.03 21.22
CA ALA A 534 13.57 -31.89 22.57
C ALA A 534 13.88 -30.44 22.91
N MET A 535 14.37 -29.70 21.91
CA MET A 535 14.75 -28.30 22.11
C MET A 535 13.57 -27.35 21.93
N TRP A 536 12.43 -27.88 21.50
CA TRP A 536 11.25 -27.06 21.25
C TRP A 536 10.74 -26.31 22.49
N PRO A 537 10.65 -26.97 23.66
CA PRO A 537 10.19 -26.17 24.80
C PRO A 537 11.20 -25.11 25.21
N GLN A 538 12.49 -25.43 25.08
CA GLN A 538 13.55 -24.48 25.39
C GLN A 538 13.55 -23.34 24.36
N MET A 539 13.16 -23.68 23.15
CA MET A 539 13.05 -22.71 22.06
C MET A 539 11.93 -21.73 22.34
N GLN A 540 10.81 -22.23 22.84
CA GLN A 540 9.65 -21.39 23.15
C GLN A 540 9.96 -20.40 24.26
N GLN A 541 10.70 -20.84 25.27
CA GLN A 541 11.05 -19.98 26.39
C GLN A 541 11.97 -18.85 25.95
N ALA A 542 12.74 -19.11 24.89
CA ALA A 542 13.69 -18.13 24.38
C ALA A 542 12.98 -16.94 23.73
N TYR A 543 12.07 -17.24 22.80
CA TYR A 543 11.36 -16.19 22.06
C TYR A 543 10.15 -15.63 22.82
N SER A 544 10.03 -16.01 24.10
CA SER A 544 8.89 -15.59 24.90
C SER A 544 9.15 -14.29 25.63
N GLY A 545 10.35 -14.16 26.19
CA GLY A 545 10.70 -12.99 26.98
C GLY A 545 10.80 -11.69 26.21
N ASP A 546 11.33 -10.67 26.87
CA ASP A 546 11.51 -9.37 26.25
C ASP A 546 12.88 -9.28 25.57
N GLU A 547 13.77 -10.19 25.93
CA GLU A 547 15.10 -10.23 25.32
C GLU A 547 15.53 -11.63 24.93
N TYR A 548 16.57 -11.71 24.10
CA TYR A 548 17.07 -12.98 23.60
C TYR A 548 18.52 -13.17 24.01
N VAL A 549 18.73 -13.91 25.09
CA VAL A 549 20.05 -14.13 25.66
C VAL A 549 20.78 -15.27 24.97
N ILE A 557 25.74 -11.36 24.65
CA ILE A 557 24.95 -10.77 23.58
C ILE A 557 23.45 -10.87 23.88
N ARG A 558 22.76 -9.73 23.86
CA ARG A 558 21.33 -9.67 24.13
C ARG A 558 20.60 -8.88 23.06
N THR A 559 19.50 -9.43 22.57
CA THR A 559 18.71 -8.79 21.52
C THR A 559 17.25 -8.64 21.95
N GLY A 560 16.67 -7.47 21.71
CA GLY A 560 15.28 -7.21 22.06
C GLY A 560 14.32 -7.94 21.14
N LEU A 561 13.26 -8.49 21.72
CA LEU A 561 12.26 -9.24 20.97
C LEU A 561 10.98 -8.44 20.81
N ILE A 562 10.81 -7.42 21.63
CA ILE A 562 9.55 -6.71 21.72
C ILE A 562 9.63 -5.28 21.20
N SER A 563 8.67 -4.94 20.34
CA SER A 563 8.45 -3.56 19.97
C SER A 563 7.01 -3.20 20.32
N THR A 564 6.84 -2.14 21.12
CA THR A 564 5.52 -1.79 21.62
C THR A 564 4.85 -0.69 20.81
N THR A 565 3.57 -0.87 20.51
CA THR A 565 2.83 0.08 19.69
C THR A 565 2.29 1.24 20.52
N LEU A 566 1.70 2.22 19.86
CA LEU A 566 1.08 3.36 20.53
C LEU A 566 -0.08 2.92 21.41
N SER A 567 -0.64 1.76 21.09
CA SER A 567 -1.76 1.21 21.84
C SER A 567 -1.27 0.46 23.07
N GLY A 568 0.01 0.12 23.07
CA GLY A 568 0.61 -0.60 24.17
C GLY A 568 0.65 -2.09 23.94
N THR A 569 0.58 -2.49 22.67
CA THR A 569 0.61 -3.90 22.31
C THR A 569 2.03 -4.37 22.03
N LYS A 570 2.40 -5.50 22.62
CA LYS A 570 3.72 -6.06 22.41
C LYS A 570 3.79 -6.88 21.12
N ILE A 571 4.50 -6.37 20.13
CA ILE A 571 4.68 -7.07 18.86
C ILE A 571 6.01 -7.82 18.83
N ARG A 572 5.94 -9.15 18.98
CA ARG A 572 7.14 -9.96 18.99
C ARG A 572 7.81 -9.97 17.63
N LYS A 573 9.14 -9.89 17.61
CA LYS A 573 9.89 -9.91 16.35
C LYS A 573 9.70 -11.23 15.62
N VAL A 574 9.79 -12.32 16.35
CA VAL A 574 9.57 -13.65 15.79
C VAL A 574 8.44 -14.36 16.53
N VAL A 575 7.36 -14.66 15.81
CA VAL A 575 6.20 -15.29 16.41
C VAL A 575 6.22 -16.80 16.21
N LEU A 576 6.22 -17.54 17.31
CA LEU A 576 6.24 -19.00 17.27
C LEU A 576 4.83 -19.57 17.22
N PRO A 577 4.68 -20.74 16.58
CA PRO A 577 3.38 -21.43 16.52
C PRO A 577 2.92 -21.93 17.89
N ARG A 578 1.63 -22.16 18.04
CA ARG A 578 1.10 -22.70 19.29
C ARG A 578 0.47 -24.09 19.08
N PHE A 579 1.17 -24.93 18.32
CA PHE A 579 0.68 -26.27 18.05
C PHE A 579 0.82 -27.16 19.29
N GLU A 580 -0.12 -28.08 19.46
CA GLU A 580 -0.04 -29.06 20.53
C GLU A 580 0.50 -30.37 19.98
N ASP A 581 0.08 -30.70 18.75
CA ASP A 581 0.55 -31.90 18.07
C ASP A 581 2.05 -31.82 17.79
N GLU A 582 2.79 -32.78 18.31
CA GLU A 582 4.23 -32.83 18.08
C GLU A 582 4.54 -33.21 16.64
N GLY A 583 3.54 -33.73 15.94
CA GLY A 583 3.66 -34.03 14.53
C GLY A 583 3.75 -32.75 13.72
N GLU A 584 2.95 -31.76 14.11
CA GLU A 584 2.96 -30.46 13.45
C GLU A 584 4.20 -29.65 13.84
N ILE A 585 4.61 -29.77 15.11
CA ILE A 585 5.79 -29.07 15.59
C ILE A 585 7.02 -29.48 14.80
N LEU A 586 7.25 -30.79 14.71
CA LEU A 586 8.40 -31.30 13.98
C LEU A 586 8.31 -30.97 12.50
N LYS A 587 7.12 -31.12 11.94
CA LYS A 587 6.87 -30.80 10.55
C LYS A 587 7.24 -29.35 10.26
N TRP A 588 6.87 -28.46 11.17
CA TRP A 588 7.17 -27.04 11.00
C TRP A 588 8.66 -26.77 11.21
N LEU A 589 9.26 -27.45 12.18
CA LEU A 589 10.67 -27.24 12.48
C LEU A 589 11.57 -27.71 11.35
N MET A 590 11.10 -28.66 10.56
CA MET A 590 11.90 -29.23 9.46
C MET A 590 11.67 -28.49 8.15
N ARG A 591 10.44 -27.99 7.96
CA ARG A 591 10.09 -27.35 6.70
C ARG A 591 10.29 -25.83 6.74
N GLU A 592 9.93 -25.22 7.87
CA GLU A 592 10.05 -23.78 8.04
C GLU A 592 10.45 -23.41 9.46
N ASN A 593 11.72 -23.57 9.81
CA ASN A 593 12.16 -23.21 11.14
C ASN A 593 12.19 -21.70 11.30
N VAL A 594 12.42 -21.22 12.52
CA VAL A 594 12.54 -19.79 12.78
C VAL A 594 13.67 -19.19 11.95
N PRO A 595 13.62 -17.87 11.72
CA PRO A 595 14.73 -17.22 11.02
C PRO A 595 16.07 -17.47 11.71
N GLY A 596 17.05 -17.97 10.96
CA GLY A 596 18.37 -18.24 11.51
C GLY A 596 18.59 -19.69 11.88
N SER A 597 17.70 -20.56 11.41
CA SER A 597 17.80 -21.98 11.68
C SER A 597 17.43 -22.80 10.45
N PHE A 598 18.13 -23.90 10.23
CA PHE A 598 17.89 -24.77 9.07
C PHE A 598 16.42 -25.18 8.97
N PRO A 599 15.86 -25.15 7.75
CA PRO A 599 16.51 -24.81 6.48
C PRO A 599 16.47 -23.33 6.11
N TYR A 600 16.43 -22.46 7.11
CA TYR A 600 16.50 -21.01 6.90
C TYR A 600 15.41 -20.49 5.95
N THR A 601 14.23 -21.09 6.01
CA THR A 601 13.14 -20.69 5.13
C THR A 601 12.70 -19.26 5.41
N ALA A 602 12.64 -18.90 6.68
CA ALA A 602 12.17 -17.57 7.08
C ALA A 602 13.32 -16.57 7.20
N GLY A 603 14.47 -16.93 6.66
CA GLY A 603 15.63 -16.06 6.69
C GLY A 603 16.89 -16.78 7.15
N VAL A 604 18.03 -16.30 6.70
CA VAL A 604 19.31 -16.93 7.02
C VAL A 604 19.88 -16.44 8.35
N PHE A 605 19.36 -15.31 8.82
CA PHE A 605 19.81 -14.72 10.07
C PHE A 605 18.71 -14.73 11.13
N ALA A 606 19.11 -14.76 12.39
CA ALA A 606 18.16 -14.81 13.50
C ALA A 606 17.24 -13.60 13.50
N PHE A 607 17.83 -12.42 13.55
CA PHE A 607 17.05 -11.18 13.54
C PHE A 607 17.65 -10.20 12.54
N LYS A 608 16.81 -9.31 12.01
CA LYS A 608 17.24 -8.33 11.03
C LYS A 608 18.23 -7.33 11.64
N ARG A 609 19.11 -6.80 10.81
CA ARG A 609 20.14 -5.86 11.28
C ARG A 609 19.53 -4.65 11.97
N GLU A 610 20.21 -4.16 13.00
CA GLU A 610 19.70 -3.07 13.82
C GLU A 610 19.74 -1.73 13.08
N GLY A 611 20.93 -1.36 12.61
CA GLY A 611 21.09 -0.08 11.95
C GLY A 611 21.08 -0.16 10.44
N GLU A 612 21.77 -1.17 9.91
CA GLU A 612 21.91 -1.34 8.47
C GLU A 612 20.66 -1.96 7.84
N ASP A 613 19.78 -1.11 7.32
CA ASP A 613 18.59 -1.56 6.60
C ASP A 613 19.00 -2.29 5.30
N PRO A 614 18.09 -3.13 4.75
CA PRO A 614 18.43 -3.84 3.51
C PRO A 614 18.48 -2.93 2.27
N THR A 615 18.05 -1.68 2.43
CA THR A 615 18.00 -0.72 1.33
C THR A 615 19.33 -0.57 0.61
N ARG A 616 19.29 -0.61 -0.71
CA ARG A 616 20.47 -0.38 -1.54
C ARG A 616 20.06 0.14 -2.92
N MET A 617 20.05 1.46 -3.07
CA MET A 617 19.51 2.08 -4.28
C MET A 617 20.51 2.13 -5.44
N PHE A 618 20.07 1.59 -6.57
CA PHE A 618 20.81 1.64 -7.84
C PHE A 618 21.02 3.08 -8.28
N ALA A 619 22.24 3.40 -8.70
CA ALA A 619 22.55 4.77 -9.11
C ALA A 619 23.62 4.81 -10.20
N GLY A 620 23.55 5.84 -11.03
CA GLY A 620 24.52 6.01 -12.11
C GLY A 620 24.01 6.94 -13.19
N GLU A 621 24.67 8.08 -13.35
CA GLU A 621 24.32 9.03 -14.39
C GLU A 621 25.48 9.98 -14.66
N GLY A 622 25.77 10.22 -15.93
CA GLY A 622 26.82 11.15 -16.30
C GLY A 622 28.21 10.58 -16.03
N ASP A 623 29.14 11.46 -15.65
CA ASP A 623 30.50 11.03 -15.35
C ASP A 623 30.62 10.60 -13.88
N ALA A 624 31.83 10.20 -13.49
CA ALA A 624 32.07 9.69 -12.14
C ALA A 624 31.78 10.75 -11.08
N PHE A 625 31.95 12.02 -11.46
CA PHE A 625 31.73 13.12 -10.53
C PHE A 625 30.27 13.27 -10.14
N ARG A 626 29.38 13.19 -11.13
CA ARG A 626 27.96 13.39 -10.88
C ARG A 626 27.36 12.23 -10.09
N THR A 627 27.77 11.01 -10.43
CA THR A 627 27.27 9.82 -9.74
C THR A 627 27.73 9.82 -8.29
N ASN A 628 28.96 10.28 -8.06
CA ASN A 628 29.50 10.39 -6.70
C ASN A 628 28.64 11.33 -5.84
N ARG A 629 27.98 12.29 -6.49
CA ARG A 629 27.01 13.13 -5.80
C ARG A 629 25.74 12.36 -5.47
N ARG A 630 25.28 11.56 -6.44
CA ARG A 630 24.05 10.77 -6.27
C ARG A 630 24.22 9.73 -5.18
N PHE A 631 25.43 9.20 -5.05
CA PHE A 631 25.74 8.27 -3.96
C PHE A 631 25.55 8.94 -2.61
N LYS A 632 26.08 10.15 -2.48
CA LYS A 632 25.97 10.90 -1.24
C LYS A 632 24.53 11.37 -0.99
N LEU A 633 23.74 11.44 -2.05
CA LEU A 633 22.34 11.80 -1.93
C LEU A 633 21.52 10.64 -1.37
N VAL A 634 21.73 9.46 -1.94
CA VAL A 634 21.02 8.26 -1.50
C VAL A 634 21.44 7.88 -0.07
N SER A 635 22.74 7.86 0.17
CA SER A 635 23.28 7.41 1.45
C SER A 635 23.31 8.52 2.49
N GLU A 636 22.56 9.59 2.25
CA GLU A 636 22.51 10.69 3.20
C GLU A 636 21.63 10.33 4.39
N GLY A 637 22.14 10.58 5.58
CA GLY A 637 21.38 10.32 6.80
C GLY A 637 21.39 8.87 7.23
N MET A 638 22.24 8.07 6.59
CA MET A 638 22.34 6.66 6.92
C MET A 638 23.75 6.30 7.38
N GLU A 639 23.86 5.72 8.57
CA GLU A 639 25.16 5.35 9.13
C GLU A 639 25.80 4.23 8.31
N ALA A 640 24.95 3.44 7.65
CA ALA A 640 25.44 2.37 6.79
C ALA A 640 25.32 2.78 5.32
N LYS A 641 26.46 2.94 4.66
CA LYS A 641 26.49 3.36 3.27
C LYS A 641 26.42 2.16 2.32
N ARG A 642 25.24 1.91 1.77
CA ARG A 642 25.04 0.80 0.86
C ARG A 642 24.79 1.30 -0.56
N LEU A 643 25.87 1.33 -1.35
CA LEU A 643 25.81 1.89 -2.70
C LEU A 643 25.50 0.82 -3.76
N SER A 644 24.86 1.24 -4.85
CA SER A 644 24.58 0.35 -5.97
C SER A 644 24.82 1.09 -7.28
N THR A 645 25.87 0.69 -8.00
CA THR A 645 26.36 1.43 -9.15
C THR A 645 25.81 0.95 -10.49
N ALA A 646 25.34 1.88 -11.32
CA ALA A 646 24.86 1.59 -12.66
C ALA A 646 25.82 2.16 -13.70
N PHE A 647 26.24 1.34 -14.65
CA PHE A 647 27.17 1.79 -15.68
C PHE A 647 26.46 2.06 -17.01
N ASP A 648 26.98 3.03 -17.76
CA ASP A 648 26.39 3.35 -19.07
C ASP A 648 26.64 2.22 -20.05
N SER A 649 25.85 2.19 -21.12
CA SER A 649 25.89 1.09 -22.08
C SER A 649 27.28 0.89 -22.67
N VAL A 650 28.05 1.97 -22.76
CA VAL A 650 29.40 1.90 -23.30
C VAL A 650 30.33 1.11 -22.39
N THR A 651 30.25 1.38 -21.08
CA THR A 651 31.08 0.69 -20.11
C THR A 651 30.61 -0.75 -19.93
N LEU A 652 29.30 -0.96 -20.00
CA LEU A 652 28.74 -2.31 -19.87
C LEU A 652 29.28 -3.25 -20.94
N TYR A 653 29.71 -2.69 -22.07
CA TYR A 653 30.24 -3.49 -23.16
C TYR A 653 31.74 -3.35 -23.30
N GLY A 654 32.39 -2.88 -22.24
CA GLY A 654 33.83 -2.84 -22.16
C GLY A 654 34.52 -1.88 -23.10
N GLU A 655 33.78 -0.87 -23.57
CA GLU A 655 34.33 0.07 -24.54
C GLU A 655 34.67 1.41 -23.91
N ASP A 656 35.68 2.07 -24.46
CA ASP A 656 36.02 3.42 -24.05
C ASP A 656 35.12 4.42 -24.78
N PRO A 657 34.84 5.56 -24.15
CA PRO A 657 34.06 6.59 -24.83
C PRO A 657 34.79 7.14 -26.05
N HIS A 658 34.06 7.41 -27.13
CA HIS A 658 34.69 7.86 -28.37
C HIS A 658 33.85 8.92 -29.08
N GLU A 659 34.44 9.57 -30.06
CA GLU A 659 33.78 10.64 -30.79
C GLU A 659 32.68 10.15 -31.74
N ARG A 660 32.78 8.91 -32.24
CA ARG A 660 31.79 8.41 -33.21
C ARG A 660 30.38 8.42 -32.62
N PRO A 661 29.40 8.95 -33.38
CA PRO A 661 28.01 9.09 -32.92
C PRO A 661 27.40 7.78 -32.43
N ASP A 662 27.84 6.67 -33.00
CA ASP A 662 27.45 5.34 -32.53
C ASP A 662 27.64 5.24 -31.01
N ILE A 663 28.81 5.64 -30.56
CA ILE A 663 29.22 5.50 -29.16
C ILE A 663 28.96 6.78 -28.36
N TYR A 664 29.31 7.93 -28.95
CA TYR A 664 29.28 9.20 -28.25
C TYR A 664 27.93 9.51 -27.60
N GLY A 665 26.85 9.28 -28.34
CA GLY A 665 25.51 9.58 -27.84
C GLY A 665 25.10 8.74 -26.66
N LYS A 666 25.82 7.64 -26.43
CA LYS A 666 25.47 6.70 -25.37
C LYS A 666 26.34 6.88 -24.13
N VAL A 667 27.37 7.71 -24.25
CA VAL A 667 28.31 7.92 -23.14
C VAL A 667 27.65 8.70 -22.01
N GLY A 668 27.72 8.15 -20.80
CA GLY A 668 27.17 8.82 -19.62
C GLY A 668 25.68 8.69 -19.49
N ASN A 669 25.04 8.04 -20.47
CA ASN A 669 23.61 7.80 -20.43
C ASN A 669 23.29 6.38 -19.97
N SER A 670 22.22 6.27 -19.19
CA SER A 670 21.76 4.99 -18.62
C SER A 670 22.72 4.47 -17.55
N GLY A 671 23.67 5.30 -17.11
CA GLY A 671 24.64 4.89 -16.12
C GLY A 671 25.92 5.70 -16.14
N VAL A 672 26.74 5.54 -15.12
CA VAL A 672 27.99 6.29 -15.02
C VAL A 672 29.00 5.77 -16.04
N SER A 673 29.73 6.69 -16.67
CA SER A 673 30.75 6.32 -17.64
C SER A 673 32.10 6.10 -16.94
N ILE A 674 32.50 4.85 -16.79
CA ILE A 674 33.77 4.51 -16.16
C ILE A 674 34.70 3.83 -17.17
N ALA A 675 35.84 4.46 -17.44
CA ALA A 675 36.75 3.96 -18.47
C ALA A 675 38.15 3.66 -17.94
N THR A 676 38.57 4.38 -16.89
CA THR A 676 39.88 4.16 -16.31
C THR A 676 39.81 3.98 -14.80
N LEU A 677 40.91 3.54 -14.22
CA LEU A 677 41.02 3.40 -12.77
C LEU A 677 40.81 4.75 -12.08
N GLU A 678 41.23 5.82 -12.75
CA GLU A 678 41.09 7.17 -12.20
C GLU A 678 39.62 7.57 -12.10
N ASP A 679 38.82 7.13 -13.07
CA ASP A 679 37.38 7.36 -13.02
C ASP A 679 36.76 6.60 -11.85
N MET A 680 37.18 5.35 -11.69
CA MET A 680 36.69 4.49 -10.61
C MET A 680 37.00 5.09 -9.24
N LYS A 681 38.19 5.67 -9.10
CA LYS A 681 38.60 6.29 -7.86
C LYS A 681 37.71 7.49 -7.52
N VAL A 682 37.45 8.31 -8.53
CA VAL A 682 36.58 9.48 -8.37
C VAL A 682 35.17 9.04 -7.97
N LEU A 683 34.70 7.96 -8.58
CA LEU A 683 33.36 7.45 -8.35
C LEU A 683 33.08 7.18 -6.87
N TYR A 684 34.06 6.63 -6.17
CA TYR A 684 33.87 6.27 -4.77
C TYR A 684 34.71 7.12 -3.83
N ASP A 685 35.04 8.33 -4.26
CA ASP A 685 35.76 9.27 -3.41
C ASP A 685 34.89 9.68 -2.24
N GLY A 686 35.47 9.70 -1.04
CA GLY A 686 34.73 10.04 0.16
C GLY A 686 34.07 8.85 0.80
N PHE A 687 34.13 7.70 0.12
CA PHE A 687 33.58 6.47 0.66
C PHE A 687 34.68 5.51 1.05
N ASP A 688 34.78 5.21 2.35
CA ASP A 688 35.75 4.23 2.82
C ASP A 688 35.27 2.83 2.46
N LEU A 689 35.88 2.25 1.43
CA LEU A 689 35.44 0.95 0.93
C LEU A 689 35.82 -0.18 1.88
N THR A 690 36.85 0.05 2.70
CA THR A 690 37.32 -0.96 3.64
C THR A 690 36.58 -0.85 4.98
N ASN A 691 35.76 0.17 5.12
CA ASN A 691 34.93 0.34 6.31
C ASN A 691 33.90 -0.78 6.40
N PRO A 692 33.70 -1.34 7.60
CA PRO A 692 32.78 -2.46 7.81
C PRO A 692 31.32 -2.13 7.51
N SER A 693 30.95 -0.85 7.64
CA SER A 693 29.56 -0.45 7.41
C SER A 693 29.38 0.20 6.03
N THR A 694 30.24 -0.17 5.09
CA THR A 694 30.16 0.36 3.72
C THR A 694 30.30 -0.75 2.69
N SER A 695 29.25 -0.94 1.89
CA SER A 695 29.25 -1.97 0.86
C SER A 695 28.83 -1.41 -0.49
N VAL A 696 29.58 -1.75 -1.53
CA VAL A 696 29.30 -1.25 -2.87
C VAL A 696 28.86 -2.36 -3.82
N SER A 697 27.71 -2.17 -4.46
CA SER A 697 27.20 -3.16 -5.41
C SER A 697 27.27 -2.68 -6.84
N MET A 698 28.26 -3.18 -7.58
CA MET A 698 28.43 -2.82 -8.98
C MET A 698 27.72 -3.82 -9.88
N THR A 699 26.89 -3.32 -10.78
CA THR A 699 26.20 -4.17 -11.73
C THR A 699 26.90 -4.15 -13.09
N ILE A 700 27.71 -5.17 -13.33
CA ILE A 700 28.50 -5.29 -14.54
C ILE A 700 28.69 -6.78 -14.86
N ASN A 701 28.69 -7.13 -16.15
CA ASN A 701 28.74 -8.53 -16.53
C ASN A 701 29.91 -8.92 -17.42
N GLY A 702 29.86 -8.49 -18.68
CA GLY A 702 30.91 -8.78 -19.63
C GLY A 702 32.30 -8.38 -19.15
N PRO A 703 32.50 -7.09 -18.89
CA PRO A 703 33.78 -6.57 -18.41
C PRO A 703 33.92 -6.63 -16.90
N ALA A 704 33.09 -7.46 -16.25
CA ALA A 704 33.09 -7.56 -14.79
C ALA A 704 34.48 -7.79 -14.16
N PRO A 705 35.30 -8.71 -14.74
CA PRO A 705 36.61 -8.87 -14.11
C PRO A 705 37.46 -7.60 -14.18
N THR A 706 37.37 -6.88 -15.29
CA THR A 706 38.14 -5.66 -15.47
C THR A 706 37.67 -4.56 -14.50
N ILE A 707 36.37 -4.40 -14.38
CA ILE A 707 35.79 -3.42 -13.46
C ILE A 707 36.13 -3.77 -12.02
N LEU A 708 36.06 -5.06 -11.68
CA LEU A 708 36.36 -5.52 -10.34
C LEU A 708 37.79 -5.18 -9.94
N ALA A 709 38.72 -5.36 -10.88
CA ALA A 709 40.13 -5.05 -10.64
C ALA A 709 40.30 -3.56 -10.36
N MET A 710 39.51 -2.73 -11.02
CA MET A 710 39.54 -1.29 -10.78
C MET A 710 39.05 -0.97 -9.37
N PHE A 711 37.95 -1.61 -8.97
CA PHE A 711 37.39 -1.41 -7.65
C PHE A 711 38.37 -1.84 -6.56
N MET A 712 38.97 -3.01 -6.73
CA MET A 712 39.93 -3.52 -5.77
C MET A 712 41.12 -2.57 -5.66
N ASN A 713 41.65 -2.14 -6.80
CA ASN A 713 42.75 -1.18 -6.80
C ASN A 713 42.35 0.12 -6.13
N THR A 714 41.09 0.51 -6.30
CA THR A 714 40.58 1.73 -5.67
C THR A 714 40.57 1.58 -4.14
N ALA A 715 40.01 0.48 -3.66
CA ALA A 715 39.93 0.21 -2.23
C ALA A 715 41.31 0.12 -1.61
N ILE A 716 42.26 -0.43 -2.35
CA ILE A 716 43.64 -0.55 -1.87
C ILE A 716 44.30 0.83 -1.80
N ASP A 717 44.15 1.60 -2.88
CA ASP A 717 44.76 2.92 -2.96
C ASP A 717 44.21 3.87 -1.92
N GLN A 718 42.96 3.67 -1.52
CA GLN A 718 42.34 4.49 -0.49
C GLN A 718 43.07 4.35 0.84
N GLN A 719 43.40 3.11 1.20
CA GLN A 719 44.10 2.84 2.45
C GLN A 719 45.57 3.25 2.38
N ILE A 720 46.13 3.21 1.18
CA ILE A 720 47.50 3.68 0.97
C ILE A 720 47.56 5.18 1.18
N ASP A 721 46.54 5.88 0.68
CA ASP A 721 46.44 7.33 0.87
C ASP A 721 46.13 7.66 2.33
N ARG A 722 45.33 6.82 2.96
CA ARG A 722 44.98 7.02 4.37
C ARG A 722 46.20 6.83 5.27
N PHE A 723 47.08 5.90 4.89
CA PHE A 723 48.31 5.68 5.63
C PHE A 723 49.28 6.84 5.44
N ARG A 724 49.38 7.31 4.20
CA ARG A 724 50.31 8.39 3.86
C ARG A 724 49.93 9.69 4.55
N ALA A 725 48.68 9.78 4.98
CA ALA A 725 48.18 10.97 5.67
C ALA A 725 48.34 10.85 7.18
N ASP A 726 48.17 9.63 7.70
CA ASP A 726 48.25 9.39 9.14
C ASP A 726 49.70 9.20 9.60
N ASN A 727 50.62 9.15 8.65
CA ASN A 727 52.04 8.97 8.97
C ASN A 727 52.93 9.97 8.25
N GLY A 728 52.35 10.71 7.32
CA GLY A 728 53.07 11.73 6.58
C GLY A 728 54.20 11.16 5.74
N ARG A 729 54.07 9.90 5.35
CA ARG A 729 55.09 9.22 4.58
C ARG A 729 54.50 8.03 3.84
N ASP A 730 55.13 7.67 2.72
CA ASP A 730 54.72 6.49 1.97
C ASP A 730 55.05 5.23 2.76
N PRO A 731 54.17 4.23 2.71
CA PRO A 731 54.44 2.95 3.38
C PRO A 731 55.58 2.20 2.71
N THR A 732 56.40 1.50 3.50
CA THR A 732 57.49 0.71 2.96
C THR A 732 56.95 -0.46 2.16
N ALA A 733 57.83 -1.15 1.46
CA ALA A 733 57.44 -2.29 0.64
C ALA A 733 56.75 -3.36 1.48
N ASP A 734 57.15 -3.47 2.74
CA ASP A 734 56.57 -4.44 3.66
C ASP A 734 55.25 -3.91 4.23
N GLU A 735 55.25 -2.62 4.57
CA GLU A 735 54.06 -1.98 5.12
C GLU A 735 52.91 -1.98 4.11
N GLU A 736 53.24 -1.64 2.86
CA GLU A 736 52.26 -1.61 1.79
C GLU A 736 51.71 -3.01 1.54
N ALA A 737 52.58 -4.00 1.62
CA ALA A 737 52.18 -5.39 1.41
C ALA A 737 51.16 -5.85 2.45
N LYS A 738 51.35 -5.39 3.69
CA LYS A 738 50.43 -5.72 4.77
C LYS A 738 49.09 -5.02 4.58
N ILE A 739 49.15 -3.75 4.18
CA ILE A 739 47.95 -2.97 3.91
C ILE A 739 47.16 -3.54 2.75
N ARG A 740 47.86 -3.81 1.65
CA ARG A 740 47.25 -4.33 0.43
C ARG A 740 46.53 -5.65 0.69
N ALA A 741 47.17 -6.51 1.49
CA ALA A 741 46.59 -7.81 1.82
C ALA A 741 45.35 -7.64 2.69
N TRP A 742 45.42 -6.72 3.66
CA TRP A 742 44.32 -6.49 4.59
C TRP A 742 43.09 -5.95 3.87
N VAL A 743 43.30 -5.07 2.90
CA VAL A 743 42.20 -4.47 2.15
C VAL A 743 41.39 -5.55 1.45
N LEU A 744 42.08 -6.48 0.80
CA LEU A 744 41.43 -7.56 0.06
C LEU A 744 40.54 -8.43 0.94
N GLN A 745 40.94 -8.60 2.20
CA GLN A 745 40.21 -9.48 3.11
C GLN A 745 38.92 -8.84 3.62
N ASN A 746 38.99 -7.57 3.96
CA ASN A 746 37.87 -6.91 4.65
C ASN A 746 36.98 -6.06 3.74
N VAL A 747 37.37 -5.89 2.47
CA VAL A 747 36.58 -5.10 1.55
C VAL A 747 35.21 -5.76 1.35
N ARG A 748 34.15 -4.97 1.52
CA ARG A 748 32.79 -5.52 1.45
C ARG A 748 32.01 -4.95 0.26
N GLY A 749 31.50 -5.85 -0.57
CA GLY A 749 30.75 -5.47 -1.75
C GLY A 749 30.35 -6.66 -2.62
N THR A 750 29.75 -6.36 -3.76
CA THR A 750 29.24 -7.42 -4.65
C THR A 750 29.36 -7.05 -6.13
N VAL A 751 29.95 -7.94 -6.92
CA VAL A 751 29.99 -7.79 -8.37
C VAL A 751 29.12 -8.86 -9.03
N GLN A 752 28.28 -8.45 -9.97
CA GLN A 752 27.30 -9.35 -10.57
C GLN A 752 27.94 -10.50 -11.34
N ALA A 753 28.46 -10.19 -12.54
CA ALA A 753 29.33 -11.09 -13.30
C ALA A 753 28.71 -12.42 -13.74
N ASP A 754 27.45 -12.67 -13.39
CA ASP A 754 26.79 -13.92 -13.77
C ASP A 754 26.69 -14.01 -15.29
N ILE A 755 27.55 -14.83 -15.89
CA ILE A 755 27.62 -14.95 -17.34
C ILE A 755 26.55 -15.89 -17.89
N LEU A 756 26.20 -16.90 -17.10
CA LEU A 756 25.18 -17.86 -17.50
C LEU A 756 23.84 -17.18 -17.79
N LYS A 757 23.59 -16.05 -17.14
CA LYS A 757 22.37 -15.30 -17.36
C LYS A 757 22.53 -14.33 -18.53
N GLU A 758 23.77 -14.08 -18.94
CA GLU A 758 24.01 -13.20 -20.06
C GLU A 758 23.53 -13.85 -21.34
N ASP A 759 23.90 -15.11 -21.52
CA ASP A 759 23.44 -15.89 -22.67
C ASP A 759 21.92 -16.02 -22.61
N GLN A 760 21.40 -16.23 -21.41
CA GLN A 760 19.98 -16.48 -21.23
C GLN A 760 19.12 -15.21 -21.20
N GLY A 761 19.62 -14.16 -20.55
CA GLY A 761 18.77 -13.03 -20.23
C GLY A 761 19.20 -11.62 -20.58
N GLN A 762 20.35 -11.17 -20.08
CA GLN A 762 20.71 -9.75 -20.17
C GLN A 762 21.51 -9.39 -21.42
N ASN A 763 22.28 -10.34 -21.95
CA ASN A 763 23.05 -10.14 -23.19
C ASN A 763 24.14 -9.08 -23.07
N THR A 764 24.84 -9.06 -21.94
CA THR A 764 25.95 -8.14 -21.75
C THR A 764 27.27 -8.89 -21.89
N CYS A 765 27.20 -10.09 -22.47
CA CYS A 765 28.38 -10.90 -22.68
C CYS A 765 29.14 -10.43 -23.92
N ILE A 766 30.39 -10.03 -23.75
CA ILE A 766 31.19 -9.51 -24.86
C ILE A 766 32.15 -10.56 -25.42
N PHE A 767 32.89 -11.22 -24.52
CA PHE A 767 33.76 -12.32 -24.93
C PHE A 767 32.92 -13.57 -25.10
N SER A 768 33.54 -14.68 -25.51
CA SER A 768 32.83 -15.94 -25.65
C SER A 768 32.38 -16.47 -24.28
N THR A 769 31.25 -17.18 -24.25
CA THR A 769 30.68 -17.68 -23.00
C THR A 769 31.67 -18.52 -22.20
N GLU A 770 32.43 -19.36 -22.91
CA GLU A 770 33.39 -20.24 -22.25
C GLU A 770 34.54 -19.44 -21.62
N PHE A 771 34.98 -18.40 -22.31
CA PHE A 771 36.09 -17.59 -21.81
C PHE A 771 35.70 -16.80 -20.57
N SER A 772 34.47 -16.28 -20.56
CA SER A 772 33.97 -15.52 -19.43
C SER A 772 33.89 -16.38 -18.18
N LEU A 773 33.43 -17.61 -18.35
CA LEU A 773 33.34 -18.55 -17.25
C LEU A 773 34.73 -18.92 -16.73
N LYS A 774 35.69 -19.00 -17.65
CA LYS A 774 37.08 -19.29 -17.29
C LYS A 774 37.62 -18.18 -16.39
N VAL A 775 37.44 -16.93 -16.80
CA VAL A 775 37.93 -15.80 -16.04
C VAL A 775 37.17 -15.66 -14.72
N MET A 776 35.89 -16.02 -14.75
CA MET A 776 35.07 -15.92 -13.53
C MET A 776 35.58 -16.88 -12.48
N GLY A 777 36.08 -18.03 -12.92
CA GLY A 777 36.69 -18.99 -12.02
C GLY A 777 38.00 -18.47 -11.49
N ASP A 778 38.74 -17.78 -12.35
CA ASP A 778 40.01 -17.16 -11.95
C ASP A 778 39.79 -16.18 -10.81
N ILE A 779 38.68 -15.45 -10.88
CA ILE A 779 38.34 -14.49 -9.83
C ILE A 779 38.11 -15.18 -8.50
N GLN A 780 37.35 -16.27 -8.52
CA GLN A 780 37.04 -17.00 -7.30
C GLN A 780 38.29 -17.67 -6.72
N GLU A 781 39.18 -18.12 -7.61
CA GLU A 781 40.44 -18.70 -7.15
C GLU A 781 41.33 -17.65 -6.52
N TYR A 782 41.31 -16.44 -7.09
CA TYR A 782 42.06 -15.31 -6.52
C TYR A 782 41.52 -14.97 -5.13
N PHE A 783 40.20 -14.97 -5.00
CA PHE A 783 39.54 -14.65 -3.73
C PHE A 783 39.94 -15.63 -2.64
N VAL A 784 39.97 -16.92 -3.00
CA VAL A 784 40.31 -17.96 -2.03
C VAL A 784 41.76 -17.80 -1.56
N HIS A 785 42.66 -17.53 -2.50
CA HIS A 785 44.08 -17.39 -2.17
C HIS A 785 44.35 -16.21 -1.25
N HIS A 786 43.64 -15.11 -1.44
CA HIS A 786 43.87 -13.91 -0.65
C HIS A 786 42.83 -13.71 0.45
N GLN A 787 42.05 -14.76 0.70
CA GLN A 787 41.06 -14.77 1.78
C GLN A 787 40.07 -13.61 1.69
N VAL A 788 39.65 -13.29 0.47
CA VAL A 788 38.62 -12.30 0.24
C VAL A 788 37.27 -12.88 0.63
N ARG A 789 36.96 -12.86 1.93
CA ARG A 789 35.79 -13.55 2.45
C ARG A 789 34.59 -12.64 2.70
N ASN A 790 34.67 -11.38 2.27
CA ASN A 790 33.55 -10.47 2.48
C ASN A 790 32.96 -9.96 1.17
N PHE A 791 33.71 -10.11 0.09
CA PHE A 791 33.23 -9.70 -1.22
C PHE A 791 32.55 -10.86 -1.93
N TYR A 792 31.44 -10.58 -2.60
CA TYR A 792 30.72 -11.60 -3.34
C TYR A 792 31.18 -11.62 -4.80
N SER A 793 31.75 -12.75 -5.21
CA SER A 793 32.39 -12.85 -6.53
C SER A 793 31.38 -12.87 -7.68
N VAL A 794 30.13 -13.23 -7.36
CA VAL A 794 29.10 -13.34 -8.38
C VAL A 794 27.72 -13.21 -7.78
N SER A 795 26.89 -12.35 -8.37
CA SER A 795 25.49 -12.25 -7.98
C SER A 795 24.63 -13.04 -8.97
N ILE A 796 24.44 -14.32 -8.67
CA ILE A 796 23.65 -15.22 -9.50
C ILE A 796 22.23 -14.69 -9.64
N SER A 797 21.93 -14.10 -10.79
CA SER A 797 20.72 -13.31 -10.94
C SER A 797 19.64 -13.98 -11.78
N GLY A 798 18.43 -13.44 -11.66
CA GLY A 798 17.29 -13.89 -12.44
C GLY A 798 16.36 -12.73 -12.74
N TYR A 799 16.63 -11.59 -12.12
CA TYR A 799 15.89 -10.38 -12.39
C TYR A 799 15.86 -10.10 -13.90
N HIS A 800 17.03 -10.21 -14.52
CA HIS A 800 17.18 -9.91 -15.93
C HIS A 800 16.38 -10.87 -16.79
N ILE A 801 16.47 -12.14 -16.41
CA ILE A 801 15.69 -13.22 -17.00
C ILE A 801 14.18 -12.94 -16.87
N ALA A 802 13.80 -12.41 -15.71
CA ALA A 802 12.39 -12.11 -15.45
C ALA A 802 11.91 -10.93 -16.28
N GLU A 803 12.69 -9.87 -16.31
CA GLU A 803 12.29 -8.66 -17.01
C GLU A 803 12.25 -8.90 -18.53
N ALA A 804 12.99 -9.92 -18.98
CA ALA A 804 12.91 -10.32 -20.38
C ALA A 804 11.54 -10.90 -20.68
N GLY A 805 10.87 -11.43 -19.67
CA GLY A 805 9.52 -11.92 -19.82
C GLY A 805 9.19 -13.17 -19.02
N ALA A 806 10.20 -13.77 -18.40
CA ALA A 806 10.02 -15.00 -17.65
C ALA A 806 9.12 -14.82 -16.43
N ASN A 807 8.15 -15.72 -16.28
CA ASN A 807 7.29 -15.72 -15.10
C ASN A 807 8.10 -16.11 -13.86
N PRO A 808 7.58 -15.83 -12.65
CA PRO A 808 8.34 -16.08 -11.41
C PRO A 808 8.91 -17.50 -11.29
N ILE A 809 8.18 -18.51 -11.75
CA ILE A 809 8.67 -19.88 -11.65
C ILE A 809 9.92 -20.07 -12.52
N SER A 810 9.83 -19.62 -13.77
CA SER A 810 10.96 -19.72 -14.69
C SER A 810 12.17 -18.96 -14.15
N GLN A 811 11.94 -17.76 -13.64
CA GLN A 811 13.02 -16.93 -13.10
C GLN A 811 13.75 -17.65 -11.98
N LEU A 812 12.98 -18.11 -10.99
CA LEU A 812 13.56 -18.77 -9.83
C LEU A 812 14.26 -20.06 -10.22
N ALA A 813 13.63 -20.85 -11.07
CA ALA A 813 14.19 -22.13 -11.49
C ALA A 813 15.48 -21.97 -12.29
N PHE A 814 15.46 -21.09 -13.29
CA PHE A 814 16.64 -20.84 -14.11
C PHE A 814 17.80 -20.31 -13.28
N THR A 815 17.50 -19.41 -12.35
CA THR A 815 18.53 -18.79 -11.53
C THR A 815 19.18 -19.77 -10.58
N LEU A 816 18.37 -20.58 -9.92
CA LEU A 816 18.89 -21.62 -9.03
C LEU A 816 19.68 -22.65 -9.84
N ALA A 817 19.19 -22.93 -11.04
CA ALA A 817 19.89 -23.85 -11.95
C ALA A 817 21.26 -23.28 -12.33
N ASN A 818 21.29 -22.00 -12.68
CA ASN A 818 22.55 -21.33 -13.01
C ASN A 818 23.49 -21.35 -11.82
N GLY A 819 22.94 -21.13 -10.63
CA GLY A 819 23.74 -21.14 -9.41
C GLY A 819 24.37 -22.49 -9.16
N PHE A 820 23.55 -23.53 -9.27
CA PHE A 820 24.03 -24.90 -9.06
C PHE A 820 25.07 -25.28 -10.12
N THR A 821 24.95 -24.68 -11.30
CA THR A 821 25.90 -24.91 -12.38
C THR A 821 27.29 -24.42 -11.99
N TYR A 822 27.35 -23.22 -11.42
CA TYR A 822 28.61 -22.67 -10.94
C TYR A 822 29.20 -23.56 -9.86
N VAL A 823 28.34 -24.10 -9.01
CA VAL A 823 28.77 -25.00 -7.94
C VAL A 823 29.41 -26.25 -8.53
N GLU A 824 28.71 -26.90 -9.45
CA GLU A 824 29.23 -28.10 -10.11
C GLU A 824 30.49 -27.79 -10.90
N ALA A 825 30.54 -26.58 -11.46
CA ALA A 825 31.70 -26.16 -12.25
C ALA A 825 32.93 -26.02 -11.37
N TYR A 826 32.77 -25.37 -10.21
CA TYR A 826 33.86 -25.16 -9.27
C TYR A 826 34.29 -26.47 -8.60
N LEU A 827 33.34 -27.36 -8.36
CA LEU A 827 33.63 -28.63 -7.73
C LEU A 827 34.46 -29.53 -8.65
N ALA A 828 34.16 -29.49 -9.94
CA ALA A 828 34.89 -30.27 -10.93
C ALA A 828 36.23 -29.62 -11.22
N ARG A 829 36.41 -28.42 -10.67
CA ARG A 829 37.58 -27.58 -10.90
C ARG A 829 38.54 -27.65 -9.71
N GLY A 830 38.08 -28.26 -8.62
CA GLY A 830 38.95 -28.53 -7.50
C GLY A 830 38.92 -27.50 -6.38
N MET A 831 37.72 -27.12 -5.97
CA MET A 831 37.57 -26.21 -4.84
C MET A 831 36.59 -26.83 -3.84
N HIS A 832 36.94 -26.77 -2.55
CA HIS A 832 36.08 -27.29 -1.50
C HIS A 832 34.76 -26.52 -1.53
N ILE A 833 33.65 -27.21 -1.32
CA ILE A 833 32.34 -26.57 -1.37
C ILE A 833 32.24 -25.42 -0.38
N ASP A 834 32.91 -25.55 0.76
CA ASP A 834 32.87 -24.53 1.80
C ASP A 834 33.81 -23.36 1.50
N ASP A 835 34.45 -23.39 0.33
CA ASP A 835 35.40 -22.36 -0.04
C ASP A 835 34.81 -21.31 -0.99
N PHE A 836 33.75 -21.68 -1.70
CA PHE A 836 33.17 -20.75 -2.66
C PHE A 836 31.67 -20.52 -2.45
N ALA A 837 31.02 -21.45 -1.75
CA ALA A 837 29.58 -21.33 -1.51
C ALA A 837 29.19 -20.11 -0.67
N PRO A 838 29.97 -19.78 0.39
CA PRO A 838 29.58 -18.58 1.13
C PRO A 838 29.82 -17.28 0.35
N ASN A 839 30.54 -17.34 -0.77
CA ASN A 839 30.78 -16.16 -1.60
C ASN A 839 29.73 -15.99 -2.69
N LEU A 840 28.76 -16.90 -2.74
CA LEU A 840 27.73 -16.85 -3.76
C LEU A 840 26.55 -15.98 -3.33
N SER A 841 26.26 -14.98 -4.15
CA SER A 841 25.17 -14.05 -3.90
C SER A 841 24.09 -14.21 -4.96
N PHE A 842 22.85 -13.88 -4.60
CA PHE A 842 21.75 -14.01 -5.54
C PHE A 842 21.03 -12.68 -5.78
N PHE A 843 20.24 -12.65 -6.84
CA PHE A 843 19.51 -11.45 -7.24
C PHE A 843 18.21 -11.88 -7.89
N PHE A 844 17.10 -11.34 -7.40
CA PHE A 844 15.80 -11.69 -7.98
C PHE A 844 14.93 -10.46 -8.28
N SER A 845 13.80 -10.73 -8.93
CA SER A 845 12.82 -9.71 -9.23
C SER A 845 11.55 -9.95 -8.45
N ASN A 846 10.87 -8.88 -8.04
CA ASN A 846 9.57 -9.01 -7.40
C ASN A 846 8.47 -8.30 -8.19
N GLY A 847 7.54 -9.07 -8.73
CA GLY A 847 6.47 -8.52 -9.53
C GLY A 847 5.12 -8.60 -8.82
N MET A 848 4.06 -8.62 -9.61
CA MET A 848 2.71 -8.63 -9.05
C MET A 848 2.18 -10.05 -8.88
N ASP A 849 2.77 -10.99 -9.63
CA ASP A 849 2.34 -12.39 -9.58
C ASP A 849 2.38 -12.94 -8.16
N PRO A 850 1.44 -13.83 -7.82
CA PRO A 850 1.34 -14.41 -6.47
C PRO A 850 2.60 -15.13 -6.02
N GLU A 851 3.28 -15.79 -6.96
CA GLU A 851 4.45 -16.59 -6.65
C GLU A 851 5.59 -15.75 -6.08
N TYR A 852 5.63 -14.47 -6.41
CA TYR A 852 6.70 -13.60 -5.96
C TYR A 852 6.70 -13.45 -4.44
N SER A 853 5.53 -13.65 -3.83
CA SER A 853 5.38 -13.50 -2.39
C SER A 853 6.19 -14.53 -1.63
N VAL A 854 6.42 -15.68 -2.25
CA VAL A 854 7.14 -16.77 -1.60
C VAL A 854 8.41 -17.17 -2.35
N LEU A 855 8.86 -16.31 -3.25
CA LEU A 855 10.04 -16.62 -4.06
C LEU A 855 11.29 -16.77 -3.21
N GLY A 856 11.51 -15.82 -2.32
CA GLY A 856 12.69 -15.81 -1.47
C GLY A 856 12.77 -17.03 -0.56
N ARG A 857 11.68 -17.33 0.13
CA ARG A 857 11.66 -18.43 1.08
C ARG A 857 11.87 -19.77 0.38
N VAL A 858 11.35 -19.90 -0.84
CA VAL A 858 11.57 -21.12 -1.62
C VAL A 858 13.04 -21.26 -2.00
N ALA A 859 13.63 -20.17 -2.47
CA ALA A 859 15.03 -20.17 -2.87
C ALA A 859 15.94 -20.55 -1.71
N ARG A 860 15.60 -20.07 -0.51
CA ARG A 860 16.41 -20.36 0.66
C ARG A 860 16.33 -21.84 1.07
N ARG A 861 15.14 -22.43 0.98
CA ARG A 861 14.95 -23.80 1.41
C ARG A 861 15.59 -24.78 0.44
N ILE A 862 15.37 -24.56 -0.86
CA ILE A 862 15.95 -25.43 -1.88
C ILE A 862 17.46 -25.42 -1.78
N TRP A 863 18.03 -24.25 -1.53
CA TRP A 863 19.47 -24.11 -1.38
C TRP A 863 19.96 -24.84 -0.13
N ALA A 864 19.37 -24.50 1.02
CA ALA A 864 19.80 -25.05 2.30
C ALA A 864 19.76 -26.57 2.33
N VAL A 865 18.66 -27.14 1.84
CA VAL A 865 18.50 -28.59 1.84
C VAL A 865 19.53 -29.27 0.94
N THR A 866 19.70 -28.76 -0.27
CA THR A 866 20.64 -29.33 -1.22
C THR A 866 22.07 -29.15 -0.76
N MET A 867 22.41 -27.95 -0.28
CA MET A 867 23.77 -27.68 0.18
C MET A 867 24.15 -28.56 1.35
N ARG A 868 23.16 -28.94 2.16
CA ARG A 868 23.42 -29.79 3.33
C ARG A 868 23.48 -31.26 2.95
N ASP A 869 22.41 -31.77 2.34
CA ASP A 869 22.31 -33.19 2.05
C ASP A 869 23.15 -33.61 0.84
N LYS A 870 23.00 -32.91 -0.27
CA LYS A 870 23.69 -33.29 -1.50
C LYS A 870 25.19 -32.98 -1.47
N TYR A 871 25.53 -31.74 -1.15
CA TYR A 871 26.92 -31.30 -1.23
C TYR A 871 27.66 -31.34 0.11
N GLY A 872 26.91 -31.56 1.18
CA GLY A 872 27.48 -31.71 2.51
C GLY A 872 28.28 -30.51 2.98
N ALA A 873 27.81 -29.32 2.63
CA ALA A 873 28.50 -28.10 3.01
C ALA A 873 28.10 -27.65 4.41
N ASN A 874 28.80 -26.65 4.93
CA ASN A 874 28.56 -26.19 6.29
C ASN A 874 27.41 -25.19 6.36
N ASP A 875 27.18 -24.64 7.55
CA ASP A 875 26.05 -23.74 7.79
C ASP A 875 26.13 -22.46 6.97
N ARG A 876 27.31 -21.85 6.92
CA ARG A 876 27.51 -20.61 6.18
C ARG A 876 27.19 -20.78 4.70
N SER A 877 27.34 -22.00 4.21
CA SER A 877 27.09 -22.29 2.81
C SER A 877 25.61 -22.55 2.53
N GLN A 878 24.92 -23.13 3.51
CA GLN A 878 23.50 -23.45 3.36
C GLN A 878 22.63 -22.20 3.34
N LYS A 879 23.20 -21.07 3.76
CA LYS A 879 22.46 -19.83 3.83
C LYS A 879 22.53 -19.05 2.52
N LEU A 880 21.40 -19.00 1.82
CA LEU A 880 21.31 -18.26 0.56
C LEU A 880 20.93 -16.80 0.83
N LYS A 881 21.86 -15.89 0.52
CA LYS A 881 21.58 -14.47 0.63
C LYS A 881 21.24 -13.90 -0.74
N TYR A 882 20.24 -13.03 -0.81
CA TYR A 882 19.82 -12.50 -2.08
C TYR A 882 19.37 -11.04 -2.03
N HIS A 883 19.48 -10.37 -3.17
CA HIS A 883 18.96 -9.03 -3.34
C HIS A 883 17.69 -9.08 -4.17
N ILE A 884 16.67 -8.33 -3.74
CA ILE A 884 15.44 -8.23 -4.52
C ILE A 884 15.25 -6.82 -5.03
N GLN A 885 15.02 -6.70 -6.33
CA GLN A 885 14.67 -5.41 -6.93
C GLN A 885 13.27 -5.49 -7.52
N THR A 886 12.47 -4.46 -7.28
CA THR A 886 11.09 -4.47 -7.75
C THR A 886 11.04 -4.49 -9.26
N SER A 887 10.03 -5.16 -9.81
CA SER A 887 9.90 -5.34 -11.25
C SER A 887 9.74 -4.02 -11.98
N GLY A 888 10.64 -3.76 -12.93
CA GLY A 888 10.59 -2.55 -13.73
C GLY A 888 9.59 -2.65 -14.86
N ARG A 889 9.41 -3.86 -15.39
CA ARG A 889 8.50 -4.05 -16.50
C ARG A 889 7.04 -3.96 -16.04
N SER A 890 6.83 -4.10 -14.73
CA SER A 890 5.50 -3.97 -14.14
C SER A 890 5.08 -2.51 -14.07
N LEU A 891 6.04 -1.61 -14.24
CA LEU A 891 5.76 -0.17 -14.25
C LEU A 891 5.63 0.33 -15.69
N HIS A 892 4.76 1.31 -15.90
CA HIS A 892 4.43 1.75 -17.25
C HIS A 892 4.60 3.26 -17.46
N ALA A 893 4.57 3.67 -18.72
CA ALA A 893 4.72 5.08 -19.08
C ALA A 893 3.40 5.82 -18.89
N GLN A 894 2.29 5.12 -19.10
CA GLN A 894 0.97 5.71 -18.92
C GLN A 894 0.60 5.79 -17.44
N GLU A 895 0.19 6.96 -16.99
CA GLU A 895 -0.16 7.20 -15.59
C GLU A 895 0.98 6.79 -14.67
N ILE A 896 2.07 7.55 -14.70
CA ILE A 896 3.28 7.16 -13.97
C ILE A 896 3.11 7.23 -12.46
N ASP A 897 2.07 7.93 -12.00
CA ASP A 897 1.80 8.02 -10.57
C ASP A 897 1.32 6.69 -10.00
N PHE A 898 0.78 5.84 -10.86
CA PHE A 898 0.27 4.54 -10.45
C PHE A 898 1.40 3.59 -10.08
N ASN A 899 2.59 3.85 -10.62
CA ASN A 899 3.73 2.96 -10.43
C ASN A 899 4.20 2.88 -8.98
N ASP A 900 4.02 3.96 -8.23
CA ASP A 900 4.38 3.97 -6.83
C ASP A 900 3.53 3.00 -6.03
N ILE A 901 2.29 2.82 -6.46
CA ILE A 901 1.39 1.85 -5.85
C ILE A 901 1.92 0.43 -6.02
N ARG A 902 2.30 0.11 -7.26
CA ARG A 902 2.81 -1.21 -7.58
C ARG A 902 4.16 -1.47 -6.91
N THR A 903 5.00 -0.44 -6.89
CA THR A 903 6.34 -0.58 -6.34
C THR A 903 6.28 -0.73 -4.82
N THR A 904 5.20 -0.21 -4.23
CA THR A 904 4.99 -0.36 -2.79
C THR A 904 4.62 -1.79 -2.43
N LEU A 905 3.65 -2.34 -3.15
CA LEU A 905 3.21 -3.71 -2.93
C LEU A 905 4.35 -4.71 -3.12
N GLN A 906 5.17 -4.48 -4.15
CA GLN A 906 6.29 -5.37 -4.43
C GLN A 906 7.36 -5.25 -3.35
N ALA A 907 7.59 -4.03 -2.89
CA ALA A 907 8.57 -3.80 -1.84
C ALA A 907 8.13 -4.44 -0.52
N LEU A 908 6.81 -4.53 -0.33
CA LEU A 908 6.27 -5.05 0.93
C LEU A 908 6.55 -6.54 1.09
N ILE A 909 6.21 -7.32 0.07
CA ILE A 909 6.38 -8.77 0.17
C ILE A 909 7.85 -9.14 0.20
N ALA A 910 8.70 -8.25 -0.29
CA ALA A 910 10.13 -8.45 -0.23
C ALA A 910 10.62 -8.40 1.22
N ILE A 911 10.15 -7.38 1.94
CA ILE A 911 10.54 -7.17 3.33
C ILE A 911 9.88 -8.21 4.24
N TYR A 912 8.62 -8.53 3.96
CA TYR A 912 7.92 -9.58 4.69
C TYR A 912 8.71 -10.89 4.62
N ASP A 913 9.18 -11.23 3.42
CA ASP A 913 9.89 -12.48 3.20
C ASP A 913 11.36 -12.36 3.59
N ASN A 914 11.69 -11.37 4.40
CA ASN A 914 13.01 -11.19 4.99
C ASN A 914 14.15 -11.23 3.97
N CYS A 915 14.08 -10.35 2.99
CA CYS A 915 15.14 -10.23 1.98
C CYS A 915 16.40 -9.63 2.62
N ASN A 916 17.53 -9.80 1.94
CA ASN A 916 18.80 -9.30 2.45
C ASN A 916 19.12 -7.91 1.93
N SER A 917 18.54 -7.57 0.79
CA SER A 917 18.81 -6.29 0.14
C SER A 917 17.68 -5.94 -0.82
N LEU A 918 17.28 -4.67 -0.82
CA LEU A 918 16.12 -4.25 -1.61
C LEU A 918 16.37 -2.97 -2.40
N HIS A 919 16.00 -2.99 -3.68
CA HIS A 919 15.98 -1.78 -4.48
C HIS A 919 14.55 -1.43 -4.88
N THR A 920 14.22 -0.14 -4.84
CA THR A 920 12.88 0.32 -5.17
C THR A 920 12.90 1.18 -6.41
N ASN A 921 11.97 0.92 -7.33
CA ASN A 921 11.92 1.64 -8.60
C ASN A 921 11.17 2.97 -8.50
N ALA A 922 11.65 3.94 -9.29
CA ALA A 922 11.04 5.27 -9.31
C ALA A 922 9.72 5.26 -10.08
N TYR A 923 8.95 6.32 -9.94
CA TYR A 923 7.66 6.40 -10.62
C TYR A 923 7.83 6.68 -12.11
N ASP A 924 8.91 7.37 -12.47
CA ASP A 924 9.23 7.62 -13.87
C ASP A 924 10.10 6.50 -14.43
N GLU A 925 9.83 5.29 -13.96
CA GLU A 925 10.59 4.10 -14.32
C GLU A 925 10.62 3.81 -15.81
N ALA A 926 9.49 4.00 -16.48
CA ALA A 926 9.39 3.66 -17.89
C ALA A 926 10.03 4.70 -18.80
N ILE A 927 10.25 5.90 -18.26
CA ILE A 927 10.69 7.03 -19.07
C ILE A 927 12.18 7.37 -18.92
N THR A 928 12.68 7.40 -17.69
CA THR A 928 14.05 7.83 -17.45
C THR A 928 14.72 7.21 -16.24
N THR A 929 16.03 7.38 -16.16
CA THR A 929 16.77 7.14 -14.93
C THR A 929 16.22 8.08 -13.87
N PRO A 930 15.99 7.56 -12.65
CA PRO A 930 15.42 8.30 -11.52
C PRO A 930 15.96 9.72 -11.36
N THR A 931 15.06 10.70 -11.32
CA THR A 931 15.44 12.08 -11.07
C THR A 931 15.69 12.26 -9.58
N ALA A 932 16.21 13.43 -9.20
CA ALA A 932 16.50 13.69 -7.79
C ALA A 932 15.24 13.60 -6.94
N GLU A 933 14.14 14.10 -7.49
CA GLU A 933 12.84 14.07 -6.80
C GLU A 933 12.22 12.69 -6.91
N SER A 934 12.57 11.97 -7.97
CA SER A 934 11.98 10.67 -8.26
C SER A 934 12.59 9.57 -7.41
N VAL A 935 13.86 9.73 -7.05
CA VAL A 935 14.57 8.72 -6.28
C VAL A 935 14.16 8.78 -4.82
N ARG A 936 13.68 9.94 -4.38
CA ARG A 936 13.26 10.09 -2.99
C ARG A 936 11.92 9.41 -2.75
N ARG A 937 11.02 9.49 -3.72
CA ARG A 937 9.74 8.80 -3.62
C ARG A 937 9.95 7.29 -3.58
N ALA A 938 10.90 6.81 -4.37
CA ALA A 938 11.24 5.40 -4.37
C ALA A 938 11.90 5.02 -3.05
N LEU A 939 12.76 5.89 -2.55
CA LEU A 939 13.48 5.63 -1.31
C LEU A 939 12.56 5.74 -0.10
N ALA A 940 11.48 6.50 -0.25
CA ALA A 940 10.53 6.69 0.85
C ALA A 940 9.68 5.45 1.05
N ILE A 941 9.47 4.69 -0.01
CA ILE A 941 8.67 3.47 0.07
C ILE A 941 9.27 2.52 1.09
N GLN A 942 10.59 2.35 1.04
CA GLN A 942 11.27 1.48 1.99
C GLN A 942 11.25 2.08 3.39
N LEU A 943 11.44 3.39 3.47
CA LEU A 943 11.47 4.07 4.76
C LEU A 943 10.12 4.02 5.46
N ILE A 944 9.05 4.13 4.70
CA ILE A 944 7.71 4.09 5.28
C ILE A 944 7.39 2.69 5.80
N ILE A 945 7.67 1.68 4.99
CA ILE A 945 7.40 0.30 5.39
C ILE A 945 8.25 -0.10 6.61
N ASN A 946 9.54 0.18 6.55
CA ASN A 946 10.46 -0.22 7.61
C ASN A 946 10.22 0.50 8.94
N ARG A 947 9.78 1.76 8.87
CA ARG A 947 9.63 2.54 10.09
C ARG A 947 8.18 2.73 10.51
N GLU A 948 7.32 3.10 9.57
CA GLU A 948 5.94 3.45 9.90
C GLU A 948 5.00 2.25 9.94
N TRP A 949 5.17 1.35 8.98
CA TRP A 949 4.23 0.24 8.82
C TRP A 949 4.25 -0.70 10.01
N GLY A 950 3.08 -0.97 10.55
CA GLY A 950 2.95 -1.72 11.80
C GLY A 950 3.28 -3.19 11.69
N VAL A 951 2.74 -3.84 10.68
CA VAL A 951 2.95 -5.27 10.48
C VAL A 951 4.43 -5.58 10.31
N ALA A 952 5.17 -4.63 9.76
CA ALA A 952 6.59 -4.81 9.50
C ALA A 952 7.41 -4.93 10.78
N LYS A 953 6.83 -4.52 11.91
CA LYS A 953 7.50 -4.61 13.20
C LYS A 953 7.66 -6.07 13.62
N CYS A 954 6.97 -6.96 12.93
CA CYS A 954 7.16 -8.40 13.08
C CYS A 954 8.03 -8.90 11.94
N GLU A 955 8.96 -9.81 12.24
CA GLU A 955 9.97 -10.18 11.25
C GLU A 955 9.64 -11.48 10.51
N ASN A 956 8.63 -12.20 10.97
CA ASN A 956 8.15 -13.38 10.24
C ASN A 956 6.63 -13.41 10.07
N PRO A 957 6.05 -12.34 9.51
CA PRO A 957 4.59 -12.28 9.43
C PRO A 957 4.02 -13.27 8.42
N ASN A 958 4.84 -13.72 7.48
CA ASN A 958 4.42 -14.69 6.49
C ASN A 958 4.13 -16.06 7.11
N GLN A 959 4.96 -16.45 8.07
CA GLN A 959 4.90 -17.78 8.66
C GLN A 959 3.56 -18.09 9.33
N GLY A 960 3.05 -19.28 9.04
CA GLY A 960 1.77 -19.70 9.56
C GLY A 960 0.67 -19.64 8.52
N SER A 961 0.72 -18.60 7.68
CA SER A 961 -0.31 -18.38 6.66
C SER A 961 -0.53 -19.62 5.80
N PHE A 962 -1.78 -20.04 5.71
CA PHE A 962 -2.15 -21.21 4.92
C PHE A 962 -1.81 -20.97 3.45
N LEU A 963 -2.09 -19.77 2.97
CA LEU A 963 -1.78 -19.40 1.60
C LEU A 963 -0.29 -19.45 1.33
N ILE A 964 0.50 -18.86 2.23
CA ILE A 964 1.94 -18.81 2.05
C ILE A 964 2.57 -20.20 2.02
N GLU A 965 2.18 -21.06 2.96
CA GLU A 965 2.76 -22.39 3.04
C GLU A 965 2.36 -23.24 1.84
N GLU A 966 1.12 -23.13 1.39
CA GLU A 966 0.68 -23.87 0.22
C GLU A 966 1.39 -23.38 -1.04
N LEU A 967 1.49 -22.07 -1.19
CA LEU A 967 2.19 -21.47 -2.31
C LEU A 967 3.66 -21.84 -2.31
N THR A 968 4.26 -21.86 -1.13
CA THR A 968 5.66 -22.23 -0.98
C THR A 968 5.90 -23.65 -1.48
N ASP A 969 5.01 -24.57 -1.12
CA ASP A 969 5.14 -25.96 -1.54
C ASP A 969 4.93 -26.10 -3.05
N LEU A 970 3.96 -25.38 -3.60
CA LEU A 970 3.65 -25.45 -5.02
C LEU A 970 4.81 -24.94 -5.86
N VAL A 971 5.27 -23.72 -5.55
CA VAL A 971 6.37 -23.09 -6.27
C VAL A 971 7.63 -23.94 -6.22
N GLU A 972 7.92 -24.48 -5.04
CA GLU A 972 9.10 -25.33 -4.83
C GLU A 972 9.10 -26.52 -5.78
N GLU A 973 7.98 -27.24 -5.82
CA GLU A 973 7.85 -28.40 -6.69
C GLU A 973 7.91 -28.01 -8.16
N ALA A 974 7.29 -26.88 -8.49
CA ALA A 974 7.32 -26.38 -9.86
C ALA A 974 8.74 -26.11 -10.32
N VAL A 975 9.55 -25.58 -9.40
CA VAL A 975 10.97 -25.34 -9.66
C VAL A 975 11.71 -26.65 -9.89
N LEU A 976 11.44 -27.63 -9.03
CA LEU A 976 12.07 -28.94 -9.12
C LEU A 976 11.75 -29.62 -10.45
N GLN A 977 10.52 -29.48 -10.90
CA GLN A 977 10.11 -30.07 -12.17
C GLN A 977 10.86 -29.41 -13.32
N GLU A 978 11.10 -28.11 -13.20
CA GLU A 978 11.85 -27.39 -14.21
C GLU A 978 13.32 -27.82 -14.21
N PHE A 979 13.84 -28.15 -13.03
CA PHE A 979 15.19 -28.69 -12.93
C PHE A 979 15.29 -29.95 -13.77
N GLU A 980 14.28 -30.81 -13.67
CA GLU A 980 14.24 -32.07 -14.38
C GLU A 980 14.18 -31.86 -15.89
N ARG A 981 13.47 -30.82 -16.31
CA ARG A 981 13.38 -30.50 -17.73
C ARG A 981 14.72 -30.04 -18.28
N ILE A 982 15.46 -29.25 -17.48
CA ILE A 982 16.77 -28.79 -17.88
C ILE A 982 17.77 -29.94 -17.84
N ALA A 983 17.59 -30.83 -16.87
CA ALA A 983 18.49 -31.97 -16.70
C ALA A 983 18.42 -32.93 -17.88
N GLU A 984 17.23 -33.10 -18.43
CA GLU A 984 17.03 -34.01 -19.56
C GLU A 984 17.39 -33.33 -20.87
N ARG A 985 17.91 -32.11 -20.78
CA ARG A 985 18.41 -31.40 -21.95
C ARG A 985 19.91 -31.21 -21.87
N GLY A 986 20.53 -31.89 -20.90
CA GLY A 986 21.98 -31.90 -20.77
C GLY A 986 22.51 -30.91 -19.76
N GLY A 987 21.66 -30.52 -18.80
CA GLY A 987 22.03 -29.53 -17.81
C GLY A 987 21.84 -28.13 -18.36
N VAL A 988 22.25 -27.12 -17.59
CA VAL A 988 22.06 -25.73 -18.00
C VAL A 988 22.84 -25.44 -19.28
N LEU A 989 24.08 -25.88 -19.33
CA LEU A 989 24.91 -25.68 -20.52
C LEU A 989 24.32 -26.40 -21.73
N GLY A 990 23.83 -27.61 -21.51
CA GLY A 990 23.23 -28.39 -22.58
C GLY A 990 21.97 -27.75 -23.10
N ALA A 991 21.21 -27.12 -22.22
CA ALA A 991 19.98 -26.46 -22.60
C ALA A 991 20.26 -25.19 -23.39
N MET A 992 21.28 -24.45 -22.96
CA MET A 992 21.68 -23.22 -23.63
C MET A 992 22.15 -23.51 -25.05
N GLU A 993 22.71 -24.69 -25.24
CA GLU A 993 23.18 -25.13 -26.55
C GLU A 993 22.01 -25.18 -27.53
N THR A 994 20.83 -25.52 -27.02
CA THR A 994 19.62 -25.58 -27.83
C THR A 994 18.84 -24.27 -27.77
N GLY A 995 19.25 -23.40 -26.85
CA GLY A 995 18.53 -22.16 -26.62
C GLY A 995 17.20 -22.43 -25.94
N TYR A 996 17.19 -23.38 -25.01
CA TYR A 996 15.99 -23.74 -24.30
C TYR A 996 15.49 -22.58 -23.44
N GLN A 997 16.38 -22.03 -22.63
CA GLN A 997 16.01 -20.93 -21.74
C GLN A 997 15.53 -19.73 -22.53
N ARG A 998 16.33 -19.31 -23.51
CA ARG A 998 15.97 -18.17 -24.34
C ARG A 998 14.63 -18.39 -25.03
N GLY A 999 14.40 -19.62 -25.51
CA GLY A 999 13.15 -19.97 -26.15
C GLY A 999 11.98 -19.85 -25.19
N LYS A 1000 12.15 -20.39 -23.99
CA LYS A 1000 11.08 -20.41 -23.01
C LYS A 1000 10.77 -19.01 -22.49
N ILE A 1001 11.81 -18.20 -22.29
CA ILE A 1001 11.63 -16.83 -21.87
C ILE A 1001 10.87 -16.01 -22.90
N GLN A 1002 11.32 -16.09 -24.14
CA GLN A 1002 10.72 -15.32 -25.22
C GLN A 1002 9.27 -15.74 -25.46
N GLU A 1003 8.97 -17.02 -25.25
CA GLU A 1003 7.60 -17.53 -25.36
C GLU A 1003 6.72 -16.91 -24.27
N GLU A 1004 7.21 -16.94 -23.03
CA GLU A 1004 6.44 -16.42 -21.90
C GLU A 1004 6.28 -14.90 -22.01
N SER A 1005 7.30 -14.25 -22.57
CA SER A 1005 7.24 -12.81 -22.81
C SER A 1005 6.14 -12.49 -23.81
N LEU A 1006 6.02 -13.33 -24.84
CA LEU A 1006 5.00 -13.14 -25.85
C LEU A 1006 3.62 -13.39 -25.26
N TYR A 1007 3.49 -14.46 -24.48
CA TYR A 1007 2.23 -14.82 -23.85
C TYR A 1007 1.72 -13.68 -22.96
N TYR A 1008 2.64 -13.10 -22.18
CA TYR A 1008 2.29 -11.97 -21.33
C TYR A 1008 1.84 -10.78 -22.18
N GLU A 1009 2.66 -10.45 -23.17
CA GLU A 1009 2.42 -9.27 -24.00
C GLU A 1009 1.15 -9.41 -24.84
N GLN A 1010 0.86 -10.63 -25.27
CA GLN A 1010 -0.36 -10.87 -26.01
C GLN A 1010 -1.56 -10.53 -25.15
N LEU A 1011 -1.41 -10.71 -23.84
CA LEU A 1011 -2.49 -10.49 -22.89
C LEU A 1011 -2.56 -9.05 -22.38
N LYS A 1012 -1.40 -8.39 -22.32
CA LYS A 1012 -1.36 -7.01 -21.83
C LYS A 1012 -2.14 -6.11 -22.77
N HIS A 1013 -1.90 -6.28 -24.07
CA HIS A 1013 -2.60 -5.53 -25.10
C HIS A 1013 -4.03 -6.02 -25.23
N ASP A 1014 -4.21 -7.33 -25.08
CA ASP A 1014 -5.52 -7.96 -25.14
C ASP A 1014 -6.50 -7.33 -24.16
N GLY A 1015 -6.24 -7.52 -22.87
CA GLY A 1015 -7.11 -7.02 -21.84
C GLY A 1015 -7.48 -8.12 -20.87
N THR A 1016 -7.22 -9.37 -21.26
CA THR A 1016 -7.48 -10.50 -20.39
C THR A 1016 -6.70 -10.33 -19.10
N LEU A 1017 -5.50 -9.79 -19.22
CA LEU A 1017 -4.67 -9.44 -18.07
C LEU A 1017 -4.76 -7.95 -17.81
N PRO A 1018 -5.58 -7.55 -16.82
CA PRO A 1018 -5.84 -6.13 -16.54
C PRO A 1018 -4.60 -5.39 -16.03
N ILE A 1019 -4.31 -4.26 -16.66
CA ILE A 1019 -3.24 -3.36 -16.20
C ILE A 1019 -3.85 -1.98 -16.05
N ILE A 1020 -3.99 -1.53 -14.79
CA ILE A 1020 -4.69 -0.27 -14.51
C ILE A 1020 -3.97 0.94 -15.09
N GLY A 1021 -4.67 1.66 -15.95
CA GLY A 1021 -4.11 2.85 -16.59
C GLY A 1021 -3.54 2.55 -17.96
N VAL A 1022 -3.52 1.27 -18.33
CA VAL A 1022 -2.96 0.86 -19.61
C VAL A 1022 -4.02 0.25 -20.53
N ASN A 1023 -4.59 -0.89 -20.13
CA ASN A 1023 -5.61 -1.53 -20.95
C ASN A 1023 -7.00 -1.36 -20.34
N THR A 1024 -7.05 -0.84 -19.12
CA THR A 1024 -8.32 -0.55 -18.46
C THR A 1024 -8.16 0.66 -17.55
N PHE A 1025 -9.28 1.34 -17.29
CA PHE A 1025 -9.28 2.55 -16.46
C PHE A 1025 -8.33 3.60 -17.01
N ARG A 1026 -8.53 3.93 -18.28
CA ARG A 1026 -7.73 4.95 -18.94
C ARG A 1026 -8.15 6.34 -18.48
N ASN A 1027 -7.30 7.33 -18.77
CA ASN A 1027 -7.60 8.71 -18.43
C ASN A 1027 -8.50 9.35 -19.50
N PRO A 1028 -9.60 9.98 -19.07
CA PRO A 1028 -10.47 10.69 -20.01
C PRO A 1028 -9.77 11.84 -20.74
N ASN A 1029 -8.60 12.24 -20.25
CA ASN A 1029 -7.79 13.26 -20.90
C ASN A 1029 -6.84 12.66 -21.93
N GLY A 1030 -6.01 11.72 -21.49
CA GLY A 1030 -5.08 11.03 -22.36
C GLY A 1030 -3.63 11.36 -22.07
N ASP A 1031 -3.39 12.06 -20.95
CA ASP A 1031 -2.05 12.49 -20.58
C ASP A 1031 -1.19 11.32 -20.11
N GLN A 1035 2.37 15.87 -19.83
CA GLN A 1035 3.21 17.05 -19.72
C GLN A 1035 4.68 16.71 -19.95
N THR A 1036 5.55 17.67 -19.68
CA THR A 1036 6.99 17.46 -19.84
C THR A 1036 7.66 17.09 -18.52
N LEU A 1037 8.11 15.84 -18.42
CA LEU A 1037 8.78 15.33 -17.24
C LEU A 1037 10.28 15.54 -17.34
N GLU A 1038 10.94 15.71 -16.20
CA GLU A 1038 12.40 15.89 -16.18
C GLU A 1038 13.09 14.57 -16.50
N LEU A 1039 14.15 14.65 -17.30
CA LEU A 1039 14.86 13.46 -17.73
C LEU A 1039 16.29 13.44 -17.23
N ALA A 1040 16.87 12.25 -17.18
CA ALA A 1040 18.25 12.07 -16.73
C ALA A 1040 19.16 11.71 -17.89
N ARG A 1041 19.57 12.72 -18.65
CA ARG A 1041 20.52 12.55 -19.74
C ARG A 1041 21.85 13.15 -19.32
N SER A 1042 22.90 12.91 -20.10
CA SER A 1042 24.22 13.39 -19.70
C SER A 1042 24.58 14.69 -20.38
N SER A 1043 25.31 15.54 -19.65
CA SER A 1043 25.72 16.84 -20.17
C SER A 1043 26.76 16.69 -21.28
N GLU A 1044 26.77 17.65 -22.20
CA GLU A 1044 27.76 17.67 -23.27
C GLU A 1044 29.16 17.87 -22.70
N ASP A 1045 29.26 18.72 -21.70
CA ASP A 1045 30.54 18.97 -21.03
C ASP A 1045 31.07 17.70 -20.38
N GLU A 1046 30.17 16.89 -19.84
CA GLU A 1046 30.54 15.65 -19.19
C GLU A 1046 31.10 14.65 -20.19
N LYS A 1047 30.56 14.64 -21.40
CA LYS A 1047 31.05 13.75 -22.45
C LYS A 1047 32.46 14.15 -22.86
N GLN A 1048 32.65 15.44 -23.11
CA GLN A 1048 33.96 15.96 -23.47
C GLN A 1048 34.95 15.80 -22.32
N SER A 1049 34.44 15.84 -21.10
CA SER A 1049 35.27 15.61 -19.92
C SER A 1049 35.85 14.20 -19.94
N GLN A 1050 34.98 13.21 -20.15
CA GLN A 1050 35.39 11.82 -20.18
C GLN A 1050 36.40 11.54 -21.29
N LEU A 1051 36.22 12.20 -22.43
CA LEU A 1051 37.14 12.04 -23.56
C LEU A 1051 38.52 12.61 -23.22
N HIS A 1052 38.53 13.79 -22.62
CA HIS A 1052 39.78 14.45 -22.28
C HIS A 1052 40.50 13.71 -21.16
N ARG A 1053 39.74 13.16 -20.21
CA ARG A 1053 40.32 12.38 -19.13
C ARG A 1053 40.97 11.11 -19.68
N LEU A 1054 40.30 10.49 -20.65
CA LEU A 1054 40.78 9.27 -21.26
C LEU A 1054 42.10 9.48 -21.99
N THR A 1055 42.13 10.49 -22.86
CA THR A 1055 43.33 10.79 -23.64
C THR A 1055 44.47 11.20 -22.72
N GLU A 1056 44.13 11.80 -21.58
CA GLU A 1056 45.13 12.19 -20.60
C GLU A 1056 45.68 10.97 -19.87
N PHE A 1057 44.79 10.03 -19.56
CA PHE A 1057 45.18 8.77 -18.93
C PHE A 1057 46.07 7.96 -19.87
N HIS A 1058 45.65 7.88 -21.13
CA HIS A 1058 46.40 7.14 -22.15
C HIS A 1058 47.79 7.72 -22.34
N GLY A 1059 47.89 9.04 -22.32
CA GLY A 1059 49.18 9.71 -22.47
C GLY A 1059 50.08 9.46 -21.28
N ALA A 1060 49.47 9.25 -20.12
CA ALA A 1060 50.22 9.04 -18.88
C ALA A 1060 50.96 7.71 -18.89
N HIS A 1061 50.28 6.66 -19.34
CA HIS A 1061 50.86 5.32 -19.35
C HIS A 1061 51.12 4.83 -20.76
N GLN A 1062 51.50 5.74 -21.64
CA GLN A 1062 51.73 5.41 -23.05
C GLN A 1062 52.89 4.43 -23.21
N ALA A 1063 53.85 4.49 -22.30
CA ALA A 1063 55.02 3.64 -22.36
C ALA A 1063 54.70 2.19 -21.97
N ASP A 1064 53.96 2.03 -20.88
CA ASP A 1064 53.71 0.70 -20.32
C ASP A 1064 52.45 0.06 -20.87
N ALA A 1065 51.76 0.76 -21.77
CA ALA A 1065 50.48 0.31 -22.30
C ALA A 1065 50.60 -0.98 -23.11
N GLU A 1066 51.36 -0.91 -24.21
CA GLU A 1066 51.53 -2.04 -25.11
C GLU A 1066 52.14 -3.23 -24.38
N ALA A 1067 53.06 -2.95 -23.46
CA ALA A 1067 53.75 -3.99 -22.70
C ALA A 1067 52.78 -4.77 -21.82
N MET A 1068 51.93 -4.05 -21.10
CA MET A 1068 50.98 -4.67 -20.17
C MET A 1068 49.93 -5.48 -20.92
N LEU A 1069 49.40 -4.93 -22.00
CA LEU A 1069 48.40 -5.62 -22.81
C LEU A 1069 48.96 -6.92 -23.38
N ALA A 1070 50.23 -6.88 -23.80
CA ALA A 1070 50.90 -8.06 -24.31
C ALA A 1070 51.01 -9.12 -23.23
N ARG A 1071 51.34 -8.70 -22.01
CA ARG A 1071 51.40 -9.61 -20.88
C ARG A 1071 50.05 -10.26 -20.60
N LEU A 1072 48.99 -9.47 -20.81
CA LEU A 1072 47.63 -9.94 -20.55
C LEU A 1072 47.24 -11.05 -21.51
N ARG A 1073 47.62 -10.91 -22.78
CA ARG A 1073 47.28 -11.93 -23.77
C ARG A 1073 48.08 -13.19 -23.55
N GLN A 1074 49.33 -13.04 -23.09
CA GLN A 1074 50.17 -14.18 -22.77
C GLN A 1074 49.62 -14.94 -21.57
N ALA A 1075 48.88 -14.24 -20.72
CA ALA A 1075 48.25 -14.88 -19.57
C ALA A 1075 47.14 -15.81 -20.02
N VAL A 1076 46.50 -15.47 -21.12
CA VAL A 1076 45.43 -16.29 -21.68
C VAL A 1076 46.02 -17.46 -22.48
N ILE A 1077 47.05 -17.17 -23.27
CA ILE A 1077 47.71 -18.19 -24.08
C ILE A 1077 48.35 -19.26 -23.19
N ASP A 1078 49.16 -18.82 -22.22
CA ASP A 1078 49.82 -19.75 -21.31
C ASP A 1078 48.85 -20.31 -20.28
N ASN A 1079 47.59 -19.88 -20.38
CA ASN A 1079 46.51 -20.39 -19.53
C ASN A 1079 46.78 -20.20 -18.03
N ARG A 1080 47.22 -19.00 -17.67
CA ARG A 1080 47.40 -18.65 -16.27
C ARG A 1080 46.14 -17.94 -15.75
N ASN A 1081 46.25 -17.28 -14.62
CA ASN A 1081 45.11 -16.57 -14.05
C ASN A 1081 44.96 -15.18 -14.67
N VAL A 1082 43.84 -14.96 -15.37
CA VAL A 1082 43.60 -13.71 -16.07
C VAL A 1082 43.38 -12.55 -15.11
N PHE A 1083 42.57 -12.78 -14.08
CA PHE A 1083 42.24 -11.72 -13.14
C PHE A 1083 43.47 -11.21 -12.40
N ALA A 1084 44.40 -12.11 -12.10
CA ALA A 1084 45.63 -11.76 -11.40
C ALA A 1084 46.42 -10.72 -12.18
N VAL A 1085 46.37 -10.80 -13.50
CA VAL A 1085 47.06 -9.85 -14.36
C VAL A 1085 46.24 -8.56 -14.46
N LEU A 1086 44.92 -8.69 -14.42
CA LEU A 1086 44.04 -7.54 -14.47
C LEU A 1086 44.24 -6.61 -13.27
N MET A 1087 44.67 -7.19 -12.15
CA MET A 1087 44.94 -6.42 -10.95
C MET A 1087 46.10 -5.44 -11.17
N ASP A 1088 46.91 -5.70 -12.19
CA ASP A 1088 47.99 -4.81 -12.56
C ASP A 1088 47.65 -4.04 -13.83
N ALA A 1089 46.85 -4.67 -14.68
CA ALA A 1089 46.55 -4.12 -15.99
C ALA A 1089 45.75 -2.82 -15.93
N VAL A 1090 44.81 -2.75 -14.99
CA VAL A 1090 43.91 -1.60 -14.90
C VAL A 1090 44.62 -0.34 -14.42
N ARG A 1091 45.89 -0.47 -14.06
CA ARG A 1091 46.66 0.67 -13.57
C ARG A 1091 47.32 1.46 -14.70
N VAL A 1092 47.47 0.84 -15.86
CA VAL A 1092 48.12 1.49 -16.98
C VAL A 1092 47.30 1.37 -18.26
N CYS A 1093 46.17 0.69 -18.18
CA CYS A 1093 45.33 0.48 -19.35
C CYS A 1093 43.87 0.87 -19.10
N SER A 1094 43.21 1.33 -20.15
CA SER A 1094 41.80 1.69 -20.07
C SER A 1094 40.92 0.46 -20.30
N LEU A 1095 39.63 0.61 -20.02
CA LEU A 1095 38.66 -0.47 -20.16
C LEU A 1095 38.64 -1.02 -21.58
N GLY A 1096 38.58 -0.12 -22.56
CA GLY A 1096 38.55 -0.50 -23.95
C GLY A 1096 39.81 -1.21 -24.41
N GLN A 1097 40.96 -0.70 -23.96
CA GLN A 1097 42.25 -1.31 -24.30
C GLN A 1097 42.32 -2.76 -23.86
N ILE A 1098 41.88 -3.01 -22.63
CA ILE A 1098 41.88 -4.35 -22.06
C ILE A 1098 40.91 -5.27 -22.80
N THR A 1099 39.69 -4.79 -23.00
CA THR A 1099 38.65 -5.56 -23.67
C THR A 1099 39.09 -5.98 -25.07
N HIS A 1100 39.55 -5.01 -25.85
CA HIS A 1100 39.98 -5.29 -27.22
C HIS A 1100 41.23 -6.16 -27.27
N ALA A 1101 42.06 -6.07 -26.23
CA ALA A 1101 43.23 -6.93 -26.15
C ALA A 1101 42.79 -8.37 -25.94
N LEU A 1102 41.79 -8.56 -25.10
CA LEU A 1102 41.26 -9.89 -24.82
C LEU A 1102 40.53 -10.45 -26.03
N PHE A 1103 39.95 -9.58 -26.85
CA PHE A 1103 39.29 -10.00 -28.08
C PHE A 1103 40.26 -10.75 -28.99
N GLU A 1104 41.52 -10.35 -29.00
CA GLU A 1104 42.49 -10.99 -29.86
C GLU A 1104 42.89 -12.38 -29.33
N VAL A 1105 42.48 -12.69 -28.10
CA VAL A 1105 42.93 -13.91 -27.45
C VAL A 1105 41.82 -14.66 -26.71
N GLY A 1106 40.68 -14.00 -26.52
CA GLY A 1106 39.56 -14.62 -25.82
C GLY A 1106 38.31 -14.71 -26.67
N GLY A 1107 38.34 -14.07 -27.83
CA GLY A 1107 37.24 -14.14 -28.78
C GLY A 1107 36.06 -13.25 -28.41
N GLN A 1108 35.06 -13.25 -29.28
CA GLN A 1108 33.86 -12.45 -29.06
C GLN A 1108 32.64 -13.35 -28.91
N TYR A 1109 31.63 -12.84 -28.21
CA TYR A 1109 30.42 -13.60 -27.97
C TYR A 1109 29.68 -13.90 -29.28
N ARG A 1110 29.21 -15.14 -29.41
CA ARG A 1110 28.41 -15.53 -30.56
C ARG A 1110 26.94 -15.54 -30.16
N ARG A 1111 26.19 -14.58 -30.70
CA ARG A 1111 24.78 -14.41 -30.36
C ARG A 1111 23.96 -15.68 -30.60
N ASN A 1112 22.91 -15.87 -29.82
CA ASN A 1112 22.17 -17.13 -29.85
C ASN A 1112 20.68 -16.96 -30.05
N MET A 1113 20.29 -15.97 -30.85
CA MET A 1113 18.89 -15.74 -31.22
C MET A 1113 18.00 -15.44 -30.00
N GLY B 42 -3.16 42.20 40.28
CA GLY B 42 -3.21 42.11 38.82
C GLY B 42 -3.43 43.45 38.16
N PRO B 43 -4.59 43.62 37.53
CA PRO B 43 -4.95 44.87 36.83
C PRO B 43 -5.37 45.98 37.79
N ALA B 44 -5.45 47.22 37.29
CA ALA B 44 -5.82 48.36 38.11
C ALA B 44 -7.31 48.36 38.43
N ASN B 45 -8.13 48.02 37.43
CA ASN B 45 -9.57 47.96 37.61
C ASN B 45 -10.08 46.53 37.71
N LYS B 46 -11.35 46.38 38.03
CA LYS B 46 -12.00 45.08 37.97
C LYS B 46 -12.23 44.71 36.51
N VAL B 47 -11.29 43.96 35.94
CA VAL B 47 -11.33 43.63 34.51
C VAL B 47 -12.09 42.34 34.23
N ARG B 48 -13.11 42.43 33.38
CA ARG B 48 -13.94 41.28 33.06
C ARG B 48 -13.86 40.93 31.57
N PHE B 49 -13.95 39.64 31.27
CA PHE B 49 -13.88 39.14 29.90
C PHE B 49 -15.03 38.20 29.59
N VAL B 50 -15.44 38.17 28.34
CA VAL B 50 -16.35 37.13 27.86
C VAL B 50 -15.62 36.29 26.81
N THR B 51 -15.46 35.01 27.09
CA THR B 51 -14.73 34.12 26.20
C THR B 51 -15.64 33.04 25.62
N ALA B 52 -15.45 32.73 24.34
CA ALA B 52 -16.25 31.73 23.67
C ALA B 52 -15.60 31.27 22.36
N ALA B 53 -16.08 30.16 21.83
CA ALA B 53 -15.68 29.72 20.49
C ALA B 53 -16.76 30.13 19.50
N SER B 54 -16.37 30.41 18.27
CA SER B 54 -17.29 30.91 17.25
C SER B 54 -18.45 29.96 16.99
N LEU B 55 -19.44 30.42 16.22
CA LEU B 55 -20.61 29.62 15.90
C LEU B 55 -20.25 28.35 15.15
N PHE B 56 -20.85 27.24 15.55
CA PHE B 56 -20.61 25.92 14.95
C PHE B 56 -19.14 25.51 15.04
N ASP B 57 -18.44 26.05 16.03
CA ASP B 57 -17.04 25.72 16.22
C ASP B 57 -16.85 24.88 17.49
N GLY B 58 -16.25 23.71 17.34
CA GLY B 58 -16.07 22.79 18.44
C GLY B 58 -14.72 22.93 19.12
N HIS B 59 -13.79 23.58 18.43
CA HIS B 59 -12.44 23.75 18.95
C HIS B 59 -12.40 24.75 20.10
N ASP B 60 -12.18 24.24 21.31
CA ASP B 60 -12.07 25.09 22.48
C ASP B 60 -10.71 24.95 23.17
N ALA B 61 -9.86 24.07 22.62
CA ALA B 61 -8.53 23.84 23.17
C ALA B 61 -7.73 25.14 23.24
N SER B 62 -7.92 25.99 22.24
CA SER B 62 -7.24 27.27 22.20
C SER B 62 -7.83 28.23 23.24
N ILE B 63 -9.14 28.44 23.18
CA ILE B 63 -9.80 29.43 24.03
C ILE B 63 -9.76 29.03 25.50
N ASN B 64 -9.63 27.73 25.78
CA ASN B 64 -9.63 27.27 27.16
C ASN B 64 -8.32 27.59 27.88
N ILE B 65 -7.20 27.53 27.16
CA ILE B 65 -5.92 27.82 27.79
C ILE B 65 -5.68 29.32 27.86
N MET B 66 -6.55 30.10 27.22
CA MET B 66 -6.45 31.56 27.28
C MET B 66 -7.19 32.09 28.49
N ARG B 67 -8.37 31.54 28.75
CA ARG B 67 -9.17 31.97 29.90
C ARG B 67 -8.51 31.53 31.19
N ARG B 68 -7.58 30.59 31.09
CA ARG B 68 -6.82 30.16 32.26
C ARG B 68 -5.75 31.18 32.59
N ILE B 69 -5.06 31.68 31.56
CA ILE B 69 -4.05 32.70 31.77
C ILE B 69 -4.71 34.02 32.15
N LEU B 70 -5.89 34.27 31.58
CA LEU B 70 -6.66 35.46 31.92
C LEU B 70 -7.03 35.47 33.39
N GLN B 71 -7.55 34.33 33.85
CA GLN B 71 -7.98 34.19 35.24
C GLN B 71 -6.81 34.28 36.20
N SER B 72 -5.66 33.74 35.80
CA SER B 72 -4.49 33.71 36.66
C SER B 72 -3.87 35.09 36.81
N GLN B 73 -4.06 35.95 35.81
CA GLN B 73 -3.53 37.30 35.85
C GLN B 73 -4.47 38.25 36.58
N GLY B 74 -5.62 37.73 36.99
CA GLY B 74 -6.52 38.48 37.85
C GLY B 74 -7.74 39.04 37.15
N CYS B 75 -8.27 38.30 36.18
CA CYS B 75 -9.45 38.75 35.45
C CYS B 75 -10.64 37.85 35.70
N GLU B 76 -11.80 38.45 35.91
CA GLU B 76 -13.05 37.70 35.99
C GLU B 76 -13.44 37.29 34.57
N VAL B 77 -13.58 35.98 34.35
CA VAL B 77 -13.86 35.48 33.02
C VAL B 77 -15.23 34.80 32.95
N ILE B 78 -16.14 35.39 32.18
CA ILE B 78 -17.44 34.76 31.94
C ILE B 78 -17.32 33.87 30.71
N HIS B 79 -16.99 32.59 30.94
CA HIS B 79 -16.76 31.65 29.86
C HIS B 79 -18.08 31.11 29.31
N LEU B 80 -18.29 31.27 28.01
CA LEU B 80 -19.54 30.84 27.37
C LEU B 80 -19.41 29.47 26.72
N GLY B 81 -18.20 28.98 26.59
CA GLY B 81 -17.96 27.69 25.99
C GLY B 81 -17.94 27.75 24.46
N HIS B 82 -18.12 26.61 23.82
CA HIS B 82 -18.05 26.50 22.37
C HIS B 82 -19.40 26.74 21.71
N ASN B 83 -19.38 26.86 20.38
CA ASN B 83 -20.59 27.03 19.57
C ASN B 83 -21.47 28.20 20.01
N ARG B 84 -20.98 29.41 19.83
CA ARG B 84 -21.73 30.59 20.22
C ARG B 84 -21.92 31.55 19.06
N SER B 85 -23.16 31.93 18.80
CA SER B 85 -23.46 32.91 17.76
C SER B 85 -23.05 34.30 18.22
N VAL B 86 -23.09 35.26 17.30
CA VAL B 86 -22.79 36.64 17.66
C VAL B 86 -23.85 37.17 18.63
N GLN B 87 -25.12 36.89 18.32
CA GLN B 87 -26.23 37.35 19.15
C GLN B 87 -26.14 36.81 20.57
N GLU B 88 -25.42 35.70 20.75
CA GLU B 88 -25.21 35.13 22.07
C GLU B 88 -24.07 35.84 22.79
N VAL B 89 -22.90 35.90 22.16
CA VAL B 89 -21.71 36.50 22.76
C VAL B 89 -21.93 37.97 23.09
N VAL B 90 -22.52 38.71 22.16
CA VAL B 90 -22.74 40.13 22.35
C VAL B 90 -23.72 40.40 23.49
N THR B 91 -24.84 39.68 23.49
CA THR B 91 -25.84 39.80 24.55
C THR B 91 -25.22 39.53 25.92
N ALA B 92 -24.37 38.51 25.97
CA ALA B 92 -23.66 38.17 27.19
C ALA B 92 -22.75 39.31 27.64
N ALA B 93 -21.87 39.75 26.75
CA ALA B 93 -20.91 40.80 27.08
C ALA B 93 -21.59 42.10 27.50
N LEU B 94 -22.78 42.35 26.96
CA LEU B 94 -23.52 43.57 27.27
C LEU B 94 -24.16 43.51 28.64
N GLN B 95 -24.65 42.34 29.02
CA GLN B 95 -25.30 42.17 30.32
C GLN B 95 -24.26 42.08 31.42
N GLU B 96 -23.12 41.47 31.12
CA GLU B 96 -22.03 41.35 32.08
C GLU B 96 -21.27 42.66 32.20
N ASP B 97 -21.41 43.50 31.18
CA ASP B 97 -20.67 44.76 31.06
C ASP B 97 -19.18 44.53 31.22
N VAL B 98 -18.59 43.88 30.21
CA VAL B 98 -17.17 43.57 30.24
C VAL B 98 -16.36 44.59 29.46
N GLN B 99 -15.04 44.54 29.62
CA GLN B 99 -14.15 45.41 28.88
C GLN B 99 -13.65 44.72 27.61
N GLY B 100 -13.66 43.39 27.63
CA GLY B 100 -13.10 42.63 26.52
C GLY B 100 -13.85 41.37 26.13
N ILE B 101 -13.75 41.02 24.85
CA ILE B 101 -14.34 39.79 24.33
C ILE B 101 -13.27 38.98 23.60
N ALA B 102 -13.09 37.72 23.99
CA ALA B 102 -12.12 36.85 23.35
C ALA B 102 -12.83 35.71 22.63
N ILE B 103 -12.62 35.61 21.32
CA ILE B 103 -13.28 34.60 20.50
C ILE B 103 -12.27 33.78 19.72
N SER B 104 -12.48 32.46 19.67
CA SER B 104 -11.69 31.59 18.82
C SER B 104 -12.53 31.15 17.63
N SER B 105 -11.99 31.28 16.42
CA SER B 105 -12.70 30.84 15.22
C SER B 105 -11.81 30.00 14.32
N TYR B 106 -12.00 28.68 14.37
CA TYR B 106 -11.17 27.76 13.59
C TYR B 106 -11.92 27.15 12.41
N GLN B 107 -13.20 27.47 12.29
CA GLN B 107 -14.02 26.89 11.22
C GLN B 107 -14.00 27.75 9.96
N GLY B 108 -13.43 28.94 10.06
CA GLY B 108 -13.49 29.89 8.98
C GLY B 108 -14.77 30.69 9.09
N GLY B 109 -15.04 31.54 8.10
CA GLY B 109 -16.17 32.43 8.16
C GLY B 109 -15.97 33.44 9.28
N HIS B 110 -14.70 33.64 9.63
CA HIS B 110 -14.33 34.51 10.75
C HIS B 110 -14.41 35.97 10.38
N VAL B 111 -14.15 36.29 9.12
CA VAL B 111 -14.22 37.68 8.65
C VAL B 111 -15.65 38.20 8.79
N GLU B 112 -16.61 37.42 8.30
CA GLU B 112 -18.02 37.77 8.41
C GLU B 112 -18.45 37.79 9.87
N TYR B 113 -17.94 36.83 10.65
CA TYR B 113 -18.32 36.68 12.05
C TYR B 113 -17.91 37.89 12.88
N PHE B 114 -16.62 38.23 12.84
CA PHE B 114 -16.10 39.34 13.63
C PHE B 114 -16.67 40.68 13.17
N LYS B 115 -16.87 40.83 11.86
CA LYS B 115 -17.49 42.05 11.33
C LYS B 115 -18.89 42.22 11.89
N TYR B 116 -19.64 41.12 11.93
CA TYR B 116 -20.99 41.13 12.50
C TYR B 116 -20.93 41.56 13.96
N MET B 117 -19.99 40.98 14.69
CA MET B 117 -19.87 41.26 16.13
C MET B 117 -19.52 42.73 16.37
N ILE B 118 -18.53 43.24 15.64
CA ILE B 118 -18.14 44.63 15.75
C ILE B 118 -19.31 45.54 15.47
N ASP B 119 -20.06 45.23 14.41
CA ASP B 119 -21.24 46.01 14.04
C ASP B 119 -22.31 45.99 15.11
N LEU B 120 -22.59 44.79 15.64
CA LEU B 120 -23.66 44.62 16.60
C LEU B 120 -23.33 45.30 17.93
N LEU B 121 -22.06 45.32 18.27
CA LEU B 121 -21.62 45.96 19.51
C LEU B 121 -21.82 47.47 19.48
N ARG B 122 -21.44 48.09 18.38
CA ARG B 122 -21.56 49.53 18.22
C ARG B 122 -23.04 49.95 18.19
N GLU B 123 -23.86 49.11 17.58
CA GLU B 123 -25.27 49.40 17.41
C GLU B 123 -26.01 49.41 18.76
N HIS B 124 -25.52 48.61 19.70
CA HIS B 124 -26.22 48.44 20.98
C HIS B 124 -25.39 48.87 22.18
N GLY B 125 -24.69 49.99 22.06
CA GLY B 125 -23.97 50.58 23.17
C GLY B 125 -22.87 49.71 23.75
N GLY B 126 -21.97 49.26 22.90
CA GLY B 126 -20.84 48.45 23.32
C GLY B 126 -19.61 48.78 22.51
N GLU B 127 -19.54 50.00 22.01
CA GLU B 127 -18.43 50.44 21.19
C GLU B 127 -17.11 50.41 21.96
N HIS B 128 -17.17 50.66 23.26
CA HIS B 128 -15.97 50.72 24.09
C HIS B 128 -15.43 49.33 24.45
N ILE B 129 -16.23 48.30 24.18
CA ILE B 129 -15.80 46.93 24.41
C ILE B 129 -14.83 46.47 23.33
N GLN B 130 -13.64 46.03 23.74
CA GLN B 130 -12.64 45.58 22.78
C GLN B 130 -12.79 44.10 22.45
N VAL B 131 -12.60 43.75 21.18
CA VAL B 131 -12.75 42.37 20.74
C VAL B 131 -11.42 41.76 20.30
N PHE B 132 -11.10 40.61 20.87
CA PHE B 132 -9.86 39.90 20.53
C PHE B 132 -10.17 38.55 19.90
N GLY B 133 -9.31 38.12 18.99
CA GLY B 133 -9.56 36.87 18.29
C GLY B 133 -8.31 36.06 18.01
N GLY B 134 -8.54 34.81 17.60
CA GLY B 134 -7.46 33.91 17.22
C GLY B 134 -8.03 32.67 16.57
N GLY B 135 -7.33 32.14 15.57
CA GLY B 135 -7.77 30.95 14.89
C GLY B 135 -6.61 30.16 14.31
N GLY B 136 -5.42 30.41 14.82
CA GLY B 136 -4.24 29.75 14.32
C GLY B 136 -3.94 30.18 12.90
N GLY B 137 -3.69 29.20 12.02
CA GLY B 137 -3.34 29.47 10.65
C GLY B 137 -4.54 29.72 9.76
N VAL B 138 -5.73 29.45 10.27
CA VAL B 138 -6.97 29.64 9.52
C VAL B 138 -7.14 31.10 9.12
N ILE B 139 -6.90 32.01 10.05
CA ILE B 139 -6.98 33.44 9.78
C ILE B 139 -5.66 33.95 9.19
N VAL B 140 -5.62 34.06 7.86
CA VAL B 140 -4.42 34.51 7.16
C VAL B 140 -4.12 35.98 7.47
N PRO B 141 -2.83 36.39 7.34
CA PRO B 141 -2.38 37.76 7.62
C PRO B 141 -3.25 38.86 7.01
N ASP B 142 -3.66 38.70 5.76
CA ASP B 142 -4.47 39.71 5.09
C ASP B 142 -5.80 39.94 5.79
N GLU B 143 -6.40 38.85 6.28
CA GLU B 143 -7.68 38.93 6.96
C GLU B 143 -7.53 39.55 8.35
N ILE B 144 -6.35 39.43 8.92
CA ILE B 144 -6.08 40.03 10.23
C ILE B 144 -6.01 41.54 10.11
N ARG B 145 -5.24 42.01 9.13
CA ARG B 145 -5.13 43.44 8.87
C ARG B 145 -6.48 44.04 8.54
N GLU B 146 -7.29 43.26 7.83
CA GLU B 146 -8.64 43.70 7.46
C GLU B 146 -9.52 43.84 8.69
N LEU B 147 -9.57 42.79 9.51
CA LEU B 147 -10.42 42.77 10.69
C LEU B 147 -9.97 43.79 11.72
N GLN B 148 -8.66 43.91 11.91
CA GLN B 148 -8.13 44.88 12.88
C GLN B 148 -8.41 46.30 12.41
N ALA B 149 -8.46 46.49 11.10
CA ALA B 149 -8.81 47.77 10.52
C ALA B 149 -10.30 48.05 10.68
N TYR B 150 -11.08 46.98 10.69
CA TYR B 150 -12.54 47.09 10.79
C TYR B 150 -12.96 47.57 12.17
N GLY B 151 -12.27 47.09 13.21
CA GLY B 151 -12.58 47.48 14.57
C GLY B 151 -12.05 46.53 15.63
N VAL B 152 -11.71 45.31 15.20
CA VAL B 152 -11.17 44.29 16.10
C VAL B 152 -9.87 44.77 16.73
N ALA B 153 -9.76 44.63 18.06
CA ALA B 153 -8.58 45.07 18.79
C ALA B 153 -7.32 44.37 18.30
N ARG B 154 -7.26 43.06 18.46
CA ARG B 154 -6.13 42.27 18.00
C ARG B 154 -6.55 40.85 17.62
N ILE B 155 -5.99 40.34 16.54
CA ILE B 155 -6.12 38.93 16.22
C ILE B 155 -4.75 38.30 16.14
N TYR B 156 -4.53 37.26 16.95
CA TYR B 156 -3.20 36.70 17.14
C TYR B 156 -2.94 35.51 16.23
N SER B 157 -1.85 35.60 15.47
CA SER B 157 -1.40 34.51 14.61
C SER B 157 -0.50 33.58 15.41
N PRO B 158 -0.25 32.36 14.89
CA PRO B 158 0.70 31.46 15.55
C PRO B 158 2.09 32.07 15.69
N GLU B 159 2.43 32.98 14.77
CA GLU B 159 3.71 33.68 14.83
C GLU B 159 3.71 34.69 15.96
N ASP B 160 2.56 35.30 16.23
CA ASP B 160 2.43 36.22 17.36
C ASP B 160 2.63 35.47 18.67
N GLY B 161 2.07 34.27 18.75
CA GLY B 161 2.18 33.45 19.94
C GLY B 161 3.61 33.06 20.23
N GLN B 162 4.40 32.84 19.19
CA GLN B 162 5.80 32.48 19.37
C GLN B 162 6.62 33.67 19.85
N ARG B 163 6.37 34.83 19.26
CA ARG B 163 7.13 36.03 19.59
C ARG B 163 6.74 36.58 20.97
N MET B 164 5.44 36.66 21.22
CA MET B 164 4.94 37.25 22.45
C MET B 164 4.92 36.26 23.62
N GLY B 165 4.72 34.99 23.31
CA GLY B 165 4.53 33.98 24.34
C GLY B 165 3.07 33.94 24.76
N LEU B 166 2.66 32.84 25.36
CA LEU B 166 1.26 32.70 25.78
C LEU B 166 0.87 33.74 26.81
N ALA B 167 1.72 33.95 27.80
CA ALA B 167 1.47 34.97 28.82
C ALA B 167 1.55 36.37 28.22
N GLY B 168 2.42 36.51 27.22
CA GLY B 168 2.62 37.79 26.56
C GLY B 168 1.39 38.31 25.85
N MET B 169 0.68 37.41 25.16
CA MET B 169 -0.57 37.76 24.49
C MET B 169 -1.61 38.24 25.49
N ILE B 170 -1.79 37.46 26.55
CA ILE B 170 -2.81 37.74 27.54
C ILE B 170 -2.48 39.00 28.33
N THR B 171 -1.19 39.23 28.56
CA THR B 171 -0.75 40.47 29.19
C THR B 171 -1.13 41.66 28.32
N ASP B 172 -0.79 41.57 27.04
CA ASP B 172 -1.15 42.61 26.07
C ASP B 172 -2.66 42.78 26.02
N MET B 173 -3.37 41.67 26.06
CA MET B 173 -4.83 41.67 25.97
C MET B 173 -5.45 42.28 27.21
N ALA B 174 -4.89 41.98 28.37
CA ALA B 174 -5.44 42.46 29.63
C ALA B 174 -5.14 43.94 29.85
N GLN B 175 -3.93 44.36 29.48
CA GLN B 175 -3.53 45.75 29.66
C GLN B 175 -4.35 46.71 28.80
N ARG B 176 -4.87 46.19 27.68
CA ARG B 176 -5.72 46.99 26.81
C ARG B 176 -7.09 47.22 27.45
N CYS B 177 -7.62 46.19 28.10
CA CYS B 177 -8.95 46.26 28.69
C CYS B 177 -8.93 46.78 30.12
N ASP B 178 -7.76 47.20 30.58
CA ASP B 178 -7.63 47.73 31.93
C ASP B 178 -8.21 49.14 32.02
N ILE B 179 -9.53 49.25 31.91
CA ILE B 179 -10.21 50.54 31.94
C ILE B 179 -11.36 50.54 32.93
N ASP B 180 -11.69 51.72 33.46
CA ASP B 180 -12.76 51.86 34.44
C ASP B 180 -14.10 52.10 33.75
N LEU B 181 -15.02 51.16 33.90
CA LEU B 181 -16.31 51.23 33.22
C LEU B 181 -17.36 52.02 33.98
N THR B 182 -17.00 52.52 35.15
CA THR B 182 -17.98 53.20 36.01
C THR B 182 -18.35 54.57 35.47
N ARG B 183 -17.59 55.06 34.49
CA ARG B 183 -17.88 56.35 33.86
C ARG B 183 -19.08 56.24 32.94
N TYR B 184 -19.35 55.04 32.44
CA TYR B 184 -20.47 54.81 31.54
C TYR B 184 -21.76 54.52 32.31
N ALA B 185 -21.64 54.47 33.63
CA ALA B 185 -22.78 54.17 34.49
C ALA B 185 -23.74 55.36 34.56
N PRO B 186 -25.05 55.07 34.58
CA PRO B 186 -26.07 56.11 34.69
C PRO B 186 -26.01 56.82 36.04
N THR B 187 -26.38 58.09 36.06
CA THR B 187 -26.36 58.88 37.28
C THR B 187 -27.77 58.98 37.88
N THR B 188 -28.77 58.74 37.05
CA THR B 188 -30.16 58.73 37.51
C THR B 188 -30.83 57.40 37.13
N LEU B 189 -31.87 57.04 37.87
CA LEU B 189 -32.56 55.76 37.65
C LEU B 189 -33.54 55.82 36.50
N ASP B 190 -33.63 56.98 35.85
CA ASP B 190 -34.58 57.19 34.75
C ASP B 190 -34.45 56.14 33.66
N THR B 191 -33.21 55.89 33.22
CA THR B 191 -32.96 54.92 32.17
C THR B 191 -33.29 53.50 32.62
N VAL B 192 -32.84 53.13 33.82
CA VAL B 192 -32.99 51.77 34.32
C VAL B 192 -34.45 51.37 34.54
N VAL B 193 -35.21 52.24 35.20
CA VAL B 193 -36.60 51.97 35.51
C VAL B 193 -37.43 51.87 34.23
N ALA B 194 -37.06 52.66 33.22
CA ALA B 194 -37.75 52.66 31.94
C ALA B 194 -37.74 51.29 31.28
N GLY B 195 -36.68 50.53 31.54
CA GLY B 195 -36.57 49.19 30.99
C GLY B 195 -35.26 48.96 30.25
N ASP B 196 -34.39 49.96 30.27
CA ASP B 196 -33.09 49.86 29.63
C ASP B 196 -32.26 48.79 30.35
N ARG B 197 -31.96 47.71 29.63
CA ARG B 197 -31.23 46.60 30.22
C ARG B 197 -29.72 46.85 30.20
N ARG B 198 -29.26 47.65 29.23
CA ARG B 198 -27.85 47.99 29.15
C ARG B 198 -27.48 49.01 30.22
N ALA B 199 -28.39 49.92 30.52
CA ALA B 199 -28.19 50.87 31.60
C ALA B 199 -28.20 50.15 32.94
N LEU B 200 -29.04 49.12 33.04
CA LEU B 200 -29.08 48.29 34.24
C LEU B 200 -27.77 47.56 34.43
N ALA B 201 -27.23 47.01 33.35
CA ALA B 201 -25.99 46.26 33.39
C ALA B 201 -24.82 47.14 33.82
N GLN B 202 -24.88 48.41 33.46
CA GLN B 202 -23.82 49.35 33.78
C GLN B 202 -23.97 49.90 35.20
N LEU B 203 -25.22 50.09 35.62
CA LEU B 203 -25.49 50.56 36.97
C LEU B 203 -25.00 49.53 37.99
N ILE B 204 -25.11 48.25 37.63
CA ILE B 204 -24.64 47.17 38.49
C ILE B 204 -23.13 47.22 38.64
N THR B 205 -22.43 47.49 37.55
CA THR B 205 -20.97 47.60 37.57
C THR B 205 -20.55 48.77 38.47
N ALA B 206 -21.40 49.78 38.56
CA ALA B 206 -21.15 50.92 39.42
C ALA B 206 -21.41 50.56 40.89
N LEU B 207 -22.51 49.86 41.13
CA LEU B 207 -22.87 49.45 42.48
C LEU B 207 -21.88 48.43 43.04
N GLU B 208 -21.45 47.50 42.19
CA GLU B 208 -20.53 46.45 42.61
C GLU B 208 -19.16 47.01 43.00
N ASN B 209 -18.72 48.03 42.27
CA ASN B 209 -17.43 48.65 42.53
C ASN B 209 -17.54 49.76 43.56
N GLY B 210 -18.76 50.02 44.01
CA GLY B 210 -19.00 51.01 45.05
C GLY B 210 -18.76 52.44 44.61
N LYS B 211 -18.78 52.67 43.30
CA LYS B 211 -18.57 54.01 42.76
C LYS B 211 -19.88 54.73 42.55
N ALA B 212 -20.97 54.13 43.02
CA ALA B 212 -22.29 54.74 42.90
C ALA B 212 -22.55 55.72 44.04
N ASP B 213 -23.20 56.83 43.71
CA ASP B 213 -23.49 57.88 44.70
C ASP B 213 -24.44 57.38 45.78
N PRO B 214 -24.14 57.71 47.05
CA PRO B 214 -24.93 57.31 48.21
C PRO B 214 -26.40 57.72 48.11
N GLU B 215 -26.67 58.91 47.59
CA GLU B 215 -28.05 59.38 47.44
C GLU B 215 -28.78 58.59 46.35
N LEU B 216 -28.00 58.08 45.40
CA LEU B 216 -28.55 57.25 44.33
C LEU B 216 -28.86 55.85 44.83
N VAL B 217 -28.02 55.35 45.74
CA VAL B 217 -28.19 54.02 46.31
C VAL B 217 -29.47 53.93 47.14
N SER B 218 -29.65 54.89 48.05
CA SER B 218 -30.83 54.90 48.91
C SER B 218 -32.09 55.14 48.09
N ALA B 219 -31.98 55.91 47.02
CA ALA B 219 -33.10 56.16 46.13
C ALA B 219 -33.48 54.89 45.37
N LEU B 220 -32.49 54.04 45.14
CA LEU B 220 -32.69 52.78 44.45
C LEU B 220 -33.39 51.77 45.34
N HIS B 221 -32.95 51.68 46.60
CA HIS B 221 -33.57 50.79 47.58
C HIS B 221 -34.98 51.23 47.90
N ALA B 222 -35.21 52.54 47.87
CA ALA B 222 -36.53 53.11 48.16
C ALA B 222 -37.55 52.65 47.13
N GLN B 223 -37.14 52.65 45.86
CA GLN B 223 -38.03 52.23 44.80
C GLN B 223 -38.08 50.71 44.68
N ALA B 224 -37.02 50.05 45.17
CA ALA B 224 -36.97 48.60 45.19
C ALA B 224 -37.95 48.04 46.23
N LYS B 225 -38.12 48.78 47.31
CA LYS B 225 -39.06 48.39 48.36
C LYS B 225 -40.50 48.51 47.86
N ALA B 226 -40.78 49.59 47.13
CA ALA B 226 -42.10 49.82 46.58
C ALA B 226 -42.37 48.93 45.37
N ALA B 227 -41.29 48.40 44.79
CA ALA B 227 -41.40 47.54 43.61
C ALA B 227 -42.16 46.26 43.94
N ALA B 228 -41.90 45.73 45.13
CA ALA B 228 -42.56 44.52 45.63
C ALA B 228 -42.43 43.35 44.66
N VAL B 229 -41.21 42.84 44.49
CA VAL B 229 -40.98 41.67 43.66
C VAL B 229 -40.26 40.57 44.45
N PRO B 230 -40.68 39.32 44.24
CA PRO B 230 -40.10 38.18 44.97
C PRO B 230 -38.65 37.92 44.58
N VAL B 231 -37.82 37.59 45.57
CA VAL B 231 -36.42 37.26 45.31
C VAL B 231 -36.10 35.84 45.76
N LEU B 232 -35.88 34.95 44.80
CA LEU B 232 -35.56 33.56 45.10
C LEU B 232 -34.05 33.34 45.20
N GLY B 233 -33.60 32.82 46.33
CA GLY B 233 -32.20 32.51 46.52
C GLY B 233 -31.93 31.03 46.33
N ILE B 234 -30.90 30.71 45.56
CA ILE B 234 -30.52 29.33 45.33
C ILE B 234 -29.08 29.10 45.77
N THR B 235 -28.91 28.37 46.87
CA THR B 235 -27.58 28.09 47.40
C THR B 235 -27.39 26.59 47.58
N GLY B 236 -26.16 26.18 47.87
CA GLY B 236 -25.87 24.77 48.05
C GLY B 236 -24.39 24.44 47.89
N THR B 237 -24.05 23.17 48.07
CA THR B 237 -22.67 22.73 47.97
C THR B 237 -22.15 22.89 46.55
N GLY B 238 -20.83 22.88 46.40
CA GLY B 238 -20.20 23.11 45.12
C GLY B 238 -20.43 21.99 44.12
N GLY B 239 -20.85 22.35 42.92
CA GLY B 239 -21.05 21.38 41.85
C GLY B 239 -22.28 20.53 42.00
N ALA B 240 -23.13 20.86 42.96
CA ALA B 240 -24.34 20.08 43.22
C ALA B 240 -25.31 20.15 42.05
N GLY B 241 -25.33 21.29 41.38
CA GLY B 241 -26.20 21.48 40.23
C GLY B 241 -27.05 22.73 40.35
N LYS B 242 -26.54 23.71 41.08
CA LYS B 242 -27.27 24.96 41.32
C LYS B 242 -27.57 25.69 40.01
N SER B 243 -26.57 25.80 39.14
CA SER B 243 -26.75 26.47 37.86
C SER B 243 -27.67 25.67 36.94
N SER B 244 -27.44 24.36 36.86
CA SER B 244 -28.23 23.50 35.98
C SER B 244 -29.70 23.46 36.41
N LEU B 245 -29.93 23.43 37.71
CA LEU B 245 -31.29 23.41 38.24
C LEU B 245 -31.96 24.75 38.02
N THR B 246 -31.19 25.82 38.15
CA THR B 246 -31.69 27.17 37.92
C THR B 246 -32.20 27.34 36.50
N ASP B 247 -31.40 26.88 35.54
CA ASP B 247 -31.77 26.94 34.14
C ASP B 247 -33.06 26.18 33.87
N GLU B 248 -33.14 24.96 34.39
CA GLU B 248 -34.31 24.12 34.20
C GLU B 248 -35.57 24.75 34.79
N LEU B 249 -35.44 25.34 35.97
CA LEU B 249 -36.57 26.02 36.61
C LEU B 249 -37.07 27.18 35.78
N ILE B 250 -36.14 27.94 35.19
CA ILE B 250 -36.51 29.05 34.32
C ILE B 250 -37.24 28.54 33.10
N ARG B 251 -36.78 27.43 32.57
CA ARG B 251 -37.41 26.82 31.40
C ARG B 251 -38.83 26.38 31.73
N ARG B 252 -39.04 25.92 32.96
CA ARG B 252 -40.38 25.59 33.43
C ARG B 252 -41.24 26.85 33.46
N PHE B 253 -40.66 27.95 33.94
CA PHE B 253 -41.37 29.22 34.03
C PHE B 253 -41.82 29.71 32.66
N ARG B 254 -40.96 29.55 31.67
CA ARG B 254 -41.25 30.01 30.32
C ARG B 254 -42.35 29.16 29.68
N LEU B 255 -42.23 27.84 29.78
CA LEU B 255 -43.22 26.94 29.19
C LEU B 255 -44.58 27.05 29.87
N ASP B 256 -44.56 27.35 31.16
CA ASP B 256 -45.78 27.38 31.95
C ASP B 256 -46.55 28.68 31.75
N GLN B 257 -45.82 29.78 31.57
CA GLN B 257 -46.42 31.10 31.53
C GLN B 257 -46.34 31.73 30.14
N ASP B 258 -45.93 30.95 29.15
CA ASP B 258 -45.81 31.41 27.77
C ASP B 258 -44.89 32.63 27.68
N ASP B 259 -43.75 32.54 28.36
CA ASP B 259 -42.73 33.59 28.35
C ASP B 259 -43.27 34.97 28.71
N ALA B 260 -44.21 35.02 29.65
CA ALA B 260 -44.82 36.28 30.05
C ALA B 260 -44.10 36.88 31.26
N LEU B 261 -43.19 36.12 31.85
CA LEU B 261 -42.49 36.58 33.05
C LEU B 261 -41.11 37.17 32.73
N SER B 262 -40.81 38.30 33.36
CA SER B 262 -39.51 38.93 33.23
C SER B 262 -38.61 38.53 34.40
N ILE B 263 -37.63 37.67 34.11
CA ILE B 263 -36.79 37.11 35.17
C ILE B 263 -35.37 37.65 35.14
N ALA B 264 -34.87 38.05 36.31
CA ALA B 264 -33.50 38.51 36.45
C ALA B 264 -32.68 37.49 37.22
N VAL B 265 -31.53 37.09 36.66
CA VAL B 265 -30.70 36.07 37.29
C VAL B 265 -29.35 36.62 37.71
N ILE B 266 -29.04 36.49 39.00
CA ILE B 266 -27.76 36.95 39.53
C ILE B 266 -26.94 35.77 40.06
N SER B 267 -26.01 35.28 39.24
CA SER B 267 -25.19 34.15 39.64
C SER B 267 -23.85 34.60 40.18
N ILE B 268 -23.48 34.03 41.33
CA ILE B 268 -22.23 34.37 41.99
C ILE B 268 -21.30 33.17 42.03
N ASP B 269 -20.04 33.38 41.66
CA ASP B 269 -19.04 32.33 41.69
C ASP B 269 -17.81 32.81 42.45
N PRO B 270 -17.08 31.88 43.08
CA PRO B 270 -15.98 32.31 43.95
C PRO B 270 -14.81 32.85 43.15
N SER B 271 -14.14 33.86 43.70
CA SER B 271 -12.91 34.35 43.12
C SER B 271 -11.75 33.77 43.92
N ARG B 272 -10.78 33.20 43.23
CA ARG B 272 -9.61 32.64 43.90
C ARG B 272 -8.73 33.77 44.44
N ARG B 273 -8.36 33.67 45.71
CA ARG B 273 -7.64 34.73 46.39
C ARG B 273 -6.21 34.90 45.88
N LYS B 274 -5.61 33.81 45.41
CA LYS B 274 -4.24 33.85 44.93
C LYS B 274 -4.17 34.56 43.58
N SER B 275 -4.95 34.09 42.62
CA SER B 275 -5.00 34.68 41.28
C SER B 275 -5.49 36.12 41.33
N GLY B 276 -6.50 36.36 42.16
CA GLY B 276 -7.14 37.66 42.22
C GLY B 276 -8.33 37.69 41.28
N GLY B 277 -8.33 36.78 40.32
CA GLY B 277 -9.37 36.70 39.32
C GLY B 277 -10.47 35.73 39.71
N ALA B 278 -11.26 35.32 38.72
CA ALA B 278 -12.37 34.42 38.95
C ALA B 278 -12.81 33.74 37.67
N LEU B 279 -13.40 32.57 37.79
CA LEU B 279 -14.01 31.90 36.65
C LEU B 279 -15.52 31.91 36.80
N LEU B 280 -16.17 32.98 36.36
CA LEU B 280 -17.62 33.04 36.45
C LEU B 280 -18.24 32.02 35.51
N GLY B 281 -18.33 30.78 35.97
CA GLY B 281 -18.80 29.69 35.14
C GLY B 281 -20.19 29.19 35.52
N ASP B 282 -21.17 30.08 35.42
CA ASP B 282 -22.57 29.70 35.63
C ASP B 282 -23.37 29.92 34.36
N ARG B 283 -23.03 30.97 33.64
CA ARG B 283 -23.76 31.34 32.43
C ARG B 283 -23.63 30.26 31.35
N ILE B 284 -22.52 29.54 31.38
CA ILE B 284 -22.25 28.52 30.37
C ILE B 284 -23.27 27.38 30.44
N ARG B 285 -23.83 27.16 31.63
CA ARG B 285 -24.79 26.08 31.85
C ARG B 285 -26.21 26.51 31.47
N MET B 286 -26.42 27.82 31.39
CA MET B 286 -27.74 28.36 31.10
C MET B 286 -28.10 28.28 29.62
N ASN B 287 -29.14 27.52 29.30
CA ASN B 287 -29.60 27.40 27.92
C ASN B 287 -30.96 28.04 27.70
N ALA B 288 -31.66 28.33 28.78
CA ALA B 288 -33.02 28.83 28.70
C ALA B 288 -33.09 30.33 28.92
N ILE B 289 -31.95 30.98 29.05
CA ILE B 289 -31.92 32.41 29.35
C ILE B 289 -31.83 33.26 28.08
N ASN B 290 -31.87 32.62 26.93
CA ASN B 290 -31.80 33.34 25.66
C ASN B 290 -33.16 33.86 25.23
N HIS B 291 -33.57 34.98 25.84
CA HIS B 291 -34.86 35.59 25.57
C HIS B 291 -34.86 37.00 26.15
N PRO B 292 -35.48 37.95 25.42
CA PRO B 292 -35.54 39.36 25.84
C PRO B 292 -36.09 39.59 27.25
N ASN B 293 -36.95 38.71 27.73
CA ASN B 293 -37.52 38.84 29.07
C ASN B 293 -36.60 38.31 30.16
N ILE B 294 -35.49 37.70 29.75
CA ILE B 294 -34.54 37.14 30.71
C ILE B 294 -33.24 37.96 30.74
N PHE B 295 -32.80 38.29 31.94
CA PHE B 295 -31.55 39.03 32.13
C PHE B 295 -30.65 38.30 33.12
N MET B 296 -29.36 38.21 32.81
CA MET B 296 -28.44 37.54 33.71
C MET B 296 -27.10 38.27 33.85
N ARG B 297 -26.67 38.45 35.09
CA ARG B 297 -25.39 39.07 35.39
C ARG B 297 -24.55 38.15 36.28
N SER B 298 -23.29 37.95 35.90
CA SER B 298 -22.39 37.09 36.67
C SER B 298 -21.48 37.92 37.57
N LEU B 299 -21.54 37.66 38.87
CA LEU B 299 -20.73 38.39 39.84
C LEU B 299 -19.66 37.50 40.47
N ALA B 300 -18.48 38.06 40.67
CA ALA B 300 -17.45 37.38 41.46
C ALA B 300 -17.60 37.77 42.92
N THR B 301 -17.29 36.85 43.82
CA THR B 301 -17.41 37.10 45.25
C THR B 301 -16.51 38.26 45.69
N ARG B 302 -15.26 38.23 45.24
CA ARG B 302 -14.27 39.24 45.61
C ARG B 302 -14.11 39.33 47.13
N GLU B 303 -14.46 38.26 47.82
CA GLU B 303 -14.34 38.19 49.27
C GLU B 303 -13.79 36.83 49.69
N ALA B 304 -12.95 36.83 50.72
CA ALA B 304 -12.24 35.65 51.15
C ALA B 304 -13.14 34.47 51.48
N GLY B 305 -14.03 34.64 52.45
CA GLY B 305 -14.82 33.53 52.96
C GLY B 305 -16.26 33.49 52.51
N SER B 306 -16.79 34.62 52.06
CA SER B 306 -18.20 34.73 51.72
C SER B 306 -18.57 33.92 50.48
N GLU B 307 -19.84 33.53 50.41
CA GLU B 307 -20.35 32.80 49.26
C GLU B 307 -21.17 33.71 48.36
N ILE B 308 -21.26 34.98 48.74
CA ILE B 308 -21.96 35.97 47.93
C ILE B 308 -21.11 37.22 47.74
N SER B 309 -21.48 38.06 46.78
CA SER B 309 -20.82 39.34 46.58
C SER B 309 -21.18 40.30 47.70
N GLN B 310 -20.21 41.11 48.12
CA GLN B 310 -20.43 42.07 49.20
C GLN B 310 -21.35 43.21 48.76
N ALA B 311 -21.70 43.23 47.47
CA ALA B 311 -22.56 44.27 46.92
C ALA B 311 -23.89 43.69 46.44
N LEU B 312 -24.20 42.48 46.87
CA LEU B 312 -25.42 41.79 46.46
C LEU B 312 -26.72 42.55 46.77
N PRO B 313 -26.84 43.20 47.96
CA PRO B 313 -28.12 43.88 48.20
C PRO B 313 -28.38 45.04 47.24
N ASP B 314 -27.33 45.71 46.79
CA ASP B 314 -27.48 46.79 45.83
C ASP B 314 -27.90 46.26 44.46
N VAL B 315 -27.24 45.20 44.02
CA VAL B 315 -27.51 44.60 42.71
C VAL B 315 -28.95 44.08 42.64
N ILE B 316 -29.38 43.41 43.71
CA ILE B 316 -30.74 42.89 43.80
C ILE B 316 -31.75 44.03 43.72
N ALA B 317 -31.51 45.07 44.50
CA ALA B 317 -32.38 46.24 44.52
C ALA B 317 -32.50 46.88 43.14
N ALA B 318 -31.40 46.86 42.39
CA ALA B 318 -31.37 47.44 41.06
C ALA B 318 -32.30 46.68 40.11
N CYS B 319 -32.36 45.36 40.27
CA CYS B 319 -33.22 44.53 39.45
C CYS B 319 -34.68 44.69 39.84
N LYS B 320 -34.93 44.87 41.13
CA LYS B 320 -36.29 45.06 41.61
C LYS B 320 -36.89 46.34 41.04
N ALA B 321 -36.07 47.38 40.95
CA ALA B 321 -36.52 48.67 40.44
C ALA B 321 -36.70 48.64 38.93
N ALA B 322 -36.07 47.67 38.27
CA ALA B 322 -36.15 47.55 36.82
C ALA B 322 -37.41 46.81 36.38
N ARG B 323 -38.34 46.66 37.32
CA ARG B 323 -39.65 46.05 37.07
C ARG B 323 -39.55 44.62 36.54
N PHE B 324 -38.74 43.80 37.19
CA PHE B 324 -38.69 42.37 36.88
C PHE B 324 -39.74 41.63 37.70
N ASP B 325 -40.31 40.57 37.14
CA ASP B 325 -41.35 39.82 37.82
C ASP B 325 -40.77 38.91 38.90
N LEU B 326 -39.49 38.56 38.76
CA LEU B 326 -38.83 37.66 39.70
C LEU B 326 -37.31 37.78 39.60
N VAL B 327 -36.65 37.83 40.75
CA VAL B 327 -35.19 37.86 40.79
C VAL B 327 -34.64 36.59 41.42
N ILE B 328 -33.73 35.93 40.71
CA ILE B 328 -33.15 34.68 41.19
C ILE B 328 -31.64 34.84 41.43
N VAL B 329 -31.19 34.42 42.62
CA VAL B 329 -29.80 34.57 42.99
C VAL B 329 -29.13 33.24 43.27
N GLU B 330 -28.05 32.94 42.54
CA GLU B 330 -27.25 31.75 42.79
C GLU B 330 -25.96 32.12 43.50
N THR B 331 -25.70 31.48 44.63
CA THR B 331 -24.46 31.71 45.36
C THR B 331 -23.36 30.78 44.87
N SER B 332 -22.18 30.90 45.46
CA SER B 332 -21.09 29.98 45.14
C SER B 332 -21.22 28.73 45.99
N GLY B 333 -20.32 27.77 45.80
CA GLY B 333 -20.35 26.55 46.58
C GLY B 333 -20.14 26.85 48.05
N ILE B 334 -21.08 26.38 48.89
CA ILE B 334 -21.02 26.66 50.32
C ILE B 334 -20.63 25.44 51.13
N GLY B 335 -20.36 25.66 52.42
CA GLY B 335 -20.07 24.58 53.33
C GLY B 335 -21.24 24.31 54.27
N GLN B 336 -20.96 23.70 55.41
CA GLN B 336 -21.99 23.39 56.38
C GLN B 336 -22.47 24.63 57.13
N GLY B 337 -21.52 25.45 57.58
CA GLY B 337 -21.84 26.60 58.40
C GLY B 337 -22.36 27.82 57.65
N ASP B 338 -22.28 27.79 56.32
CA ASP B 338 -22.67 28.94 55.50
C ASP B 338 -24.18 29.02 55.25
N ALA B 339 -24.71 30.24 55.32
CA ALA B 339 -26.10 30.53 54.98
C ALA B 339 -26.29 32.05 54.83
N ALA B 340 -25.40 32.67 54.06
CA ALA B 340 -25.40 34.13 53.94
C ALA B 340 -26.45 34.63 52.95
N ILE B 341 -27.10 33.71 52.26
CA ILE B 341 -28.08 34.08 51.24
C ILE B 341 -29.45 34.34 51.86
N VAL B 342 -29.68 33.77 53.03
CA VAL B 342 -30.98 33.82 53.70
C VAL B 342 -31.53 35.23 53.97
N PRO B 343 -30.71 36.16 54.50
CA PRO B 343 -31.33 37.45 54.83
C PRO B 343 -31.60 38.34 53.61
N HIS B 344 -31.04 38.00 52.45
CA HIS B 344 -31.15 38.86 51.28
C HIS B 344 -32.27 38.46 50.33
N VAL B 345 -32.86 37.30 50.57
CA VAL B 345 -33.90 36.80 49.66
C VAL B 345 -35.23 36.58 50.37
N ASP B 346 -36.28 36.40 49.59
CA ASP B 346 -37.62 36.17 50.13
C ASP B 346 -37.89 34.67 50.26
N LEU B 347 -37.25 33.89 49.39
CA LEU B 347 -37.32 32.43 49.47
C LEU B 347 -35.95 31.83 49.20
N SER B 348 -35.62 30.76 49.93
CA SER B 348 -34.31 30.14 49.79
C SER B 348 -34.42 28.67 49.39
N LEU B 349 -33.54 28.24 48.49
CA LEU B 349 -33.53 26.87 48.01
C LEU B 349 -32.15 26.24 48.16
N TYR B 350 -32.03 25.27 49.07
CA TYR B 350 -30.78 24.58 49.29
C TYR B 350 -30.66 23.39 48.35
N VAL B 351 -29.55 23.30 47.63
CA VAL B 351 -29.33 22.21 46.69
C VAL B 351 -28.20 21.32 47.17
N MET B 352 -28.43 20.01 47.18
CA MET B 352 -27.42 19.05 47.61
C MET B 352 -27.47 17.79 46.76
N THR B 353 -26.46 16.95 46.90
CA THR B 353 -26.41 15.66 46.22
C THR B 353 -26.65 14.57 47.27
N PRO B 354 -27.03 13.36 46.81
CA PRO B 354 -27.22 12.24 47.73
C PRO B 354 -25.98 11.90 48.56
N GLU B 355 -24.81 12.27 48.05
CA GLU B 355 -23.56 12.04 48.79
C GLU B 355 -23.29 13.20 49.76
N PHE B 356 -23.56 12.99 51.05
CA PHE B 356 -23.31 14.00 52.05
C PHE B 356 -22.67 13.42 53.31
N GLY B 357 -22.26 12.16 53.22
CA GLY B 357 -21.65 11.48 54.34
C GLY B 357 -22.68 10.73 55.16
N ALA B 358 -22.53 10.77 56.48
CA ALA B 358 -23.47 10.11 57.38
C ALA B 358 -24.77 10.91 57.50
N ALA B 359 -25.79 10.28 58.04
CA ALA B 359 -27.08 10.95 58.25
C ALA B 359 -26.98 11.97 59.38
N SER B 360 -25.94 11.85 60.20
CA SER B 360 -25.72 12.74 61.31
C SER B 360 -25.16 14.09 60.86
N GLN B 361 -24.66 14.12 59.61
CA GLN B 361 -24.08 15.33 59.05
C GLN B 361 -25.14 16.40 58.84
N LEU B 362 -26.37 15.96 58.58
CA LEU B 362 -27.46 16.88 58.30
C LEU B 362 -27.82 17.76 59.50
N GLU B 363 -27.38 17.35 60.69
CA GLU B 363 -27.60 18.13 61.89
C GLU B 363 -26.58 19.26 62.01
N LYS B 364 -25.58 19.24 61.14
CA LYS B 364 -24.53 20.25 61.15
C LYS B 364 -24.77 21.31 60.09
N ILE B 365 -25.66 21.01 59.14
CA ILE B 365 -25.93 21.91 58.03
C ILE B 365 -26.89 23.03 58.42
N ASP B 366 -26.36 24.25 58.54
CA ASP B 366 -27.16 25.40 58.95
C ASP B 366 -28.26 25.72 57.95
N MET B 367 -28.01 25.44 56.68
CA MET B 367 -28.95 25.84 55.64
C MET B 367 -30.24 25.04 55.69
N LEU B 368 -30.19 23.84 56.27
CA LEU B 368 -31.38 23.00 56.41
C LEU B 368 -32.36 23.58 57.43
N ASP B 369 -31.91 24.60 58.16
CA ASP B 369 -32.70 25.21 59.21
C ASP B 369 -33.44 26.45 58.70
N PHE B 370 -33.00 26.97 57.55
CA PHE B 370 -33.57 28.21 57.02
C PHE B 370 -34.27 28.02 55.68
N ALA B 371 -33.81 27.03 54.92
CA ALA B 371 -34.30 26.81 53.56
C ALA B 371 -35.81 26.56 53.51
N ASP B 372 -36.49 27.26 52.60
CA ASP B 372 -37.92 27.07 52.41
C ASP B 372 -38.16 25.87 51.51
N PHE B 373 -37.16 25.56 50.70
CA PHE B 373 -37.20 24.39 49.82
C PHE B 373 -35.83 23.73 49.79
N VAL B 374 -35.82 22.40 49.76
CA VAL B 374 -34.57 21.66 49.65
C VAL B 374 -34.61 20.75 48.44
N ALA B 375 -33.66 20.93 47.54
CA ALA B 375 -33.60 20.12 46.32
C ALA B 375 -32.41 19.17 46.35
N ILE B 376 -32.69 17.89 46.49
CA ILE B 376 -31.65 16.88 46.40
C ILE B 376 -31.42 16.52 44.95
N ASN B 377 -30.53 17.27 44.30
CA ASN B 377 -30.23 17.09 42.89
C ASN B 377 -29.37 15.86 42.65
N LYS B 378 -29.15 15.53 41.38
CA LYS B 378 -28.41 14.33 40.99
C LYS B 378 -29.04 13.10 41.61
N PHE B 379 -30.36 13.00 41.49
CA PHE B 379 -31.11 11.91 42.11
C PHE B 379 -30.89 10.59 41.37
N ASP B 380 -30.10 10.63 40.31
CA ASP B 380 -29.77 9.42 39.56
C ASP B 380 -28.62 8.67 40.23
N ARG B 381 -27.93 9.34 41.14
CA ARG B 381 -26.78 8.74 41.82
C ARG B 381 -27.23 7.68 42.82
N LYS B 382 -26.31 6.83 43.23
CA LYS B 382 -26.61 5.77 44.18
C LYS B 382 -26.97 6.33 45.55
N GLY B 383 -28.02 5.79 46.16
CA GLY B 383 -28.41 6.16 47.51
C GLY B 383 -29.24 7.43 47.58
N ALA B 384 -29.85 7.80 46.46
CA ALA B 384 -30.68 8.99 46.39
C ALA B 384 -31.93 8.84 47.23
N GLN B 385 -32.52 7.66 47.19
CA GLN B 385 -33.76 7.38 47.91
C GLN B 385 -33.58 7.54 49.41
N ASP B 386 -32.53 6.90 49.93
CA ASP B 386 -32.23 6.96 51.36
C ASP B 386 -31.82 8.38 51.76
N ALA B 387 -31.14 9.07 50.86
CA ALA B 387 -30.72 10.45 51.11
C ALA B 387 -31.92 11.34 51.32
N TRP B 388 -32.99 11.11 50.55
CA TRP B 388 -34.19 11.90 50.66
C TRP B 388 -34.89 11.65 51.98
N ARG B 389 -34.92 10.38 52.38
CA ARG B 389 -35.46 9.96 53.68
C ARG B 389 -34.84 10.76 54.81
N ASP B 390 -33.52 10.83 54.80
CA ASP B 390 -32.77 11.47 55.86
C ASP B 390 -33.00 12.97 55.88
N VAL B 391 -32.89 13.61 54.72
CA VAL B 391 -33.09 15.05 54.63
C VAL B 391 -34.51 15.44 55.01
N ALA B 392 -35.48 14.64 54.56
CA ALA B 392 -36.89 14.91 54.86
C ALA B 392 -37.15 14.90 56.36
N LYS B 393 -36.65 13.87 57.03
CA LYS B 393 -36.84 13.74 58.48
C LYS B 393 -36.10 14.84 59.22
N GLN B 394 -34.96 15.27 58.69
CA GLN B 394 -34.17 16.32 59.31
C GLN B 394 -34.86 17.68 59.21
N VAL B 395 -35.52 17.93 58.09
CA VAL B 395 -36.25 19.18 57.90
C VAL B 395 -37.48 19.19 58.78
N GLN B 396 -38.13 18.02 58.90
CA GLN B 396 -39.27 17.86 59.79
C GLN B 396 -38.86 18.15 61.23
N ARG B 397 -37.67 17.72 61.59
CA ARG B 397 -37.12 17.92 62.92
C ARG B 397 -36.80 19.39 63.18
N ASN B 398 -36.23 20.06 62.18
CA ASN B 398 -35.86 21.46 62.30
C ASN B 398 -37.07 22.39 62.39
N ARG B 399 -38.19 21.94 61.86
CA ARG B 399 -39.41 22.74 61.86
C ARG B 399 -40.36 22.32 62.97
N GLU B 400 -40.03 21.23 63.65
CA GLU B 400 -40.84 20.70 64.74
C GLU B 400 -42.26 20.38 64.29
N GLN B 401 -42.42 19.98 63.03
CA GLN B 401 -43.72 19.62 62.50
C GLN B 401 -43.94 18.11 62.59
N TRP B 402 -44.06 17.59 63.79
CA TRP B 402 -44.21 16.15 63.97
C TRP B 402 -45.65 15.69 63.71
N HIS B 403 -46.57 16.65 63.61
CA HIS B 403 -47.95 16.35 63.26
C HIS B 403 -48.11 16.25 61.74
N SER B 404 -47.01 16.44 61.02
CA SER B 404 -47.00 16.32 59.57
C SER B 404 -46.21 15.09 59.13
N ARG B 405 -46.49 14.63 57.91
CA ARG B 405 -45.76 13.50 57.35
C ARG B 405 -44.41 13.96 56.82
N ALA B 406 -43.40 13.10 56.92
CA ALA B 406 -42.06 13.44 56.46
C ALA B 406 -42.06 13.66 54.94
N GLU B 407 -42.94 12.95 54.25
CA GLU B 407 -43.04 13.03 52.79
C GLU B 407 -43.71 14.32 52.34
N ASP B 408 -44.29 15.05 53.28
CA ASP B 408 -44.99 16.29 52.95
C ASP B 408 -44.08 17.52 53.06
N MET B 409 -42.87 17.31 53.56
CA MET B 409 -41.92 18.40 53.69
C MET B 409 -41.47 18.89 52.32
N PRO B 410 -41.14 20.20 52.22
CA PRO B 410 -40.70 20.79 50.95
C PRO B 410 -39.35 20.26 50.44
N VAL B 411 -39.06 18.98 50.68
CA VAL B 411 -37.83 18.38 50.21
C VAL B 411 -38.09 17.64 48.91
N TYR B 412 -37.39 18.04 47.86
CA TYR B 412 -37.63 17.48 46.52
C TYR B 412 -36.41 16.73 45.98
N GLY B 413 -36.67 15.66 45.24
CA GLY B 413 -35.62 14.91 44.58
C GLY B 413 -35.59 15.23 43.10
N THR B 414 -34.57 15.94 42.65
CA THR B 414 -34.52 16.41 41.28
C THR B 414 -33.36 15.84 40.48
N GLN B 415 -33.51 15.86 39.16
CA GLN B 415 -32.44 15.49 38.24
C GLN B 415 -32.37 16.51 37.11
N ALA B 416 -31.62 17.59 37.33
CA ALA B 416 -31.56 18.70 36.38
C ALA B 416 -30.91 18.29 35.07
N SER B 417 -30.04 17.28 35.12
CA SER B 417 -29.33 16.83 33.93
C SER B 417 -30.26 16.17 32.92
N ARG B 418 -31.38 15.61 33.37
CA ARG B 418 -32.28 14.96 32.42
C ARG B 418 -33.41 15.89 31.98
N PHE B 419 -33.66 15.89 30.68
CA PHE B 419 -34.70 16.73 30.09
C PHE B 419 -36.09 16.34 30.58
N ASN B 420 -36.93 17.34 30.81
CA ASN B 420 -38.31 17.12 31.23
C ASN B 420 -38.40 16.27 32.49
N ASP B 421 -37.47 16.47 33.42
CA ASP B 421 -37.50 15.68 34.65
C ASP B 421 -38.73 16.03 35.46
N ASP B 422 -39.50 15.02 35.82
CA ASP B 422 -40.72 15.23 36.60
C ASP B 422 -40.41 15.75 38.00
N GLY B 423 -39.24 15.38 38.51
CA GLY B 423 -38.79 15.85 39.81
C GLY B 423 -38.67 17.37 39.83
N VAL B 424 -37.98 17.91 38.83
CA VAL B 424 -37.80 19.35 38.72
C VAL B 424 -39.14 20.06 38.58
N THR B 425 -40.04 19.47 37.81
CA THR B 425 -41.37 20.03 37.63
C THR B 425 -42.13 20.06 38.97
N MET B 426 -41.95 19.01 39.77
CA MET B 426 -42.57 18.96 41.08
C MET B 426 -42.05 20.09 41.97
N LEU B 427 -40.74 20.33 41.91
CA LEU B 427 -40.13 21.42 42.65
C LEU B 427 -40.66 22.75 42.15
N TYR B 428 -40.81 22.86 40.83
CA TYR B 428 -41.33 24.08 40.21
C TYR B 428 -42.74 24.37 40.68
N GLN B 429 -43.59 23.34 40.66
CA GLN B 429 -44.98 23.49 41.09
C GLN B 429 -45.03 24.00 42.53
N GLY B 430 -44.10 23.54 43.36
CA GLY B 430 -44.01 23.96 44.73
C GLY B 430 -43.60 25.41 44.85
N LEU B 431 -42.58 25.80 44.10
CA LEU B 431 -42.08 27.17 44.12
C LEU B 431 -43.14 28.16 43.64
N VAL B 432 -43.95 27.74 42.67
CA VAL B 432 -45.01 28.58 42.14
C VAL B 432 -46.05 28.91 43.21
N GLY B 433 -46.50 27.88 43.93
CA GLY B 433 -47.47 28.05 44.98
C GLY B 433 -46.98 28.95 46.09
N ALA B 434 -45.67 28.89 46.36
CA ALA B 434 -45.06 29.71 47.40
C ALA B 434 -44.92 31.15 46.93
N LEU B 435 -44.50 31.33 45.69
CA LEU B 435 -44.36 32.66 45.10
C LEU B 435 -45.73 33.30 44.87
N GLY B 436 -46.73 32.46 44.66
CA GLY B 436 -48.09 32.94 44.45
C GLY B 436 -48.63 33.63 45.69
N ALA B 437 -48.39 33.01 46.85
CA ALA B 437 -48.85 33.56 48.11
C ALA B 437 -48.05 34.81 48.49
N ARG B 438 -46.84 34.93 47.93
CA ARG B 438 -45.97 36.05 48.23
C ARG B 438 -46.10 37.17 47.20
N GLY B 439 -47.32 37.34 46.68
CA GLY B 439 -47.62 38.42 45.77
C GLY B 439 -46.90 38.32 44.42
N MET B 440 -47.35 37.40 43.59
CA MET B 440 -46.82 37.26 42.24
C MET B 440 -47.90 36.72 41.31
N SER B 441 -48.51 37.61 40.54
CA SER B 441 -49.59 37.23 39.64
C SER B 441 -49.10 36.26 38.56
N LEU B 442 -49.74 35.10 38.50
CA LEU B 442 -49.38 34.04 37.56
C LEU B 442 -50.62 33.39 36.95
N LYS B 443 -50.61 33.19 35.63
CA LYS B 443 -51.70 32.50 34.95
C LYS B 443 -51.71 31.02 35.34
N PRO B 444 -52.89 30.38 35.24
CA PRO B 444 -52.95 28.92 35.45
C PRO B 444 -52.03 28.20 34.48
N GLY B 445 -51.11 27.40 35.04
CA GLY B 445 -50.06 26.79 34.26
C GLY B 445 -50.49 25.84 33.16
N THR B 446 -49.59 25.60 32.21
CA THR B 446 -49.84 24.68 31.11
C THR B 446 -49.07 23.38 31.31
N LEU B 447 -48.32 23.31 32.40
CA LEU B 447 -47.54 22.13 32.73
C LEU B 447 -48.38 21.12 33.51
N PRO B 448 -48.06 19.83 33.40
CA PRO B 448 -48.75 18.84 34.23
C PRO B 448 -48.53 19.11 35.72
N ASN B 449 -49.61 19.29 36.46
CA ASN B 449 -49.51 19.55 37.89
C ASN B 449 -49.24 18.24 38.64
N LEU B 450 -47.97 17.85 38.70
CA LEU B 450 -47.57 16.56 39.24
C LEU B 450 -47.53 16.54 40.76
N GLU B 451 -48.04 15.47 41.37
CA GLU B 451 -47.91 15.31 42.81
C GLU B 451 -46.76 14.37 43.14
N GLY B 452 -46.17 14.56 44.31
CA GLY B 452 -44.99 13.80 44.70
C GLY B 452 -43.82 14.73 44.96
N ARG B 453 -42.73 14.17 45.47
CA ARG B 453 -41.55 14.98 45.81
C ARG B 453 -40.30 14.43 45.16
N ILE B 454 -40.42 13.28 44.51
CA ILE B 454 -39.26 12.55 44.03
C ILE B 454 -39.33 12.27 42.53
N SER B 455 -38.22 12.50 41.84
CA SER B 455 -38.10 12.16 40.42
C SER B 455 -38.22 10.66 40.20
N THR B 456 -38.87 10.26 39.12
CA THR B 456 -39.04 8.83 38.84
C THR B 456 -37.94 8.36 37.89
N GLY B 457 -37.01 9.26 37.60
CA GLY B 457 -35.89 8.96 36.72
C GLY B 457 -36.33 8.48 35.36
N GLN B 458 -37.52 8.92 34.95
CA GLN B 458 -38.12 8.47 33.70
C GLN B 458 -37.27 8.95 32.53
N ASN B 459 -37.29 8.16 31.45
CA ASN B 459 -36.50 8.45 30.24
C ASN B 459 -35.00 8.38 30.45
N VAL B 460 -34.53 7.38 31.20
CA VAL B 460 -33.13 7.02 31.16
C VAL B 460 -32.96 6.05 30.00
N ILE B 461 -31.86 6.17 29.26
CA ILE B 461 -31.72 5.41 28.03
C ILE B 461 -31.35 3.96 28.33
N VAL B 462 -30.26 3.77 29.07
CA VAL B 462 -29.87 2.45 29.53
C VAL B 462 -30.18 2.31 31.00
N PRO B 463 -31.07 1.37 31.34
CA PRO B 463 -31.49 1.16 32.74
C PRO B 463 -30.32 0.74 33.62
N PRO B 464 -30.27 1.27 34.86
CA PRO B 464 -29.20 0.99 35.83
C PRO B 464 -29.04 -0.49 36.13
N ALA B 465 -30.07 -1.29 35.83
CA ALA B 465 -29.98 -2.74 35.96
C ALA B 465 -28.98 -3.29 34.94
N ARG B 466 -28.96 -2.69 33.75
CA ARG B 466 -28.08 -3.13 32.67
C ARG B 466 -26.80 -2.31 32.63
N SER B 467 -26.54 -1.56 33.71
CA SER B 467 -25.43 -0.61 33.75
C SER B 467 -24.07 -1.21 33.39
N ARG B 468 -23.82 -2.45 33.79
CA ARG B 468 -22.53 -3.08 33.51
C ARG B 468 -22.60 -4.03 32.33
N TYR B 469 -23.38 -3.66 31.32
CA TYR B 469 -23.57 -4.49 30.14
C TYR B 469 -22.26 -4.79 29.42
N LEU B 470 -21.37 -3.82 29.36
CA LEU B 470 -20.09 -3.99 28.68
C LEU B 470 -19.23 -5.04 29.37
N ALA B 471 -19.29 -5.06 30.71
CA ALA B 471 -18.53 -6.04 31.48
C ALA B 471 -19.06 -7.45 31.22
N GLU B 472 -20.37 -7.57 31.10
CA GLU B 472 -21.00 -8.86 30.83
C GLU B 472 -20.56 -9.40 29.48
N LEU B 473 -20.45 -8.50 28.51
CA LEU B 473 -20.00 -8.85 27.17
C LEU B 473 -18.57 -9.36 27.19
N ALA B 474 -17.73 -8.71 27.99
CA ALA B 474 -16.35 -9.13 28.14
C ALA B 474 -16.28 -10.55 28.68
N ASP B 475 -17.11 -10.83 29.68
CA ASP B 475 -17.18 -12.16 30.27
C ASP B 475 -17.68 -13.18 29.27
N THR B 476 -18.64 -12.77 28.44
CA THR B 476 -19.22 -13.64 27.43
C THR B 476 -18.16 -14.14 26.45
N VAL B 477 -17.31 -13.22 26.00
CA VAL B 477 -16.26 -13.56 25.04
C VAL B 477 -15.20 -14.45 25.69
N ARG B 478 -14.72 -14.05 26.86
CA ARG B 478 -13.72 -14.83 27.58
C ARG B 478 -14.23 -16.24 27.90
N ALA B 479 -15.53 -16.33 28.17
CA ALA B 479 -16.17 -17.62 28.45
C ALA B 479 -16.16 -18.49 27.21
N TYR B 480 -16.39 -17.87 26.05
CA TYR B 480 -16.38 -18.59 24.79
C TYR B 480 -15.01 -19.21 24.52
N HIS B 481 -13.96 -18.43 24.75
CA HIS B 481 -12.59 -18.90 24.53
C HIS B 481 -12.20 -20.01 25.49
N ARG B 482 -12.67 -19.91 26.73
CA ARG B 482 -12.43 -20.96 27.72
C ARG B 482 -12.99 -22.28 27.22
N ARG B 483 -14.15 -22.22 26.59
CA ARG B 483 -14.80 -23.41 26.06
C ARG B 483 -13.99 -24.01 24.91
N VAL B 484 -13.45 -23.13 24.06
CA VAL B 484 -12.65 -23.59 22.93
C VAL B 484 -11.45 -24.39 23.42
N VAL B 485 -10.79 -23.90 24.46
CA VAL B 485 -9.64 -24.59 25.04
C VAL B 485 -10.02 -25.97 25.56
N ALA B 486 -11.12 -26.03 26.30
CA ALA B 486 -11.57 -27.27 26.92
C ALA B 486 -12.03 -28.29 25.87
N GLN B 487 -12.86 -27.85 24.94
CA GLN B 487 -13.38 -28.73 23.90
C GLN B 487 -12.28 -29.25 22.99
N SER B 488 -11.24 -28.43 22.79
CA SER B 488 -10.08 -28.85 22.01
C SER B 488 -9.33 -29.96 22.73
N LYS B 489 -9.08 -29.75 24.02
CA LYS B 489 -8.41 -30.74 24.85
C LYS B 489 -9.16 -32.07 24.80
N LEU B 490 -10.49 -32.01 24.79
CA LEU B 490 -11.31 -33.20 24.70
C LEU B 490 -11.21 -33.85 23.33
N ALA B 491 -11.34 -33.04 22.28
CA ALA B 491 -11.27 -33.54 20.91
C ALA B 491 -9.91 -34.14 20.60
N ARG B 492 -8.86 -33.52 21.16
CA ARG B 492 -7.50 -34.01 20.99
C ARG B 492 -7.31 -35.37 21.66
N GLU B 493 -7.68 -35.44 22.93
CA GLU B 493 -7.57 -36.68 23.70
C GLU B 493 -8.38 -37.79 23.06
N ARG B 494 -9.59 -37.46 22.62
CA ARG B 494 -10.47 -38.44 21.98
C ARG B 494 -9.79 -39.07 20.77
N GLN B 495 -9.12 -38.23 19.98
CA GLN B 495 -8.40 -38.71 18.81
C GLN B 495 -7.18 -39.53 19.21
N GLN B 496 -6.44 -39.03 20.19
CA GLN B 496 -5.22 -39.70 20.67
C GLN B 496 -5.52 -41.12 21.16
N LEU B 497 -6.65 -41.27 21.85
CA LEU B 497 -7.05 -42.57 22.37
C LEU B 497 -7.36 -43.54 21.23
N ARG B 498 -8.31 -43.17 20.39
CA ARG B 498 -8.73 -44.01 19.26
C ARG B 498 -7.55 -44.30 18.34
N ALA B 499 -6.61 -43.35 18.24
CA ALA B 499 -5.41 -43.55 17.45
C ALA B 499 -4.57 -44.67 18.05
N ALA B 500 -4.38 -44.63 19.36
CA ALA B 500 -3.61 -45.64 20.07
C ALA B 500 -4.32 -46.99 20.03
N HIS B 501 -5.65 -46.94 20.03
CA HIS B 501 -6.47 -48.14 19.99
C HIS B 501 -6.28 -48.89 18.68
N ASP B 502 -6.20 -48.14 17.58
CA ASP B 502 -6.02 -48.73 16.25
C ASP B 502 -4.59 -49.25 16.07
N MET B 503 -3.66 -48.67 16.79
CA MET B 503 -2.26 -49.08 16.69
C MET B 503 -1.99 -50.34 17.49
N LEU B 504 -2.71 -50.50 18.60
CA LEU B 504 -2.60 -51.70 19.41
C LEU B 504 -3.18 -52.90 18.69
N GLN B 505 -4.33 -52.69 18.03
CA GLN B 505 -4.98 -53.76 17.29
C GLN B 505 -4.16 -54.16 16.06
N GLY B 506 -3.31 -53.26 15.60
CA GLY B 506 -2.43 -53.55 14.48
C GLY B 506 -1.24 -54.38 14.91
N ALA B 507 -0.96 -54.41 16.21
CA ALA B 507 0.14 -55.19 16.75
C ALA B 507 -0.37 -56.50 17.33
N GLY B 508 -1.68 -56.56 17.58
CA GLY B 508 -2.29 -57.77 18.11
C GLY B 508 -3.05 -57.55 19.40
N HIS B 509 -2.51 -56.68 20.25
CA HIS B 509 -3.11 -56.40 21.55
C HIS B 509 -4.48 -55.74 21.40
N GLU B 510 -5.48 -56.33 22.06
CA GLU B 510 -6.82 -55.76 22.04
C GLU B 510 -7.22 -55.27 23.43
N SER B 511 -7.00 -53.98 23.68
CA SER B 511 -7.36 -53.37 24.95
C SER B 511 -8.50 -52.37 24.77
N ALA B 512 -9.71 -52.79 25.11
CA ALA B 512 -10.89 -51.95 24.97
C ALA B 512 -10.96 -50.92 26.10
N ALA B 513 -10.02 -50.99 27.03
CA ALA B 513 -9.90 -50.01 28.11
C ALA B 513 -9.70 -48.62 27.53
N LEU B 514 -9.03 -48.55 26.39
CA LEU B 514 -8.84 -47.29 25.68
C LEU B 514 -10.16 -46.75 25.13
N GLU B 515 -10.95 -47.65 24.54
CA GLU B 515 -12.22 -47.26 23.92
C GLU B 515 -13.19 -46.68 24.93
N THR B 516 -13.14 -47.18 26.17
CA THR B 516 -14.00 -46.70 27.23
C THR B 516 -13.74 -45.23 27.53
N LEU B 517 -12.46 -44.85 27.55
CA LEU B 517 -12.07 -43.47 27.79
C LEU B 517 -12.40 -42.60 26.59
N ALA B 518 -12.44 -43.20 25.40
CA ALA B 518 -12.75 -42.48 24.17
C ALA B 518 -14.23 -42.15 24.11
N SER B 519 -15.07 -43.16 24.29
CA SER B 519 -16.52 -42.98 24.30
C SER B 519 -16.95 -42.04 25.42
N GLU B 520 -16.13 -41.99 26.46
CA GLU B 520 -16.35 -41.10 27.59
C GLU B 520 -16.24 -39.63 27.16
N ARG B 521 -15.40 -39.37 26.16
CA ARG B 521 -15.17 -38.01 25.70
C ARG B 521 -16.06 -37.63 24.52
N ASP B 522 -16.76 -38.60 23.97
CA ASP B 522 -17.77 -38.32 22.95
C ASP B 522 -18.93 -37.55 23.58
N VAL B 523 -19.24 -37.89 24.82
CA VAL B 523 -20.30 -37.21 25.57
C VAL B 523 -19.78 -35.90 26.14
N SER B 524 -18.50 -35.88 26.50
CA SER B 524 -17.86 -34.69 27.03
C SER B 524 -17.87 -33.56 26.00
N LEU B 525 -17.66 -33.92 24.73
CA LEU B 525 -17.76 -32.96 23.64
C LEU B 525 -19.19 -32.46 23.50
N GLY B 526 -19.35 -31.17 23.24
CA GLY B 526 -20.66 -30.59 23.06
C GLY B 526 -21.32 -31.09 21.78
N ALA B 527 -22.61 -30.80 21.63
CA ALA B 527 -23.34 -31.20 20.45
C ALA B 527 -22.85 -30.43 19.23
N VAL B 528 -22.66 -29.13 19.41
CA VAL B 528 -22.22 -28.26 18.33
C VAL B 528 -20.79 -28.58 17.89
N GLU B 529 -19.92 -28.79 18.86
CA GLU B 529 -18.52 -29.07 18.59
C GLU B 529 -18.33 -30.40 17.86
N ARG B 530 -19.14 -31.40 18.24
CA ARG B 530 -19.05 -32.72 17.64
C ARG B 530 -19.43 -32.67 16.16
N LYS B 531 -20.40 -31.82 15.83
CA LYS B 531 -20.86 -31.70 14.45
C LYS B 531 -19.85 -30.91 13.62
N LEU B 532 -19.11 -30.01 14.27
CA LEU B 532 -18.08 -29.23 13.60
C LEU B 532 -16.96 -30.12 13.05
N LEU B 533 -16.47 -31.02 13.89
CA LEU B 533 -15.43 -31.95 13.48
C LEU B 533 -15.96 -32.96 12.48
N ALA B 534 -17.25 -33.28 12.60
CA ALA B 534 -17.90 -34.25 11.72
C ALA B 534 -18.00 -33.72 10.30
N MET B 535 -18.24 -32.41 10.18
CA MET B 535 -18.42 -31.79 8.87
C MET B 535 -17.09 -31.37 8.26
N TRP B 536 -16.00 -31.49 9.02
CA TRP B 536 -14.69 -31.07 8.55
C TRP B 536 -14.20 -31.81 7.29
N PRO B 537 -14.36 -33.15 7.23
CA PRO B 537 -13.91 -33.77 5.97
C PRO B 537 -14.78 -33.37 4.79
N GLN B 538 -16.07 -33.19 5.02
CA GLN B 538 -17.00 -32.77 3.98
C GLN B 538 -16.70 -31.33 3.59
N MET B 539 -16.23 -30.55 4.56
CA MET B 539 -15.84 -29.16 4.33
C MET B 539 -14.62 -29.08 3.44
N GLN B 540 -13.66 -29.98 3.66
CA GLN B 540 -12.43 -30.02 2.89
C GLN B 540 -12.69 -30.38 1.43
N GLN B 541 -13.61 -31.31 1.21
CA GLN B 541 -13.94 -31.73 -0.14
C GLN B 541 -14.62 -30.60 -0.92
N ALA B 542 -15.30 -29.71 -0.19
CA ALA B 542 -16.00 -28.60 -0.81
C ALA B 542 -15.04 -27.57 -1.41
N TYR B 543 -14.08 -27.11 -0.60
CA TYR B 543 -13.13 -26.09 -1.02
C TYR B 543 -11.95 -26.67 -1.80
N SER B 544 -12.03 -27.95 -2.16
CA SER B 544 -10.95 -28.61 -2.86
C SER B 544 -11.08 -28.50 -4.38
N GLY B 545 -12.30 -28.67 -4.87
CA GLY B 545 -12.55 -28.67 -6.30
C GLY B 545 -12.35 -27.33 -6.98
N ASP B 546 -12.77 -27.26 -8.24
CA ASP B 546 -12.67 -26.02 -9.02
C ASP B 546 -13.91 -25.16 -8.84
N GLU B 547 -14.98 -25.77 -8.33
CA GLU B 547 -16.22 -25.04 -8.06
C GLU B 547 -16.81 -25.36 -6.70
N TYR B 548 -17.75 -24.52 -6.27
CA TYR B 548 -18.39 -24.65 -4.97
C TYR B 548 -19.90 -24.81 -5.15
N VAL B 549 -20.37 -26.05 -5.12
CA VAL B 549 -21.79 -26.33 -5.35
C VAL B 549 -22.61 -26.23 -4.07
N VAL B 550 -23.61 -25.34 -4.09
CA VAL B 550 -24.51 -25.15 -2.95
C VAL B 550 -25.92 -24.86 -3.44
N LYS B 551 -26.88 -25.67 -2.99
CA LYS B 551 -28.25 -25.56 -3.47
C LYS B 551 -29.15 -24.76 -2.53
N ILE B 552 -29.49 -23.54 -2.93
CA ILE B 552 -30.45 -22.73 -2.21
C ILE B 552 -31.80 -22.78 -2.90
N ARG B 553 -32.88 -22.73 -2.11
CA ARG B 553 -34.24 -22.86 -2.61
C ARG B 553 -34.43 -24.18 -3.38
N ASP B 554 -34.79 -24.08 -4.65
CA ASP B 554 -35.00 -25.26 -5.48
C ASP B 554 -33.90 -25.40 -6.54
N LYS B 555 -33.11 -24.34 -6.72
CA LYS B 555 -32.03 -24.34 -7.69
C LYS B 555 -30.67 -24.52 -7.03
N GLU B 556 -29.66 -23.87 -7.57
CA GLU B 556 -28.29 -23.96 -7.04
C GLU B 556 -27.47 -22.72 -7.36
N ILE B 557 -26.39 -22.53 -6.61
CA ILE B 557 -25.51 -21.38 -6.82
C ILE B 557 -24.04 -21.83 -6.87
N ARG B 558 -23.55 -22.08 -8.08
CA ARG B 558 -22.16 -22.50 -8.28
C ARG B 558 -21.21 -21.31 -8.24
N THR B 559 -20.07 -21.50 -7.60
CA THR B 559 -19.07 -20.44 -7.50
C THR B 559 -17.67 -21.00 -7.75
N GLY B 560 -16.89 -20.30 -8.56
CA GLY B 560 -15.53 -20.71 -8.86
C GLY B 560 -14.60 -20.51 -7.69
N LEU B 561 -13.71 -21.48 -7.46
CA LEU B 561 -12.76 -21.41 -6.35
C LEU B 561 -11.36 -21.11 -6.83
N ILE B 562 -11.13 -21.29 -8.13
CA ILE B 562 -9.78 -21.24 -8.68
C ILE B 562 -9.56 -20.05 -9.59
N SER B 563 -8.48 -19.33 -9.35
CA SER B 563 -7.99 -18.34 -10.30
C SER B 563 -6.56 -18.71 -10.68
N THR B 564 -6.32 -18.86 -11.98
CA THR B 564 -5.02 -19.35 -12.45
C THR B 564 -4.10 -18.22 -12.88
N THR B 565 -2.84 -18.31 -12.48
CA THR B 565 -1.87 -17.27 -12.78
C THR B 565 -1.25 -17.46 -14.16
N LEU B 566 -0.43 -16.50 -14.58
CA LEU B 566 0.28 -16.58 -15.85
C LEU B 566 1.25 -17.76 -15.86
N SER B 567 1.65 -18.20 -14.68
CA SER B 567 2.58 -19.31 -14.53
C SER B 567 1.82 -20.65 -14.59
N GLY B 568 0.52 -20.58 -14.41
CA GLY B 568 -0.32 -21.77 -14.45
C GLY B 568 -0.56 -22.35 -13.07
N THR B 569 -0.43 -21.50 -12.05
CA THR B 569 -0.63 -21.92 -10.67
C THR B 569 -2.06 -21.67 -10.23
N LYS B 570 -2.69 -22.68 -9.63
CA LYS B 570 -4.05 -22.56 -9.14
C LYS B 570 -4.09 -21.89 -7.77
N ILE B 571 -4.59 -20.66 -7.72
CA ILE B 571 -4.73 -19.94 -6.46
C ILE B 571 -6.16 -20.05 -5.92
N ARG B 572 -6.33 -20.88 -4.88
CA ARG B 572 -7.64 -21.09 -4.29
C ARG B 572 -8.14 -19.83 -3.59
N LYS B 573 -9.43 -19.53 -3.76
CA LYS B 573 -10.02 -18.35 -3.13
C LYS B 573 -9.95 -18.45 -1.61
N VAL B 574 -10.30 -19.62 -1.09
CA VAL B 574 -10.23 -19.87 0.35
C VAL B 574 -9.33 -21.07 0.63
N VAL B 575 -8.24 -20.82 1.34
CA VAL B 575 -7.27 -21.86 1.65
C VAL B 575 -7.51 -22.48 3.02
N LEU B 576 -7.76 -23.78 3.04
CA LEU B 576 -8.01 -24.49 4.29
C LEU B 576 -6.72 -25.00 4.91
N PRO B 577 -6.69 -25.11 6.25
CA PRO B 577 -5.52 -25.65 6.95
C PRO B 577 -5.30 -27.13 6.67
N ARG B 578 -4.07 -27.60 6.89
CA ARG B 578 -3.75 -29.00 6.73
C ARG B 578 -3.32 -29.64 8.04
N PHE B 579 -4.10 -29.39 9.08
CA PHE B 579 -3.82 -29.95 10.40
C PHE B 579 -4.25 -31.41 10.47
N GLU B 580 -3.49 -32.20 11.22
CA GLU B 580 -3.84 -33.59 11.47
C GLU B 580 -4.54 -33.70 12.82
N ASP B 581 -4.04 -32.93 13.78
CA ASP B 581 -4.60 -32.89 15.13
C ASP B 581 -6.02 -32.34 15.10
N GLU B 582 -6.97 -33.14 15.56
CA GLU B 582 -8.36 -32.71 15.62
C GLU B 582 -8.56 -31.64 16.69
N GLY B 583 -7.58 -31.51 17.58
CA GLY B 583 -7.59 -30.47 18.58
C GLY B 583 -7.37 -29.11 17.94
N GLU B 584 -6.48 -29.07 16.95
CA GLU B 584 -6.21 -27.85 16.21
C GLU B 584 -7.33 -27.53 15.24
N ILE B 585 -7.89 -28.57 14.62
CA ILE B 585 -8.99 -28.39 13.68
C ILE B 585 -10.18 -27.72 14.36
N LEU B 586 -10.60 -28.28 15.49
CA LEU B 586 -11.73 -27.73 16.23
C LEU B 586 -11.41 -26.33 16.75
N LYS B 587 -10.19 -26.17 17.27
CA LYS B 587 -9.74 -24.87 17.77
C LYS B 587 -9.84 -23.81 16.69
N TRP B 588 -9.44 -24.18 15.47
CA TRP B 588 -9.49 -23.25 14.35
C TRP B 588 -10.92 -23.02 13.90
N LEU B 589 -11.74 -24.06 13.90
CA LEU B 589 -13.12 -23.95 13.45
C LEU B 589 -13.95 -23.07 14.40
N MET B 590 -13.54 -23.00 15.66
CA MET B 590 -14.28 -22.23 16.65
C MET B 590 -13.79 -20.80 16.75
N ARG B 591 -12.50 -20.60 16.54
CA ARG B 591 -11.90 -19.28 16.70
C ARG B 591 -11.85 -18.50 15.39
N GLU B 592 -11.53 -19.19 14.30
CA GLU B 592 -11.44 -18.55 12.98
C GLU B 592 -11.94 -19.47 11.89
N ASN B 593 -13.26 -19.61 11.75
CA ASN B 593 -13.79 -20.46 10.68
C ASN B 593 -13.58 -19.80 9.33
N VAL B 594 -13.86 -20.54 8.26
CA VAL B 594 -13.79 -19.99 6.90
C VAL B 594 -14.70 -18.78 6.77
N PRO B 595 -14.42 -17.91 5.78
CA PRO B 595 -15.32 -16.78 5.53
C PRO B 595 -16.74 -17.24 5.27
N GLY B 596 -17.71 -16.69 6.02
CA GLY B 596 -19.10 -17.04 5.84
C GLY B 596 -19.60 -18.06 6.85
N SER B 597 -18.81 -18.29 7.90
CA SER B 597 -19.18 -19.24 8.95
C SER B 597 -18.79 -18.70 10.32
N PHE B 598 -19.63 -18.96 11.32
CA PHE B 598 -19.40 -18.49 12.69
C PHE B 598 -18.02 -18.89 13.19
N PRO B 599 -17.32 -17.95 13.86
CA PRO B 599 -17.76 -16.60 14.22
C PRO B 599 -17.43 -15.53 13.17
N TYR B 600 -17.38 -15.92 11.90
CA TYR B 600 -17.17 -14.97 10.80
C TYR B 600 -15.92 -14.11 10.96
N THR B 601 -14.86 -14.70 11.51
CA THR B 601 -13.63 -13.95 11.73
C THR B 601 -13.00 -13.53 10.41
N ALA B 602 -13.04 -14.42 9.43
CA ALA B 602 -12.41 -14.15 8.14
C ALA B 602 -13.38 -13.52 7.15
N GLY B 603 -14.51 -13.04 7.66
CA GLY B 603 -15.51 -12.40 6.82
C GLY B 603 -16.90 -12.93 7.08
N VAL B 604 -17.90 -12.08 6.84
CA VAL B 604 -19.29 -12.46 7.10
C VAL B 604 -19.92 -13.21 5.93
N PHE B 605 -19.28 -13.10 4.76
CA PHE B 605 -19.79 -13.76 3.56
C PHE B 605 -18.84 -14.84 3.09
N ALA B 606 -19.38 -15.85 2.39
CA ALA B 606 -18.59 -16.97 1.92
C ALA B 606 -17.49 -16.52 0.97
N PHE B 607 -17.88 -15.83 -0.10
CA PHE B 607 -16.93 -15.33 -1.07
C PHE B 607 -17.22 -13.87 -1.40
N LYS B 608 -16.20 -13.14 -1.81
CA LYS B 608 -16.34 -11.73 -2.13
C LYS B 608 -17.22 -11.54 -3.37
N ARG B 609 -17.87 -10.40 -3.46
CA ARG B 609 -18.74 -10.09 -4.61
C ARG B 609 -17.89 -9.76 -5.84
N GLU B 610 -18.34 -10.22 -7.01
CA GLU B 610 -17.62 -9.96 -8.24
C GLU B 610 -18.13 -8.70 -8.93
N GLY B 611 -17.26 -7.72 -9.10
CA GLY B 611 -17.63 -6.47 -9.77
C GLY B 611 -17.31 -5.23 -8.95
N PRO B 614 -20.23 -0.80 -7.36
CA PRO B 614 -20.17 -0.79 -5.90
C PRO B 614 -19.74 0.57 -5.36
N THR B 615 -18.95 1.30 -6.15
CA THR B 615 -18.44 2.61 -5.75
C THR B 615 -19.56 3.64 -5.66
N ARG B 616 -19.91 4.01 -4.43
CA ARG B 616 -21.00 4.97 -4.19
C ARG B 616 -20.67 6.33 -4.81
N MET B 617 -21.72 7.10 -5.08
CA MET B 617 -21.57 8.39 -5.75
C MET B 617 -21.92 9.54 -4.81
N PHE B 618 -20.90 10.13 -4.20
CA PHE B 618 -21.08 11.17 -3.20
C PHE B 618 -21.13 12.56 -3.83
N ALA B 619 -22.09 13.37 -3.39
CA ALA B 619 -22.26 14.72 -3.90
C ALA B 619 -23.11 15.56 -2.96
N GLY B 620 -22.72 16.80 -2.74
CA GLY B 620 -23.46 17.69 -1.86
C GLY B 620 -22.84 19.07 -1.76
N GLU B 621 -23.46 20.04 -2.42
CA GLU B 621 -22.99 21.42 -2.40
C GLU B 621 -24.05 22.35 -2.96
N GLY B 622 -24.01 23.61 -2.54
CA GLY B 622 -24.98 24.60 -2.98
C GLY B 622 -26.39 24.28 -2.51
N ASP B 623 -27.38 24.64 -3.31
CA ASP B 623 -28.77 24.35 -2.98
C ASP B 623 -29.17 22.96 -3.46
N ALA B 624 -30.42 22.60 -3.23
CA ALA B 624 -30.93 21.27 -3.57
C ALA B 624 -30.85 21.01 -5.07
N PHE B 625 -30.95 22.08 -5.86
CA PHE B 625 -30.93 21.97 -7.31
C PHE B 625 -29.57 21.53 -7.83
N ARG B 626 -28.51 22.14 -7.31
CA ARG B 626 -27.16 21.83 -7.78
C ARG B 626 -26.72 20.43 -7.38
N THR B 627 -27.05 20.04 -6.15
CA THR B 627 -26.69 18.71 -5.65
C THR B 627 -27.42 17.64 -6.45
N ASN B 628 -28.67 17.91 -6.80
CA ASN B 628 -29.47 16.99 -7.60
C ASN B 628 -28.89 16.78 -8.98
N ARG B 629 -28.44 17.87 -9.60
CA ARG B 629 -27.92 17.81 -10.97
C ARG B 629 -26.65 16.97 -10.99
N ARG B 630 -25.80 17.16 -9.98
CA ARG B 630 -24.58 16.38 -9.87
C ARG B 630 -24.93 14.91 -9.69
N PHE B 631 -25.95 14.64 -8.89
CA PHE B 631 -26.42 13.27 -8.68
C PHE B 631 -26.88 12.63 -9.99
N LYS B 632 -27.65 13.38 -10.76
CA LYS B 632 -28.16 12.89 -12.03
C LYS B 632 -27.04 12.71 -13.05
N LEU B 633 -26.05 13.59 -12.99
CA LEU B 633 -24.95 13.55 -13.94
C LEU B 633 -24.04 12.36 -13.69
N VAL B 634 -23.66 12.15 -12.44
CA VAL B 634 -22.79 11.03 -12.09
C VAL B 634 -23.50 9.69 -12.33
N SER B 635 -24.76 9.62 -11.93
CA SER B 635 -25.52 8.38 -12.00
C SER B 635 -26.22 8.17 -13.35
N GLU B 636 -25.70 8.81 -14.38
CA GLU B 636 -26.30 8.69 -15.70
C GLU B 636 -26.01 7.31 -16.30
N GLY B 637 -27.07 6.62 -16.70
CA GLY B 637 -26.95 5.33 -17.35
C GLY B 637 -26.35 4.25 -16.48
N MET B 638 -26.69 4.26 -15.20
CA MET B 638 -26.22 3.22 -14.28
C MET B 638 -27.40 2.44 -13.70
N GLU B 639 -27.21 1.13 -13.55
CA GLU B 639 -28.26 0.25 -13.06
C GLU B 639 -28.68 0.62 -11.64
N ALA B 640 -27.72 0.60 -10.73
CA ALA B 640 -27.99 0.91 -9.33
C ALA B 640 -27.63 2.35 -8.98
N LYS B 641 -28.63 3.12 -8.55
CA LYS B 641 -28.40 4.48 -8.08
C LYS B 641 -28.14 4.49 -6.57
N ARG B 642 -26.87 4.61 -6.20
CA ARG B 642 -26.48 4.64 -4.79
C ARG B 642 -25.97 6.03 -4.40
N LEU B 643 -26.86 6.84 -3.85
CA LEU B 643 -26.54 8.22 -3.52
C LEU B 643 -26.03 8.38 -2.08
N SER B 644 -25.20 9.39 -1.87
CA SER B 644 -24.69 9.72 -0.55
C SER B 644 -24.68 11.22 -0.34
N THR B 645 -25.58 11.71 0.51
CA THR B 645 -25.82 13.15 0.63
C THR B 645 -25.02 13.82 1.73
N ALA B 646 -24.42 14.96 1.41
CA ALA B 646 -23.69 15.77 2.38
C ALA B 646 -24.42 17.08 2.65
N PHE B 647 -24.64 17.41 3.91
CA PHE B 647 -25.36 18.64 4.25
C PHE B 647 -24.41 19.74 4.72
N ASP B 648 -24.78 20.99 4.46
CA ASP B 648 -23.95 22.12 4.87
C ASP B 648 -24.00 22.27 6.39
N SER B 649 -23.01 22.96 6.94
CA SER B 649 -22.87 23.08 8.39
C SER B 649 -24.12 23.65 9.06
N VAL B 650 -24.85 24.48 8.33
CA VAL B 650 -26.07 25.07 8.86
C VAL B 650 -27.15 24.02 9.07
N THR B 651 -27.33 23.14 8.09
CA THR B 651 -28.33 22.08 8.19
C THR B 651 -27.91 21.01 9.18
N LEU B 652 -26.60 20.75 9.25
CA LEU B 652 -26.07 19.77 10.18
C LEU B 652 -26.38 20.14 11.64
N TYR B 653 -26.59 21.43 11.88
CA TYR B 653 -26.89 21.91 13.22
C TYR B 653 -28.34 22.33 13.38
N GLY B 654 -29.19 21.85 12.46
CA GLY B 654 -30.63 22.04 12.55
C GLY B 654 -31.11 23.46 12.41
N GLU B 655 -30.31 24.31 11.78
CA GLU B 655 -30.66 25.71 11.64
C GLU B 655 -31.13 26.06 10.25
N ASP B 656 -32.03 27.04 10.15
CA ASP B 656 -32.45 27.57 8.86
C ASP B 656 -31.42 28.59 8.38
N PRO B 657 -31.28 28.74 7.05
CA PRO B 657 -30.38 29.77 6.52
C PRO B 657 -30.87 31.17 6.88
N HIS B 658 -29.95 32.07 7.19
CA HIS B 658 -30.33 33.42 7.62
C HIS B 658 -29.37 34.48 7.07
N GLU B 659 -29.78 35.74 7.17
CA GLU B 659 -28.99 36.85 6.66
C GLU B 659 -27.76 37.13 7.53
N ARG B 660 -27.91 36.84 8.82
CA ARG B 660 -26.84 36.98 9.81
C ARG B 660 -25.53 36.40 9.29
N PRO B 661 -24.48 37.23 9.27
CA PRO B 661 -23.16 36.85 8.75
C PRO B 661 -22.57 35.60 9.40
N ASP B 662 -22.95 35.28 10.63
CA ASP B 662 -22.42 34.08 11.29
C ASP B 662 -23.00 32.82 10.67
N ILE B 663 -24.13 32.96 9.98
CA ILE B 663 -24.79 31.83 9.34
C ILE B 663 -24.71 31.90 7.81
N TYR B 664 -24.96 33.09 7.27
CA TYR B 664 -25.05 33.29 5.83
C TYR B 664 -23.86 32.76 5.05
N GLY B 665 -22.65 33.04 5.53
CA GLY B 665 -21.44 32.62 4.85
C GLY B 665 -21.26 31.12 4.80
N LYS B 666 -22.01 30.39 5.63
CA LYS B 666 -21.87 28.96 5.73
C LYS B 666 -22.97 28.21 4.97
N VAL B 667 -23.96 28.94 4.49
CA VAL B 667 -25.08 28.33 3.79
C VAL B 667 -24.66 27.79 2.43
N GLY B 668 -24.96 26.53 2.18
CA GLY B 668 -24.68 25.91 0.89
C GLY B 668 -23.21 25.53 0.72
N ASN B 669 -22.41 25.88 1.71
CA ASN B 669 -20.99 25.57 1.69
C ASN B 669 -20.71 24.25 2.42
N SER B 670 -19.88 23.42 1.79
CA SER B 670 -19.45 22.12 2.36
C SER B 670 -20.57 21.09 2.45
N GLY B 671 -21.69 21.36 1.77
CA GLY B 671 -22.82 20.44 1.74
C GLY B 671 -24.08 21.13 1.24
N VAL B 672 -25.08 20.34 0.87
CA VAL B 672 -26.33 20.91 0.36
C VAL B 672 -27.13 21.56 1.49
N SER B 673 -27.73 22.71 1.20
CA SER B 673 -28.54 23.41 2.18
C SER B 673 -29.99 22.95 2.11
N ILE B 674 -30.40 22.14 3.08
CA ILE B 674 -31.77 21.63 3.15
C ILE B 674 -32.48 22.18 4.38
N ALA B 675 -33.55 22.93 4.18
CA ALA B 675 -34.24 23.58 5.29
C ALA B 675 -35.71 23.20 5.38
N THR B 676 -36.33 22.87 4.25
CA THR B 676 -37.73 22.47 4.24
C THR B 676 -37.95 21.17 3.49
N LEU B 677 -39.15 20.61 3.65
CA LEU B 677 -39.53 19.39 2.94
C LEU B 677 -39.48 19.62 1.42
N GLU B 678 -39.76 20.85 1.00
CA GLU B 678 -39.74 21.19 -0.41
C GLU B 678 -38.32 21.12 -0.97
N ASP B 679 -37.35 21.51 -0.16
CA ASP B 679 -35.94 21.39 -0.53
C ASP B 679 -35.56 19.92 -0.67
N MET B 680 -35.99 19.11 0.29
CA MET B 680 -35.72 17.68 0.29
C MET B 680 -36.28 17.00 -0.95
N LYS B 681 -37.48 17.41 -1.34
CA LYS B 681 -38.14 16.85 -2.53
C LYS B 681 -37.34 17.17 -3.79
N VAL B 682 -36.89 18.41 -3.90
CA VAL B 682 -36.08 18.84 -5.04
C VAL B 682 -34.77 18.06 -5.10
N LEU B 683 -34.19 17.82 -3.92
CA LEU B 683 -32.91 17.14 -3.81
C LEU B 683 -32.92 15.76 -4.47
N TYR B 684 -34.02 15.03 -4.33
CA TYR B 684 -34.10 13.68 -4.87
C TYR B 684 -35.11 13.57 -6.00
N ASP B 685 -35.36 14.68 -6.68
CA ASP B 685 -36.25 14.67 -7.84
C ASP B 685 -35.62 13.85 -8.96
N GLY B 686 -36.42 13.00 -9.59
CA GLY B 686 -35.93 12.16 -10.66
C GLY B 686 -35.39 10.84 -10.15
N PHE B 687 -35.31 10.71 -8.83
CA PHE B 687 -34.86 9.47 -8.22
C PHE B 687 -36.02 8.74 -7.53
N ASP B 688 -36.36 7.57 -8.04
CA ASP B 688 -37.40 6.76 -7.41
C ASP B 688 -36.85 6.14 -6.13
N LEU B 689 -37.23 6.70 -4.99
CA LEU B 689 -36.70 6.27 -3.70
C LEU B 689 -37.25 4.90 -3.29
N THR B 690 -38.42 4.55 -3.82
CA THR B 690 -39.05 3.28 -3.50
C THR B 690 -38.60 2.16 -4.45
N ASN B 691 -37.82 2.54 -5.46
CA ASN B 691 -37.24 1.57 -6.39
C ASN B 691 -36.24 0.68 -5.66
N PRO B 692 -36.28 -0.64 -5.94
CA PRO B 692 -35.41 -1.61 -5.27
C PRO B 692 -33.92 -1.39 -5.54
N SER B 693 -33.59 -0.79 -6.67
CA SER B 693 -32.19 -0.58 -7.04
C SER B 693 -31.75 0.85 -6.79
N THR B 694 -32.40 1.52 -5.84
CA THR B 694 -32.06 2.89 -5.49
C THR B 694 -31.99 3.08 -3.98
N SER B 695 -30.81 3.44 -3.49
CA SER B 695 -30.60 3.65 -2.06
C SER B 695 -29.92 4.98 -1.78
N VAL B 696 -30.46 5.72 -0.82
CA VAL B 696 -29.92 7.04 -0.48
C VAL B 696 -29.29 7.05 0.92
N SER B 697 -28.04 7.51 0.99
CA SER B 697 -27.34 7.58 2.27
C SER B 697 -27.14 9.02 2.74
N MET B 698 -27.97 9.46 3.67
CA MET B 698 -27.87 10.81 4.21
C MET B 698 -27.00 10.82 5.46
N THR B 699 -26.01 11.70 5.48
CA THR B 699 -25.15 11.83 6.65
C THR B 699 -25.56 13.02 7.51
N ILE B 700 -26.30 12.73 8.58
CA ILE B 700 -26.83 13.75 9.46
C ILE B 700 -26.96 13.15 10.86
N ASN B 701 -26.71 13.95 11.90
CA ASN B 701 -26.67 13.43 13.26
C ASN B 701 -27.66 14.09 14.23
N GLY B 702 -27.35 15.32 14.62
CA GLY B 702 -28.20 16.07 15.52
C GLY B 702 -29.66 16.13 15.08
N PRO B 703 -29.91 16.73 13.90
CA PRO B 703 -31.26 16.85 13.36
C PRO B 703 -31.68 15.62 12.55
N ALA B 704 -31.01 14.50 12.74
CA ALA B 704 -31.29 13.28 11.98
C ALA B 704 -32.77 12.87 11.98
N PRO B 705 -33.45 12.91 13.14
CA PRO B 705 -34.87 12.51 13.06
C PRO B 705 -35.69 13.46 12.18
N THR B 706 -35.40 14.75 12.24
CA THR B 706 -36.13 15.74 11.45
C THR B 706 -35.87 15.55 9.95
N ILE B 707 -34.61 15.33 9.60
CA ILE B 707 -34.22 15.10 8.21
C ILE B 707 -34.84 13.81 7.68
N LEU B 708 -34.83 12.77 8.53
CA LEU B 708 -35.38 11.48 8.15
C LEU B 708 -36.87 11.59 7.82
N ALA B 709 -37.59 12.38 8.62
CA ALA B 709 -39.02 12.59 8.40
C ALA B 709 -39.26 13.27 7.06
N MET B 710 -38.36 14.16 6.68
CA MET B 710 -38.43 14.82 5.39
C MET B 710 -38.23 13.82 4.26
N PHE B 711 -37.24 12.96 4.42
CA PHE B 711 -36.94 11.95 3.42
C PHE B 711 -38.10 10.98 3.24
N MET B 712 -38.65 10.51 4.36
CA MET B 712 -39.79 9.61 4.33
C MET B 712 -40.98 10.25 3.64
N ASN B 713 -41.29 11.49 4.02
CA ASN B 713 -42.37 12.23 3.38
C ASN B 713 -42.12 12.41 1.89
N THR B 714 -40.84 12.58 1.52
CA THR B 714 -40.48 12.72 0.11
C THR B 714 -40.76 11.43 -0.64
N ALA B 715 -40.30 10.32 -0.11
CA ALA B 715 -40.49 9.02 -0.73
C ALA B 715 -41.98 8.66 -0.86
N ILE B 716 -42.75 9.08 0.13
CA ILE B 716 -44.20 8.84 0.11
C ILE B 716 -44.87 9.71 -0.95
N ASP B 717 -44.53 10.99 -0.97
CA ASP B 717 -45.11 11.93 -1.91
C ASP B 717 -44.78 11.59 -3.37
N GLN B 718 -43.62 10.97 -3.57
CA GLN B 718 -43.22 10.54 -4.91
C GLN B 718 -44.20 9.50 -5.47
N GLN B 719 -44.58 8.55 -4.63
CA GLN B 719 -45.51 7.51 -5.07
C GLN B 719 -46.94 8.04 -5.18
N ILE B 720 -47.26 9.05 -4.38
CA ILE B 720 -48.56 9.69 -4.48
C ILE B 720 -48.66 10.43 -5.81
N ASP B 721 -47.58 11.08 -6.20
CA ASP B 721 -47.52 11.77 -7.48
C ASP B 721 -47.51 10.77 -8.63
N ARG B 722 -46.85 9.64 -8.43
CA ARG B 722 -46.78 8.59 -9.44
C ARG B 722 -48.15 7.96 -9.66
N PHE B 723 -48.93 7.84 -8.58
CA PHE B 723 -50.27 7.31 -8.69
C PHE B 723 -51.19 8.31 -9.40
N ARG B 724 -51.07 9.58 -9.04
CA ARG B 724 -51.91 10.63 -9.61
C ARG B 724 -51.68 10.80 -11.10
N ALA B 725 -50.54 10.31 -11.58
CA ALA B 725 -50.20 10.40 -12.99
C ALA B 725 -50.65 9.16 -13.75
N ASP B 726 -50.57 8.00 -13.10
CA ASP B 726 -50.93 6.74 -13.73
C ASP B 726 -52.43 6.47 -13.67
N ASN B 727 -53.16 7.33 -12.97
CA ASN B 727 -54.60 7.18 -12.84
C ASN B 727 -55.35 8.49 -13.12
N GLY B 728 -54.59 9.58 -13.24
CA GLY B 728 -55.17 10.88 -13.55
C GLY B 728 -56.12 11.38 -12.47
N ARG B 729 -55.91 10.90 -11.24
CA ARG B 729 -56.75 11.28 -10.12
C ARG B 729 -56.02 11.08 -8.80
N ASP B 730 -56.41 11.83 -7.79
CA ASP B 730 -55.86 11.67 -6.45
C ASP B 730 -56.34 10.35 -5.86
N PRO B 731 -55.44 9.66 -5.12
CA PRO B 731 -55.84 8.42 -4.46
C PRO B 731 -56.82 8.68 -3.32
N THR B 732 -57.77 7.76 -3.13
CA THR B 732 -58.74 7.89 -2.04
C THR B 732 -58.04 7.74 -0.70
N ALA B 733 -58.77 8.03 0.38
CA ALA B 733 -58.21 7.93 1.72
C ALA B 733 -57.69 6.53 2.01
N ASP B 734 -58.34 5.54 1.41
CA ASP B 734 -57.93 4.15 1.59
C ASP B 734 -56.76 3.80 0.67
N GLU B 735 -56.82 4.29 -0.57
CA GLU B 735 -55.77 4.06 -1.54
C GLU B 735 -54.44 4.69 -1.10
N GLU B 736 -54.53 5.92 -0.61
CA GLU B 736 -53.36 6.63 -0.12
C GLU B 736 -52.75 5.92 1.08
N ALA B 737 -53.63 5.40 1.95
CA ALA B 737 -53.18 4.69 3.14
C ALA B 737 -52.39 3.44 2.77
N LYS B 738 -52.81 2.76 1.71
CA LYS B 738 -52.12 1.57 1.24
C LYS B 738 -50.78 1.93 0.63
N ILE B 739 -50.76 3.01 -0.15
CA ILE B 739 -49.53 3.49 -0.77
C ILE B 739 -48.53 3.95 0.28
N ARG B 740 -49.01 4.77 1.21
CA ARG B 740 -48.16 5.33 2.26
C ARG B 740 -47.51 4.24 3.09
N ALA B 741 -48.28 3.20 3.40
CA ALA B 741 -47.76 2.07 4.16
C ALA B 741 -46.72 1.29 3.37
N TRP B 742 -46.98 1.10 2.09
CA TRP B 742 -46.09 0.32 1.23
C TRP B 742 -44.74 1.01 1.06
N VAL B 743 -44.77 2.33 0.95
CA VAL B 743 -43.55 3.12 0.77
C VAL B 743 -42.60 2.90 1.95
N LEU B 744 -43.15 2.97 3.15
CA LEU B 744 -42.37 2.82 4.38
C LEU B 744 -41.66 1.48 4.46
N GLN B 745 -42.29 0.44 3.92
CA GLN B 745 -41.75 -0.90 4.00
C GLN B 745 -40.58 -1.12 3.04
N ASN B 746 -40.73 -0.63 1.81
CA ASN B 746 -39.77 -0.95 0.75
C ASN B 746 -38.73 0.13 0.49
N VAL B 747 -38.88 1.29 1.14
CA VAL B 747 -37.92 2.38 0.95
C VAL B 747 -36.53 1.96 1.43
N ARG B 748 -35.55 2.17 0.58
CA ARG B 748 -34.18 1.78 0.91
C ARG B 748 -33.29 3.01 1.05
N GLY B 749 -32.64 3.11 2.19
CA GLY B 749 -31.77 4.24 2.47
C GLY B 749 -31.07 4.13 3.81
N THR B 750 -30.18 5.07 4.08
CA THR B 750 -29.37 5.02 5.29
C THR B 750 -29.12 6.40 5.86
N VAL B 751 -29.31 6.54 7.17
CA VAL B 751 -28.93 7.76 7.87
C VAL B 751 -27.70 7.49 8.71
N GLN B 752 -26.54 7.90 8.24
CA GLN B 752 -25.30 7.68 8.97
C GLN B 752 -25.28 8.50 10.27
N ALA B 753 -26.13 8.08 11.21
CA ALA B 753 -26.31 8.81 12.46
C ALA B 753 -25.69 8.08 13.64
N ASP B 754 -24.67 8.69 14.23
CA ASP B 754 -24.10 8.21 15.48
C ASP B 754 -24.17 9.33 16.51
N ILE B 755 -25.17 9.26 17.39
CA ILE B 755 -25.38 10.28 18.40
C ILE B 755 -24.24 10.33 19.41
N LEU B 756 -23.73 9.15 19.77
CA LEU B 756 -22.74 9.02 20.83
C LEU B 756 -21.38 9.64 20.47
N LYS B 757 -20.92 9.42 19.24
CA LYS B 757 -19.62 9.91 18.81
C LYS B 757 -19.51 11.44 18.92
N GLU B 758 -20.66 12.11 18.80
CA GLU B 758 -20.72 13.56 18.81
C GLU B 758 -20.09 14.16 20.07
N ASP B 759 -20.37 13.55 21.22
CA ASP B 759 -19.89 14.07 22.48
C ASP B 759 -18.50 13.54 22.80
N GLN B 760 -18.19 12.34 22.29
CA GLN B 760 -16.98 11.63 22.69
C GLN B 760 -15.70 12.19 22.09
N GLY B 761 -15.78 12.86 20.96
CA GLY B 761 -14.58 13.39 20.34
C GLY B 761 -14.75 14.61 19.46
N GLN B 762 -15.96 15.15 19.40
CA GLN B 762 -16.25 16.19 18.41
C GLN B 762 -16.70 17.53 18.99
N ASN B 763 -17.51 17.48 20.06
CA ASN B 763 -18.22 18.66 20.56
C ASN B 763 -19.12 19.26 19.47
N THR B 764 -19.95 18.41 18.88
CA THR B 764 -20.81 18.79 17.77
C THR B 764 -22.27 18.83 18.24
N CYS B 765 -22.53 18.22 19.38
CA CYS B 765 -23.87 18.08 19.94
C CYS B 765 -24.72 19.33 19.85
N ILE B 766 -25.92 19.18 19.30
CA ILE B 766 -26.87 20.27 19.20
C ILE B 766 -28.05 19.98 20.12
N PHE B 767 -28.27 18.70 20.38
CA PHE B 767 -29.27 18.24 21.35
C PHE B 767 -28.58 17.62 22.54
N SER B 768 -29.25 17.59 23.69
CA SER B 768 -28.71 16.91 24.85
C SER B 768 -28.63 15.41 24.55
N THR B 769 -27.55 14.79 24.98
CA THR B 769 -27.24 13.41 24.61
C THR B 769 -28.38 12.44 24.94
N GLU B 770 -28.98 12.61 26.11
CA GLU B 770 -30.05 11.72 26.55
C GLU B 770 -31.30 11.88 25.69
N PHE B 771 -31.60 13.11 25.30
CA PHE B 771 -32.79 13.38 24.49
C PHE B 771 -32.65 12.78 23.09
N SER B 772 -31.46 12.89 22.52
CA SER B 772 -31.20 12.38 21.19
C SER B 772 -31.37 10.86 21.16
N LEU B 773 -30.88 10.20 22.19
CA LEU B 773 -31.00 8.75 22.30
C LEU B 773 -32.46 8.35 22.46
N LYS B 774 -33.22 9.18 23.17
CA LYS B 774 -34.65 8.95 23.36
C LYS B 774 -35.36 8.96 22.02
N VAL B 775 -35.12 10.00 21.23
CA VAL B 775 -35.76 10.15 19.93
C VAL B 775 -35.26 9.07 18.97
N MET B 776 -33.99 8.71 19.11
CA MET B 776 -33.39 7.66 18.31
C MET B 776 -34.17 6.36 18.48
N GLY B 777 -34.51 6.05 19.72
CA GLY B 777 -35.29 4.88 20.03
C GLY B 777 -36.70 4.97 19.46
N ASP B 778 -37.25 6.18 19.48
CA ASP B 778 -38.57 6.42 18.91
C ASP B 778 -38.59 6.07 17.42
N ILE B 779 -37.49 6.38 16.73
CA ILE B 779 -37.36 6.08 15.32
C ILE B 779 -37.40 4.57 15.08
N GLN B 780 -36.63 3.83 15.86
CA GLN B 780 -36.57 2.38 15.72
C GLN B 780 -37.91 1.75 16.09
N GLU B 781 -38.59 2.37 17.06
CA GLU B 781 -39.91 1.93 17.48
C GLU B 781 -40.91 2.10 16.35
N TYR B 782 -40.80 3.23 15.66
CA TYR B 782 -41.65 3.54 14.51
C TYR B 782 -41.40 2.56 13.37
N PHE B 783 -40.12 2.26 13.13
CA PHE B 783 -39.73 1.34 12.07
C PHE B 783 -40.32 -0.05 12.27
N VAL B 784 -40.28 -0.52 13.50
CA VAL B 784 -40.79 -1.85 13.83
C VAL B 784 -42.30 -1.91 13.60
N HIS B 785 -43.00 -0.86 14.03
CA HIS B 785 -44.45 -0.82 13.91
C HIS B 785 -44.92 -0.83 12.45
N HIS B 786 -44.19 -0.13 11.59
CA HIS B 786 -44.58 0.00 10.19
C HIS B 786 -43.77 -0.91 9.27
N GLN B 787 -43.04 -1.85 9.87
CA GLN B 787 -42.28 -2.86 9.13
C GLN B 787 -41.29 -2.25 8.13
N VAL B 788 -40.67 -1.16 8.53
CA VAL B 788 -39.60 -0.54 7.74
C VAL B 788 -38.35 -1.41 7.82
N ARG B 789 -38.32 -2.48 7.04
CA ARG B 789 -37.25 -3.47 7.15
C ARG B 789 -36.14 -3.28 6.12
N ASN B 790 -36.15 -2.15 5.44
CA ASN B 790 -35.18 -1.87 4.39
C ASN B 790 -34.35 -0.61 4.64
N PHE B 791 -34.78 0.22 5.59
CA PHE B 791 -34.05 1.45 5.88
C PHE B 791 -33.15 1.27 7.11
N TYR B 792 -31.93 1.79 7.01
CA TYR B 792 -30.96 1.73 8.11
C TYR B 792 -30.88 3.08 8.82
N SER B 793 -31.23 3.10 10.09
CA SER B 793 -31.34 4.36 10.84
C SER B 793 -30.10 4.69 11.66
N VAL B 794 -29.19 3.73 11.80
CA VAL B 794 -28.01 3.93 12.63
C VAL B 794 -26.73 3.43 11.97
N SER B 795 -25.69 4.25 12.00
CA SER B 795 -24.37 3.86 11.54
C SER B 795 -23.34 4.20 12.61
N ILE B 796 -22.89 3.19 13.34
CA ILE B 796 -21.91 3.41 14.40
C ILE B 796 -20.54 3.70 13.79
N SER B 797 -20.03 4.90 14.05
CA SER B 797 -18.75 5.31 13.48
C SER B 797 -17.66 5.32 14.55
N GLY B 798 -16.42 5.29 14.09
CA GLY B 798 -15.26 5.39 14.96
C GLY B 798 -14.16 6.12 14.23
N TYR B 799 -14.50 6.60 13.04
CA TYR B 799 -13.54 7.32 12.20
C TYR B 799 -13.11 8.60 12.90
N HIS B 800 -14.08 9.36 13.38
CA HIS B 800 -13.79 10.59 14.08
C HIS B 800 -13.04 10.34 15.39
N ILE B 801 -13.39 9.25 16.08
CA ILE B 801 -12.75 8.95 17.36
C ILE B 801 -11.25 8.70 17.16
N ALA B 802 -10.92 7.95 16.11
CA ALA B 802 -9.52 7.64 15.81
C ALA B 802 -8.79 8.88 15.27
N GLU B 803 -9.46 9.58 14.37
CA GLU B 803 -8.94 10.79 13.74
C GLU B 803 -8.63 11.85 14.77
N ALA B 804 -9.39 11.84 15.87
CA ALA B 804 -9.19 12.77 16.95
C ALA B 804 -7.89 12.47 17.70
N GLY B 805 -7.43 11.22 17.62
CA GLY B 805 -6.16 10.84 18.22
C GLY B 805 -6.13 9.46 18.85
N ALA B 806 -7.29 8.82 18.95
CA ALA B 806 -7.40 7.52 19.60
C ALA B 806 -6.61 6.43 18.85
N ASN B 807 -5.82 5.67 19.60
CA ASN B 807 -5.11 4.53 19.01
C ASN B 807 -6.11 3.44 18.61
N PRO B 808 -5.69 2.49 17.75
CA PRO B 808 -6.62 1.46 17.25
C PRO B 808 -7.42 0.72 18.34
N ILE B 809 -6.80 0.43 19.48
CA ILE B 809 -7.50 -0.27 20.54
C ILE B 809 -8.65 0.57 21.08
N SER B 810 -8.36 1.84 21.37
CA SER B 810 -9.38 2.75 21.87
C SER B 810 -10.51 2.91 20.87
N GLN B 811 -10.16 3.07 19.60
CA GLN B 811 -11.15 3.25 18.54
C GLN B 811 -12.10 2.06 18.47
N LEU B 812 -11.53 0.87 18.37
CA LEU B 812 -12.33 -0.34 18.26
C LEU B 812 -13.18 -0.56 19.50
N ALA B 813 -12.58 -0.37 20.68
CA ALA B 813 -13.28 -0.59 21.94
C ALA B 813 -14.43 0.38 22.14
N PHE B 814 -14.16 1.67 21.94
CA PHE B 814 -15.19 2.70 22.10
C PHE B 814 -16.35 2.48 21.12
N THR B 815 -16.02 2.13 19.89
CA THR B 815 -17.02 1.97 18.84
C THR B 815 -17.92 0.76 19.11
N LEU B 816 -17.31 -0.36 19.48
CA LEU B 816 -18.09 -1.54 19.84
C LEU B 816 -18.92 -1.26 21.08
N ALA B 817 -18.36 -0.50 22.00
CA ALA B 817 -19.08 -0.10 23.21
C ALA B 817 -20.30 0.74 22.84
N ASN B 818 -20.10 1.72 21.97
CA ASN B 818 -21.19 2.56 21.50
C ASN B 818 -22.25 1.73 20.80
N GLY B 819 -21.82 0.76 20.00
CA GLY B 819 -22.73 -0.11 19.29
C GLY B 819 -23.58 -0.92 20.24
N PHE B 820 -22.94 -1.54 21.24
CA PHE B 820 -23.65 -2.32 22.23
C PHE B 820 -24.60 -1.46 23.05
N THR B 821 -24.26 -0.19 23.19
CA THR B 821 -25.11 0.76 23.91
C THR B 821 -26.44 0.94 23.19
N TYR B 822 -26.37 1.10 21.87
CA TYR B 822 -27.58 1.22 21.06
C TYR B 822 -28.42 -0.05 21.19
N VAL B 823 -27.75 -1.19 21.24
CA VAL B 823 -28.43 -2.46 21.39
C VAL B 823 -29.19 -2.52 22.70
N GLU B 824 -28.50 -2.21 23.80
CA GLU B 824 -29.12 -2.20 25.12
C GLU B 824 -30.22 -1.15 25.20
N ALA B 825 -30.04 -0.05 24.49
CA ALA B 825 -31.01 1.03 24.48
C ALA B 825 -32.30 0.57 23.80
N TYR B 826 -32.16 -0.08 22.66
CA TYR B 826 -33.30 -0.55 21.88
C TYR B 826 -34.00 -1.72 22.57
N LEU B 827 -33.23 -2.53 23.28
CA LEU B 827 -33.79 -3.69 23.98
C LEU B 827 -34.64 -3.25 25.16
N ALA B 828 -34.20 -2.19 25.84
CA ALA B 828 -34.93 -1.67 26.99
C ALA B 828 -36.16 -0.89 26.56
N ARG B 829 -36.38 -0.76 25.25
CA ARG B 829 -37.62 -0.19 24.76
C ARG B 829 -38.60 -1.33 24.50
N GLY B 830 -38.16 -2.54 24.84
CA GLY B 830 -38.98 -3.73 24.70
C GLY B 830 -38.94 -4.31 23.30
N MET B 831 -37.88 -4.01 22.56
CA MET B 831 -37.78 -4.45 21.18
C MET B 831 -37.00 -5.74 21.05
N HIS B 832 -37.28 -6.47 19.97
CA HIS B 832 -36.60 -7.73 19.70
C HIS B 832 -35.27 -7.48 19.02
N ILE B 833 -34.29 -8.32 19.34
CA ILE B 833 -32.93 -8.14 18.89
C ILE B 833 -32.76 -8.38 17.38
N ASP B 834 -33.56 -9.28 16.84
CA ASP B 834 -33.48 -9.61 15.42
C ASP B 834 -34.18 -8.58 14.55
N ASP B 835 -34.68 -7.52 15.15
CA ASP B 835 -35.41 -6.49 14.43
C ASP B 835 -34.57 -5.27 14.10
N PHE B 836 -33.50 -5.05 14.88
CA PHE B 836 -32.67 -3.88 14.66
C PHE B 836 -31.19 -4.20 14.47
N ALA B 837 -30.78 -5.38 14.90
CA ALA B 837 -29.37 -5.77 14.77
C ALA B 837 -28.89 -5.90 13.32
N PRO B 838 -29.71 -6.49 12.42
CA PRO B 838 -29.22 -6.54 11.04
C PRO B 838 -29.15 -5.17 10.35
N ASN B 839 -29.73 -4.14 10.97
CA ASN B 839 -29.70 -2.80 10.39
C ASN B 839 -28.49 -2.01 10.87
N LEU B 840 -27.74 -2.58 11.79
CA LEU B 840 -26.59 -1.88 12.38
C LEU B 840 -25.36 -1.99 11.50
N SER B 841 -24.82 -0.83 11.12
CA SER B 841 -23.64 -0.75 10.28
C SER B 841 -22.48 -0.12 11.06
N PHE B 842 -21.26 -0.47 10.69
CA PHE B 842 -20.09 0.06 11.38
C PHE B 842 -19.15 0.81 10.45
N PHE B 843 -18.22 1.57 11.04
CA PHE B 843 -17.39 2.50 10.29
C PHE B 843 -16.04 2.74 11.00
N PHE B 844 -14.96 2.17 10.49
CA PHE B 844 -13.66 2.24 11.17
C PHE B 844 -12.58 2.99 10.38
N SER B 845 -11.44 3.18 11.03
CA SER B 845 -10.28 3.80 10.39
C SER B 845 -9.13 2.80 10.28
N ASN B 846 -8.34 2.89 9.21
CA ASN B 846 -7.16 2.04 9.06
C ASN B 846 -5.90 2.88 8.98
N GLY B 847 -5.05 2.76 10.00
CA GLY B 847 -3.81 3.51 10.05
C GLY B 847 -2.58 2.65 9.82
N MET B 848 -1.44 3.10 10.33
CA MET B 848 -0.19 2.38 10.14
C MET B 848 0.09 1.41 11.28
N ASP B 849 -0.54 1.64 12.43
CA ASP B 849 -0.35 0.80 13.61
C ASP B 849 -0.64 -0.67 13.29
N PRO B 850 0.11 -1.59 13.92
CA PRO B 850 -0.02 -3.03 13.68
C PRO B 850 -1.43 -3.55 13.94
N GLU B 851 -2.09 -2.99 14.96
CA GLU B 851 -3.41 -3.47 15.38
C GLU B 851 -4.46 -3.30 14.29
N TYR B 852 -4.26 -2.35 13.40
CA TYR B 852 -5.22 -2.08 12.33
C TYR B 852 -5.36 -3.27 11.39
N SER B 853 -4.32 -4.09 11.31
CA SER B 853 -4.31 -5.24 10.41
C SER B 853 -5.35 -6.27 10.81
N VAL B 854 -5.70 -6.30 12.09
CA VAL B 854 -6.64 -7.30 12.60
C VAL B 854 -7.86 -6.65 13.25
N LEU B 855 -8.07 -5.37 12.97
CA LEU B 855 -9.17 -4.64 13.59
C LEU B 855 -10.52 -5.21 13.18
N GLY B 856 -10.69 -5.42 11.87
CA GLY B 856 -11.94 -5.92 11.33
C GLY B 856 -12.32 -7.30 11.85
N ARG B 857 -11.37 -8.22 11.80
CA ARG B 857 -11.63 -9.60 12.22
C ARG B 857 -11.96 -9.68 13.70
N VAL B 858 -11.34 -8.82 14.51
CA VAL B 858 -11.65 -8.77 15.93
C VAL B 858 -13.07 -8.26 16.16
N ALA B 859 -13.43 -7.19 15.46
CA ALA B 859 -14.76 -6.61 15.58
C ALA B 859 -15.84 -7.62 15.20
N ARG B 860 -15.57 -8.42 14.17
CA ARG B 860 -16.53 -9.41 13.72
C ARG B 860 -16.73 -10.52 14.74
N ARG B 861 -15.65 -10.98 15.37
CA ARG B 861 -15.73 -12.09 16.31
C ARG B 861 -16.40 -11.70 17.61
N ILE B 862 -16.01 -10.54 18.14
CA ILE B 862 -16.59 -10.04 19.38
C ILE B 862 -18.09 -9.86 19.21
N TRP B 863 -18.49 -9.34 18.05
CA TRP B 863 -19.89 -9.13 17.76
C TRP B 863 -20.64 -10.46 17.64
N ALA B 864 -20.13 -11.34 16.78
CA ALA B 864 -20.78 -12.63 16.51
C ALA B 864 -20.98 -13.46 17.77
N VAL B 865 -19.95 -13.55 18.60
CA VAL B 865 -20.00 -14.33 19.83
C VAL B 865 -21.02 -13.75 20.81
N THR B 866 -20.95 -12.45 21.04
CA THR B 866 -21.88 -11.80 21.96
C THR B 866 -23.32 -11.82 21.44
N MET B 867 -23.51 -11.54 20.16
CA MET B 867 -24.85 -11.53 19.58
C MET B 867 -25.49 -12.92 19.66
N ARG B 868 -24.67 -13.95 19.62
CA ARG B 868 -25.18 -15.31 19.67
C ARG B 868 -25.41 -15.76 21.11
N ASP B 869 -24.36 -15.68 21.92
CA ASP B 869 -24.40 -16.19 23.28
C ASP B 869 -25.17 -15.30 24.23
N LYS B 870 -24.85 -14.01 24.26
CA LYS B 870 -25.45 -13.09 25.20
C LYS B 870 -26.88 -12.68 24.82
N TYR B 871 -27.07 -12.24 23.58
CA TYR B 871 -28.35 -11.69 23.16
C TYR B 871 -29.22 -12.70 22.42
N GLY B 872 -28.64 -13.85 22.07
CA GLY B 872 -29.38 -14.94 21.44
C GLY B 872 -30.03 -14.55 20.12
N ALA B 873 -29.35 -13.72 19.35
CA ALA B 873 -29.87 -13.27 18.07
C ALA B 873 -29.57 -14.28 16.96
N ASN B 874 -30.15 -14.06 15.79
CA ASN B 874 -30.00 -14.99 14.68
C ASN B 874 -28.72 -14.73 13.89
N ASP B 875 -28.55 -15.47 12.80
CA ASP B 875 -27.33 -15.41 12.00
C ASP B 875 -27.11 -14.04 11.37
N ARG B 876 -28.18 -13.47 10.80
CA ARG B 876 -28.09 -12.16 10.15
C ARG B 876 -27.65 -11.08 11.11
N SER B 877 -27.92 -11.29 12.40
CA SER B 877 -27.56 -10.32 13.42
C SER B 877 -26.12 -10.48 13.88
N GLN B 878 -25.64 -11.72 13.89
CA GLN B 878 -24.27 -12.02 14.34
C GLN B 878 -23.23 -11.50 13.36
N LYS B 879 -23.66 -11.16 12.16
CA LYS B 879 -22.74 -10.70 11.12
C LYS B 879 -22.54 -9.19 11.17
N LEU B 880 -21.35 -8.78 11.60
CA LEU B 880 -21.01 -7.37 11.66
C LEU B 880 -20.44 -6.88 10.33
N LYS B 881 -21.16 -6.00 9.65
CA LYS B 881 -20.67 -5.42 8.41
C LYS B 881 -20.13 -4.02 8.68
N TYR B 882 -18.99 -3.69 8.10
CA TYR B 882 -18.35 -2.40 8.38
C TYR B 882 -17.69 -1.77 7.16
N HIS B 883 -17.56 -0.45 7.21
CA HIS B 883 -16.83 0.32 6.21
C HIS B 883 -15.50 0.76 6.79
N ILE B 884 -14.44 0.60 6.02
CA ILE B 884 -13.12 1.08 6.45
C ILE B 884 -12.65 2.22 5.55
N GLN B 885 -12.26 3.33 6.17
CA GLN B 885 -11.69 4.46 5.44
C GLN B 885 -10.27 4.70 5.92
N THR B 886 -9.33 4.83 4.98
CA THR B 886 -7.92 4.99 5.33
C THR B 886 -7.70 6.23 6.19
N SER B 887 -6.74 6.16 7.10
CA SER B 887 -6.50 7.23 8.06
C SER B 887 -6.05 8.51 7.35
N GLY B 888 -6.78 9.59 7.59
CA GLY B 888 -6.45 10.88 7.01
C GLY B 888 -5.38 11.60 7.82
N ARG B 889 -5.39 11.33 9.12
CA ARG B 889 -4.38 11.88 10.04
C ARG B 889 -2.98 11.41 9.66
N SER B 890 -2.90 10.19 9.13
CA SER B 890 -1.63 9.58 8.79
C SER B 890 -1.00 10.21 7.55
N LEU B 891 -1.79 10.98 6.82
CA LEU B 891 -1.29 11.69 5.65
C LEU B 891 -0.92 13.13 6.02
N HIS B 892 0.11 13.66 5.38
CA HIS B 892 0.65 14.97 5.77
C HIS B 892 0.74 15.95 4.60
N ALA B 893 0.99 17.22 4.94
CA ALA B 893 1.10 18.27 3.95
C ALA B 893 2.48 18.27 3.32
N GLN B 894 3.49 17.88 4.10
CA GLN B 894 4.86 17.81 3.61
C GLN B 894 5.06 16.54 2.77
N GLU B 895 5.61 16.72 1.57
CA GLU B 895 5.82 15.61 0.63
C GLU B 895 4.53 14.82 0.41
N ILE B 896 3.58 15.44 -0.29
CA ILE B 896 2.26 14.86 -0.45
C ILE B 896 2.27 13.60 -1.32
N ASP B 897 3.34 13.40 -2.08
CA ASP B 897 3.47 12.22 -2.92
C ASP B 897 3.67 10.96 -2.07
N PHE B 898 4.16 11.13 -0.84
CA PHE B 898 4.41 10.02 0.05
C PHE B 898 3.11 9.42 0.58
N ASN B 899 2.05 10.21 0.56
CA ASN B 899 0.77 9.78 1.12
C ASN B 899 0.14 8.62 0.36
N ASP B 900 0.39 8.53 -0.93
CA ASP B 900 -0.11 7.43 -1.74
C ASP B 900 0.48 6.10 -1.29
N ILE B 901 1.73 6.15 -0.82
CA ILE B 901 2.39 4.96 -0.28
C ILE B 901 1.67 4.47 0.97
N ARG B 902 1.38 5.39 1.89
CA ARG B 902 0.70 5.05 3.14
C ARG B 902 -0.73 4.61 2.88
N THR B 903 -1.40 5.28 1.95
CA THR B 903 -2.80 4.98 1.66
C THR B 903 -2.93 3.63 0.97
N THR B 904 -1.86 3.22 0.30
CA THR B 904 -1.83 1.91 -0.35
C THR B 904 -1.74 0.79 0.69
N LEU B 905 -0.80 0.92 1.61
CA LEU B 905 -0.60 -0.06 2.66
C LEU B 905 -1.84 -0.22 3.53
N GLN B 906 -2.50 0.90 3.83
CA GLN B 906 -3.70 0.87 4.65
C GLN B 906 -4.86 0.23 3.90
N ALA B 907 -4.95 0.52 2.61
CA ALA B 907 -5.99 -0.06 1.77
C ALA B 907 -5.80 -1.56 1.62
N LEU B 908 -4.55 -2.01 1.68
CA LEU B 908 -4.23 -3.42 1.48
C LEU B 908 -4.75 -4.29 2.62
N ILE B 909 -4.42 -3.93 3.86
CA ILE B 909 -4.83 -4.73 5.00
C ILE B 909 -6.35 -4.69 5.19
N ALA B 910 -6.98 -3.65 4.64
CA ALA B 910 -8.43 -3.55 4.68
C ALA B 910 -9.04 -4.64 3.81
N ILE B 911 -8.51 -4.79 2.60
CA ILE B 911 -9.03 -5.78 1.65
C ILE B 911 -8.64 -7.20 2.07
N TYR B 912 -7.42 -7.35 2.59
CA TYR B 912 -6.98 -8.64 3.13
C TYR B 912 -7.95 -9.13 4.20
N ASP B 913 -8.33 -8.23 5.09
CA ASP B 913 -9.20 -8.57 6.22
C ASP B 913 -10.68 -8.57 5.81
N ASN B 914 -10.92 -8.65 4.50
CA ASN B 914 -12.26 -8.83 3.95
C ASN B 914 -13.28 -7.79 4.45
N CYS B 915 -12.95 -6.52 4.26
CA CYS B 915 -13.86 -5.43 4.61
C CYS B 915 -15.08 -5.42 3.68
N ASN B 916 -16.14 -4.75 4.10
CA ASN B 916 -17.37 -4.68 3.31
C ASN B 916 -17.41 -3.47 2.40
N SER B 917 -16.65 -2.44 2.78
CA SER B 917 -16.65 -1.18 2.03
C SER B 917 -15.37 -0.40 2.34
N LEU B 918 -14.77 0.18 1.32
CA LEU B 918 -13.49 0.86 1.47
C LEU B 918 -13.44 2.23 0.81
N HIS B 919 -12.96 3.23 1.55
CA HIS B 919 -12.65 4.52 0.95
C HIS B 919 -11.15 4.78 0.99
N THR B 920 -10.64 5.37 -0.08
CA THR B 920 -9.21 5.64 -0.19
C THR B 920 -8.96 7.15 -0.25
N ASN B 921 -7.98 7.60 0.53
CA ASN B 921 -7.68 9.03 0.63
C ASN B 921 -6.75 9.51 -0.48
N ALA B 922 -6.97 10.75 -0.90
CA ALA B 922 -6.17 11.36 -1.96
C ALA B 922 -4.79 11.76 -1.43
N TYR B 923 -3.88 12.07 -2.34
CA TYR B 923 -2.52 12.45 -1.96
C TYR B 923 -2.49 13.87 -1.41
N ASP B 924 -3.39 14.72 -1.89
CA ASP B 924 -3.43 16.13 -1.49
C ASP B 924 -3.94 16.29 -0.05
N ILE B 927 -5.22 18.64 1.69
CA ILE B 927 -5.14 20.10 1.76
C ILE B 927 -6.04 20.76 0.71
N THR B 928 -5.73 20.54 -0.56
CA THR B 928 -6.49 21.14 -1.66
C THR B 928 -7.84 20.46 -1.84
N THR B 929 -8.71 21.10 -2.61
CA THR B 929 -10.02 20.54 -2.93
C THR B 929 -9.88 19.22 -3.68
N PRO B 930 -10.83 18.30 -3.50
CA PRO B 930 -10.73 16.99 -4.16
C PRO B 930 -10.76 17.09 -5.68
N THR B 931 -9.60 17.35 -6.28
CA THR B 931 -9.51 17.46 -7.74
C THR B 931 -9.82 16.12 -8.39
N ALA B 932 -10.34 16.15 -9.61
CA ALA B 932 -10.71 14.94 -10.33
C ALA B 932 -9.47 14.09 -10.65
N GLU B 933 -8.30 14.71 -10.60
CA GLU B 933 -7.04 14.01 -10.83
C GLU B 933 -6.60 13.32 -9.54
N SER B 934 -6.77 14.00 -8.41
CA SER B 934 -6.36 13.48 -7.11
C SER B 934 -7.24 12.30 -6.69
N VAL B 935 -8.50 12.32 -7.11
CA VAL B 935 -9.44 11.28 -6.75
C VAL B 935 -9.18 10.01 -7.56
N ARG B 936 -8.58 10.17 -8.73
CA ARG B 936 -8.29 9.02 -9.58
C ARG B 936 -7.11 8.21 -9.04
N ARG B 937 -6.12 8.91 -8.52
CA ARG B 937 -4.97 8.24 -7.91
C ARG B 937 -5.42 7.46 -6.69
N ALA B 938 -6.34 8.03 -5.93
CA ALA B 938 -6.90 7.35 -4.76
C ALA B 938 -7.75 6.16 -5.19
N LEU B 939 -8.52 6.35 -6.26
CA LEU B 939 -9.41 5.31 -6.76
C LEU B 939 -8.61 4.19 -7.44
N ALA B 940 -7.43 4.52 -7.93
CA ALA B 940 -6.58 3.55 -8.61
C ALA B 940 -5.96 2.57 -7.63
N ILE B 941 -5.74 3.03 -6.40
CA ILE B 941 -5.16 2.18 -5.37
C ILE B 941 -6.01 0.94 -5.17
N GLN B 942 -7.33 1.13 -5.09
CA GLN B 942 -8.24 -0.01 -4.93
C GLN B 942 -8.29 -0.86 -6.18
N LEU B 943 -8.28 -0.20 -7.34
CA LEU B 943 -8.34 -0.91 -8.62
C LEU B 943 -7.10 -1.77 -8.85
N ILE B 944 -5.94 -1.27 -8.46
CA ILE B 944 -4.70 -2.02 -8.64
C ILE B 944 -4.66 -3.23 -7.73
N ILE B 945 -5.01 -3.04 -6.46
CA ILE B 945 -5.00 -4.14 -5.51
C ILE B 945 -6.03 -5.21 -5.88
N ASN B 946 -7.25 -4.79 -6.19
CA ASN B 946 -8.32 -5.73 -6.49
C ASN B 946 -8.12 -6.47 -7.80
N ARG B 947 -7.48 -5.83 -8.77
CA ARG B 947 -7.39 -6.39 -10.13
C ARG B 947 -5.98 -6.88 -10.50
N GLU B 948 -4.95 -6.16 -10.08
CA GLU B 948 -3.59 -6.50 -10.48
C GLU B 948 -2.84 -7.32 -9.43
N TRP B 949 -3.03 -6.97 -8.15
CA TRP B 949 -2.27 -7.59 -7.08
C TRP B 949 -2.58 -9.07 -6.95
N GLY B 950 -1.53 -9.89 -6.93
CA GLY B 950 -1.66 -11.33 -6.98
C GLY B 950 -2.20 -11.97 -5.70
N VAL B 951 -1.65 -11.56 -4.57
CA VAL B 951 -2.07 -12.10 -3.27
C VAL B 951 -3.55 -11.86 -3.03
N ALA B 952 -4.07 -10.76 -3.58
CA ALA B 952 -5.46 -10.38 -3.39
C ALA B 952 -6.43 -11.37 -4.05
N LYS B 953 -5.92 -12.19 -4.96
CA LYS B 953 -6.74 -13.21 -5.62
C LYS B 953 -7.16 -14.30 -4.64
N CYS B 954 -6.55 -14.31 -3.47
CA CYS B 954 -6.98 -15.15 -2.36
C CYS B 954 -7.79 -14.31 -1.39
N GLU B 955 -8.88 -14.86 -0.87
CA GLU B 955 -9.81 -14.06 -0.08
C GLU B 955 -9.61 -14.17 1.43
N ASN B 956 -8.77 -15.11 1.86
CA ASN B 956 -8.41 -15.21 3.27
C ASN B 956 -6.91 -15.36 3.50
N PRO B 957 -6.11 -14.43 2.95
CA PRO B 957 -4.66 -14.60 3.05
C PRO B 957 -4.13 -14.37 4.47
N ASN B 958 -4.91 -13.67 5.28
CA ASN B 958 -4.53 -13.43 6.68
C ASN B 958 -4.53 -14.72 7.50
N GLN B 959 -5.51 -15.57 7.24
CA GLN B 959 -5.73 -16.78 8.05
C GLN B 959 -4.54 -17.72 8.05
N GLY B 960 -4.19 -18.21 9.24
CA GLY B 960 -3.06 -19.09 9.40
C GLY B 960 -1.86 -18.37 9.99
N SER B 961 -1.64 -17.14 9.57
CA SER B 961 -0.49 -16.36 10.01
C SER B 961 -0.37 -16.31 11.52
N PHE B 962 0.80 -16.70 12.03
CA PHE B 962 1.07 -16.71 13.46
C PHE B 962 0.92 -15.30 14.02
N LEU B 963 1.45 -14.32 13.30
CA LEU B 963 1.35 -12.92 13.71
C LEU B 963 -0.08 -12.45 13.78
N ILE B 964 -0.87 -12.77 12.76
CA ILE B 964 -2.26 -12.34 12.70
C ILE B 964 -3.08 -12.92 13.84
N GLU B 965 -2.92 -14.22 14.08
CA GLU B 965 -3.73 -14.88 15.11
C GLU B 965 -3.34 -14.40 16.51
N GLU B 966 -2.05 -14.19 16.74
CA GLU B 966 -1.60 -13.67 18.03
C GLU B 966 -2.09 -12.25 18.25
N LEU B 967 -1.95 -11.42 17.22
CA LEU B 967 -2.43 -10.04 17.27
C LEU B 967 -3.93 -9.97 17.49
N THR B 968 -4.66 -10.87 16.82
CA THR B 968 -6.11 -10.93 16.94
C THR B 968 -6.51 -11.21 18.39
N ASP B 969 -5.82 -12.15 19.02
CA ASP B 969 -6.10 -12.50 20.40
C ASP B 969 -5.76 -11.36 21.36
N LEU B 970 -4.63 -10.70 21.11
CA LEU B 970 -4.18 -9.61 21.96
C LEU B 970 -5.15 -8.43 21.91
N VAL B 971 -5.44 -7.97 20.70
CA VAL B 971 -6.35 -6.85 20.48
C VAL B 971 -7.72 -7.11 21.08
N GLU B 972 -8.22 -8.33 20.86
CA GLU B 972 -9.53 -8.73 21.37
C GLU B 972 -9.61 -8.56 22.89
N GLU B 973 -8.62 -9.11 23.59
CA GLU B 973 -8.58 -9.02 25.05
C GLU B 973 -8.41 -7.58 25.51
N ALA B 974 -7.59 -6.82 24.79
CA ALA B 974 -7.39 -5.41 25.09
C ALA B 974 -8.70 -4.64 25.01
N VAL B 975 -9.51 -4.99 24.02
CA VAL B 975 -10.83 -4.38 23.86
C VAL B 975 -11.73 -4.75 25.04
N LEU B 976 -11.72 -6.03 25.40
CA LEU B 976 -12.53 -6.52 26.51
C LEU B 976 -12.18 -5.83 27.82
N GLN B 977 -10.89 -5.60 28.04
CA GLN B 977 -10.43 -4.91 29.24
C GLN B 977 -10.95 -3.49 29.26
N GLU B 978 -10.99 -2.87 28.08
CA GLU B 978 -11.50 -1.50 27.99
C GLU B 978 -13.01 -1.48 28.23
N PHE B 979 -13.70 -2.54 27.85
CA PHE B 979 -15.13 -2.67 28.15
C PHE B 979 -15.34 -2.60 29.66
N GLU B 980 -14.48 -3.33 30.38
CA GLU B 980 -14.56 -3.40 31.82
C GLU B 980 -14.31 -2.05 32.47
N ARG B 981 -13.40 -1.27 31.86
CA ARG B 981 -13.10 0.06 32.38
C ARG B 981 -14.29 1.00 32.19
N ILE B 982 -14.98 0.86 31.06
CA ILE B 982 -16.15 1.69 30.79
C ILE B 982 -17.32 1.22 31.66
N ALA B 983 -17.39 -0.08 31.89
CA ALA B 983 -18.46 -0.65 32.69
C ALA B 983 -18.41 -0.19 34.15
N GLU B 984 -17.20 -0.04 34.68
CA GLU B 984 -17.04 0.40 36.06
C GLU B 984 -17.13 1.91 36.18
N ARG B 985 -17.47 2.57 35.07
CA ARG B 985 -17.70 4.00 35.07
C ARG B 985 -19.17 4.29 34.76
N GLY B 986 -19.98 3.24 34.77
CA GLY B 986 -21.42 3.38 34.60
C GLY B 986 -21.90 3.15 33.17
N GLY B 987 -21.12 2.39 32.40
CA GLY B 987 -21.43 2.17 31.00
C GLY B 987 -20.96 3.34 30.14
N VAL B 988 -21.29 3.29 28.86
CA VAL B 988 -20.86 4.33 27.93
C VAL B 988 -21.43 5.69 28.31
N LEU B 989 -22.71 5.72 28.64
CA LEU B 989 -23.36 6.95 29.05
C LEU B 989 -22.76 7.49 30.34
N GLY B 990 -22.48 6.59 31.28
CA GLY B 990 -21.90 6.96 32.55
C GLY B 990 -20.50 7.51 32.39
N ALA B 991 -19.76 6.95 31.44
CA ALA B 991 -18.40 7.41 31.18
C ALA B 991 -18.40 8.78 30.51
N MET B 992 -19.32 8.98 29.58
CA MET B 992 -19.46 10.26 28.90
C MET B 992 -19.79 11.38 29.87
N GLU B 993 -20.51 11.02 30.94
CA GLU B 993 -20.89 11.96 31.97
C GLU B 993 -19.65 12.55 32.64
N THR B 994 -18.60 11.73 32.72
CA THR B 994 -17.33 12.16 33.29
C THR B 994 -16.37 12.65 32.21
N GLY B 995 -16.73 12.42 30.97
CA GLY B 995 -15.86 12.74 29.85
C GLY B 995 -14.67 11.81 29.80
N TYR B 996 -14.92 10.54 30.11
CA TYR B 996 -13.87 9.53 30.10
C TYR B 996 -13.29 9.33 28.71
N GLN B 997 -14.16 9.11 27.74
CA GLN B 997 -13.74 8.89 26.36
C GLN B 997 -13.00 10.10 25.83
N ARG B 998 -13.62 11.26 25.95
CA ARG B 998 -13.00 12.52 25.51
C ARG B 998 -11.63 12.68 26.14
N GLY B 999 -11.54 12.42 27.43
CA GLY B 999 -10.29 12.55 28.15
C GLY B 999 -9.22 11.60 27.63
N LYS B 1000 -9.61 10.35 27.40
CA LYS B 1000 -8.68 9.33 26.96
C LYS B 1000 -8.21 9.58 25.53
N ILE B 1001 -9.13 10.01 24.66
CA ILE B 1001 -8.79 10.35 23.30
C ILE B 1001 -7.80 11.51 23.26
N GLN B 1002 -8.10 12.54 24.04
CA GLN B 1002 -7.26 13.71 24.17
C GLN B 1002 -5.88 13.34 24.71
N GLU B 1003 -5.85 12.40 25.65
CA GLU B 1003 -4.61 11.94 26.25
C GLU B 1003 -3.72 11.23 25.22
N GLU B 1004 -4.35 10.45 24.36
CA GLU B 1004 -3.63 9.67 23.36
C GLU B 1004 -3.23 10.54 22.17
N SER B 1005 -4.05 11.53 21.85
CA SER B 1005 -3.75 12.46 20.78
C SER B 1005 -2.52 13.27 21.12
N LEU B 1006 -2.41 13.65 22.39
CA LEU B 1006 -1.26 14.42 22.86
C LEU B 1006 -0.01 13.56 22.86
N TYR B 1007 -0.14 12.32 23.33
CA TYR B 1007 0.97 11.38 23.37
C TYR B 1007 1.54 11.14 21.98
N TYR B 1008 0.66 10.97 21.00
CA TYR B 1008 1.07 10.79 19.61
C TYR B 1008 1.79 12.03 19.11
N GLU B 1009 1.15 13.18 19.30
CA GLU B 1009 1.67 14.45 18.80
C GLU B 1009 3.00 14.77 19.46
N GLN B 1010 3.22 14.19 20.64
CA GLN B 1010 4.48 14.33 21.37
C GLN B 1010 5.60 13.51 20.77
N LEU B 1011 5.40 12.20 20.66
CA LEU B 1011 6.42 11.30 20.11
C LEU B 1011 6.77 11.67 18.68
N LYS B 1012 5.79 12.22 17.96
CA LYS B 1012 5.99 12.72 16.61
C LYS B 1012 7.00 13.86 16.60
N HIS B 1013 6.79 14.84 17.46
CA HIS B 1013 7.71 15.96 17.63
C HIS B 1013 9.01 15.51 18.29
N ASP B 1014 8.90 14.49 19.14
CA ASP B 1014 10.03 13.97 19.89
C ASP B 1014 11.10 13.38 18.96
N GLY B 1015 10.67 12.97 17.77
CA GLY B 1015 11.56 12.30 16.83
C GLY B 1015 11.62 10.82 17.15
N THR B 1016 10.81 10.41 18.12
CA THR B 1016 10.79 9.03 18.59
C THR B 1016 9.91 8.19 17.67
N LEU B 1017 8.82 8.79 17.21
CA LEU B 1017 7.94 8.16 16.23
C LEU B 1017 8.23 8.71 14.85
N PRO B 1018 8.98 7.95 14.03
CA PRO B 1018 9.42 8.41 12.73
C PRO B 1018 8.27 8.60 11.74
N ILE B 1019 8.22 9.77 11.10
CA ILE B 1019 7.28 10.04 10.03
C ILE B 1019 8.06 10.52 8.82
N ILE B 1020 8.14 9.69 7.78
CA ILE B 1020 8.98 9.98 6.63
C ILE B 1020 8.53 11.24 5.88
N GLY B 1021 9.43 12.22 5.80
CA GLY B 1021 9.14 13.46 5.11
C GLY B 1021 8.67 14.55 6.06
N VAL B 1022 8.50 14.18 7.33
CA VAL B 1022 8.03 15.14 8.33
C VAL B 1022 9.07 15.40 9.42
N ASN B 1023 9.40 14.38 10.20
CA ASN B 1023 10.41 14.54 11.24
C ASN B 1023 11.73 13.86 10.87
N THR B 1024 11.73 13.12 9.78
CA THR B 1024 12.94 12.49 9.27
C THR B 1024 12.88 12.40 7.74
N PHE B 1025 14.05 12.34 7.11
CA PHE B 1025 14.14 12.29 5.65
C PHE B 1025 13.37 13.47 5.05
N ARG B 1026 13.57 14.65 5.64
CA ARG B 1026 12.82 15.83 5.24
C ARG B 1026 13.28 16.36 3.89
N ASN B 1027 12.42 17.14 3.25
CA ASN B 1027 12.72 17.73 1.95
C ASN B 1027 13.90 18.71 2.07
N PRO B 1028 14.99 18.42 1.34
CA PRO B 1028 16.19 19.25 1.36
C PRO B 1028 15.98 20.66 0.81
N ASN B 1029 14.82 20.92 0.21
CA ASN B 1029 14.49 22.23 -0.31
C ASN B 1029 13.48 22.97 0.56
N GLY B 1030 12.53 22.23 1.11
CA GLY B 1030 11.50 22.81 1.96
C GLY B 1030 10.17 22.11 1.83
N LEU B 1039 -11.96 26.06 -0.35
CA LEU B 1039 -12.12 25.04 -1.38
C LEU B 1039 -13.55 25.05 -1.94
N ALA B 1040 -14.46 24.41 -1.21
CA ALA B 1040 -15.86 24.32 -1.64
C ALA B 1040 -16.60 25.63 -1.39
N ARG B 1041 -17.43 26.03 -2.36
CA ARG B 1041 -18.18 27.29 -2.26
C ARG B 1041 -19.56 27.20 -2.92
N SER B 1042 -20.40 28.17 -2.58
CA SER B 1042 -21.76 28.24 -3.10
C SER B 1042 -22.01 29.61 -3.73
N SER B 1043 -22.87 29.65 -4.74
CA SER B 1043 -23.18 30.89 -5.43
C SER B 1043 -23.97 31.83 -4.54
N GLU B 1044 -23.83 33.14 -4.79
CA GLU B 1044 -24.58 34.15 -4.06
C GLU B 1044 -26.07 34.02 -4.37
N ASP B 1045 -26.38 33.73 -5.63
CA ASP B 1045 -27.75 33.56 -6.07
C ASP B 1045 -28.40 32.38 -5.36
N GLU B 1046 -27.60 31.33 -5.14
CA GLU B 1046 -28.08 30.14 -4.46
C GLU B 1046 -28.45 30.42 -3.01
N LYS B 1047 -27.67 31.29 -2.37
CA LYS B 1047 -27.94 31.67 -0.98
C LYS B 1047 -29.26 32.44 -0.90
N GLN B 1048 -29.40 33.43 -1.77
CA GLN B 1048 -30.62 34.23 -1.82
C GLN B 1048 -31.81 33.39 -2.24
N SER B 1049 -31.55 32.35 -3.03
CA SER B 1049 -32.58 31.42 -3.43
C SER B 1049 -33.14 30.69 -2.23
N GLN B 1050 -32.25 30.14 -1.41
CA GLN B 1050 -32.64 29.40 -0.22
C GLN B 1050 -33.41 30.27 0.77
N LEU B 1051 -33.02 31.53 0.88
CA LEU B 1051 -33.69 32.46 1.77
C LEU B 1051 -35.11 32.74 1.28
N HIS B 1052 -35.24 32.94 -0.04
CA HIS B 1052 -36.51 33.26 -0.66
C HIS B 1052 -37.46 32.06 -0.64
N ARG B 1053 -36.89 30.86 -0.76
CA ARG B 1053 -37.68 29.64 -0.69
C ARG B 1053 -38.20 29.43 0.73
N LEU B 1054 -37.35 29.73 1.71
CA LEU B 1054 -37.69 29.55 3.11
C LEU B 1054 -38.84 30.46 3.53
N THR B 1055 -38.71 31.75 3.21
CA THR B 1055 -39.74 32.72 3.57
C THR B 1055 -41.04 32.42 2.84
N GLU B 1056 -40.93 31.82 1.65
CA GLU B 1056 -42.11 31.43 0.89
C GLU B 1056 -42.78 30.21 1.53
N PHE B 1057 -41.96 29.28 2.00
CA PHE B 1057 -42.46 28.10 2.69
C PHE B 1057 -43.14 28.50 4.00
N HIS B 1058 -42.48 29.37 4.75
CA HIS B 1058 -43.01 29.86 6.01
C HIS B 1058 -44.35 30.56 5.82
N GLY B 1059 -44.46 31.36 4.76
CA GLY B 1059 -45.69 32.06 4.47
C GLY B 1059 -46.81 31.11 4.08
N ALA B 1060 -46.43 29.97 3.51
CA ALA B 1060 -47.40 28.99 3.05
C ALA B 1060 -48.11 28.31 4.21
N HIS B 1061 -47.37 27.95 5.24
CA HIS B 1061 -47.92 27.25 6.39
C HIS B 1061 -47.89 28.12 7.65
N GLN B 1062 -48.12 29.41 7.47
CA GLN B 1062 -48.06 30.37 8.57
C GLN B 1062 -49.16 30.09 9.59
N ALA B 1063 -50.27 29.55 9.13
CA ALA B 1063 -51.41 29.27 9.99
C ALA B 1063 -51.16 28.05 10.90
N ASP B 1064 -50.65 26.98 10.31
CA ASP B 1064 -50.51 25.71 11.03
C ASP B 1064 -49.14 25.58 11.71
N ALA B 1065 -48.31 26.60 11.58
CA ALA B 1065 -46.95 26.55 12.10
C ALA B 1065 -46.90 26.46 13.62
N GLU B 1066 -47.44 27.47 14.29
CA GLU B 1066 -47.41 27.54 15.76
C GLU B 1066 -48.15 26.36 16.37
N ALA B 1067 -49.23 25.93 15.72
CA ALA B 1067 -50.04 24.82 16.19
C ALA B 1067 -49.27 23.51 16.19
N MET B 1068 -48.58 23.24 15.09
CA MET B 1068 -47.82 22.01 14.93
C MET B 1068 -46.64 21.94 15.90
N LEU B 1069 -45.91 23.05 16.02
CA LEU B 1069 -44.77 23.14 16.93
C LEU B 1069 -45.20 22.91 18.36
N ALA B 1070 -46.36 23.45 18.72
CA ALA B 1070 -46.92 23.26 20.06
C ALA B 1070 -47.23 21.78 20.30
N ARG B 1071 -47.78 21.11 19.29
CA ARG B 1071 -48.06 19.69 19.36
C ARG B 1071 -46.78 18.89 19.57
N LEU B 1072 -45.71 19.35 18.92
CA LEU B 1072 -44.43 18.67 19.00
C LEU B 1072 -43.85 18.73 20.41
N ARG B 1073 -43.98 19.87 21.06
CA ARG B 1073 -43.49 20.04 22.43
C ARG B 1073 -44.27 19.14 23.38
N GLN B 1074 -45.58 19.10 23.18
CA GLN B 1074 -46.46 18.29 24.01
C GLN B 1074 -46.14 16.81 23.86
N ALA B 1075 -45.59 16.43 22.72
CA ALA B 1075 -45.19 15.06 22.48
C ALA B 1075 -44.01 14.69 23.37
N VAL B 1076 -43.16 15.68 23.66
CA VAL B 1076 -42.01 15.47 24.51
C VAL B 1076 -42.41 15.49 25.98
N ILE B 1077 -43.26 16.45 26.33
CA ILE B 1077 -43.77 16.58 27.70
C ILE B 1077 -44.55 15.34 28.12
N ASP B 1078 -45.54 14.96 27.31
CA ASP B 1078 -46.36 13.79 27.61
C ASP B 1078 -45.59 12.49 27.34
N ASN B 1079 -44.35 12.63 26.90
CA ASN B 1079 -43.45 11.50 26.68
C ASN B 1079 -44.01 10.48 25.70
N ARG B 1080 -44.52 10.96 24.57
CA ARG B 1080 -44.97 10.08 23.50
C ARG B 1080 -43.84 9.91 22.48
N ASN B 1081 -44.18 9.42 21.30
CA ASN B 1081 -43.17 9.22 20.26
C ASN B 1081 -42.91 10.51 19.49
N VAL B 1082 -41.68 11.01 19.59
CA VAL B 1082 -41.32 12.27 18.96
C VAL B 1082 -41.29 12.17 17.43
N PHE B 1083 -40.70 11.09 16.92
CA PHE B 1083 -40.57 10.92 15.48
C PHE B 1083 -41.92 10.83 14.79
N ALA B 1084 -42.88 10.20 15.47
CA ALA B 1084 -44.22 10.04 14.91
C ALA B 1084 -44.86 11.40 14.62
N VAL B 1085 -44.54 12.38 15.45
CA VAL B 1085 -45.06 13.73 15.27
C VAL B 1085 -44.25 14.46 14.18
N LEU B 1086 -42.96 14.14 14.11
CA LEU B 1086 -42.09 14.73 13.10
C LEU B 1086 -42.53 14.36 11.69
N MET B 1087 -43.16 13.20 11.55
CA MET B 1087 -43.68 12.75 10.26
C MET B 1087 -44.76 13.68 9.74
N ASP B 1088 -45.36 14.45 10.65
CA ASP B 1088 -46.37 15.43 10.27
C ASP B 1088 -45.79 16.84 10.36
N ALA B 1089 -44.83 17.03 11.25
CA ALA B 1089 -44.28 18.34 11.53
C ALA B 1089 -43.51 18.94 10.35
N VAL B 1090 -42.78 18.10 9.64
CA VAL B 1090 -41.93 18.57 8.55
C VAL B 1090 -42.72 19.04 7.34
N ARG B 1091 -44.04 18.88 7.38
CA ARG B 1091 -44.90 19.28 6.29
C ARG B 1091 -45.33 20.73 6.38
N VAL B 1092 -45.24 21.31 7.57
CA VAL B 1092 -45.67 22.69 7.77
C VAL B 1092 -44.61 23.50 8.52
N CYS B 1093 -43.51 22.86 8.88
CA CYS B 1093 -42.46 23.53 9.63
C CYS B 1093 -41.09 23.35 8.99
N SER B 1094 -40.24 24.35 9.16
CA SER B 1094 -38.87 24.28 8.65
C SER B 1094 -37.96 23.60 9.66
N LEU B 1095 -36.75 23.27 9.22
CA LEU B 1095 -35.77 22.59 10.07
C LEU B 1095 -35.47 23.38 11.33
N GLY B 1096 -35.22 24.68 11.16
CA GLY B 1096 -34.90 25.56 12.28
C GLY B 1096 -36.05 25.70 13.25
N GLN B 1097 -37.27 25.81 12.73
CA GLN B 1097 -38.46 25.92 13.56
C GLN B 1097 -38.61 24.72 14.49
N ILE B 1098 -38.42 23.53 13.93
CA ILE B 1098 -38.53 22.29 14.69
C ILE B 1098 -37.42 22.18 15.74
N THR B 1099 -36.20 22.43 15.31
CA THR B 1099 -35.04 22.35 16.21
C THR B 1099 -35.19 23.27 17.40
N HIS B 1100 -35.51 24.54 17.14
CA HIS B 1100 -35.65 25.52 18.20
C HIS B 1100 -36.87 25.25 19.07
N ALA B 1101 -37.88 24.59 18.50
CA ALA B 1101 -39.04 24.20 19.29
C ALA B 1101 -38.64 23.12 20.28
N LEU B 1102 -37.83 22.18 19.81
CA LEU B 1102 -37.34 21.10 20.67
C LEU B 1102 -36.39 21.61 21.74
N PHE B 1103 -35.67 22.69 21.43
CA PHE B 1103 -34.79 23.33 22.41
C PHE B 1103 -35.58 23.81 23.62
N GLU B 1104 -36.76 24.36 23.33
CA GLU B 1104 -37.62 24.99 24.32
C GLU B 1104 -38.19 24.00 25.31
N VAL B 1105 -38.44 22.78 24.84
CA VAL B 1105 -39.03 21.74 25.67
C VAL B 1105 -37.95 21.04 26.49
N GLY B 1106 -36.70 21.41 26.24
CA GLY B 1106 -35.59 20.98 27.09
C GLY B 1106 -34.54 20.08 26.47
N GLY B 1107 -34.68 19.79 25.18
CA GLY B 1107 -33.79 18.87 24.52
C GLY B 1107 -32.47 19.47 24.04
N GLN B 1108 -32.23 20.74 24.36
CA GLN B 1108 -31.01 21.40 23.93
C GLN B 1108 -29.80 20.88 24.71
N TYR B 1109 -28.68 20.72 24.01
CA TYR B 1109 -27.44 20.30 24.65
C TYR B 1109 -26.93 21.34 25.62
N ARG B 1110 -26.52 20.90 26.81
CA ARG B 1110 -25.91 21.79 27.78
C ARG B 1110 -24.43 21.51 27.94
N ARG B 1111 -23.63 22.57 27.87
CA ARG B 1111 -22.20 22.46 28.10
C ARG B 1111 -21.95 22.06 29.54
N ASN B 1112 -21.90 20.76 29.78
CA ASN B 1112 -22.01 20.22 31.12
C ASN B 1112 -20.70 19.84 31.80
N MET B 1113 -19.59 20.39 31.34
CA MET B 1113 -18.30 20.06 31.95
C MET B 1113 -17.40 21.27 32.08
CO B12 C . 16.51 -1.93 -18.80
N21 B12 C . 16.32 -0.07 -18.97
N22 B12 C . 18.40 -1.74 -18.53
N23 B12 C . 16.50 -3.85 -18.84
N24 B12 C . 14.62 -1.92 -18.76
C1 B12 C . 14.97 0.46 -19.14
C20 B12 C . 14.64 0.49 -20.62
C2 B12 C . 14.99 1.86 -18.42
C25 B12 C . 14.04 2.89 -19.07
C26 B12 C . 14.72 1.77 -16.92
C27 B12 C . 14.90 3.06 -16.11
O28 B12 C . 16.03 3.40 -15.73
N29 B12 C . 13.81 3.78 -15.83
C3 B12 C . 16.50 2.24 -18.56
C30 B12 C . 16.76 3.16 -19.77
C31 B12 C . 17.25 4.54 -19.37
C32 B12 C . 17.37 5.51 -20.53
O34 B12 C . 17.25 6.72 -20.35
N33 B12 C . 17.59 4.97 -21.71
C4 B12 C . 17.15 0.88 -18.66
C5 B12 C . 18.59 0.65 -18.34
C35 B12 C . 19.33 1.93 -18.04
C6 B12 C . 19.16 -0.61 -18.30
C7 B12 C . 20.60 -0.98 -17.93
C36 B12 C . 21.62 -0.35 -18.91
C37 B12 C . 20.92 -0.61 -16.47
C38 B12 C . 22.42 -0.73 -16.16
O39 B12 C . 22.96 -1.83 -16.03
N40 B12 C . 23.07 0.41 -16.04
C8 B12 C . 20.62 -2.53 -18.01
C41 B12 C . 21.61 -3.19 -18.99
C42 B12 C . 21.05 -3.46 -20.39
C43 B12 C . 22.04 -4.16 -21.29
O44 B12 C . 22.74 -3.53 -22.09
N45 B12 C . 22.11 -5.47 -21.17
C9 B12 C . 19.17 -2.85 -18.29
C10 B12 C . 18.77 -4.18 -18.16
C11 B12 C . 17.49 -4.63 -18.40
C12 B12 C . 17.09 -6.07 -18.23
C46 B12 C . 16.65 -6.35 -16.78
C47 B12 C . 18.21 -7.03 -18.62
C13 B12 C . 15.81 -6.12 -19.12
C48 B12 C . 16.11 -6.49 -20.58
C49 B12 C . 15.68 -7.90 -20.95
C50 B12 C . 15.87 -8.18 -22.43
O51 B12 C . 15.41 -7.42 -23.28
N52 B12 C . 16.56 -9.28 -22.72
C14 B12 C . 15.38 -4.65 -19.05
C15 B12 C . 14.07 -4.27 -19.17
C53 B12 C . 13.02 -5.31 -19.39
C16 B12 C . 13.67 -2.82 -18.97
C17 B12 C . 12.26 -2.24 -18.91
C54 B12 C . 11.65 -2.65 -17.56
C55 B12 C . 11.23 -2.57 -20.01
C56 B12 C . 11.80 -2.68 -21.42
C57 B12 C . 11.04 -3.75 -22.16
O58 B12 C . 11.61 -4.74 -22.61
N59 B12 C . 9.73 -3.54 -22.31
C18 B12 C . 12.58 -0.73 -18.99
C60 B12 C . 11.65 0.20 -18.20
C61 B12 C . 10.25 0.32 -18.79
O63 B12 C . 10.05 0.97 -19.82
N62 B12 C . 9.29 -0.33 -18.15
C19 B12 C . 14.02 -0.61 -18.49
C1P B12 C . 8.85 -4.44 -23.04
C2P B12 C . 8.39 -3.84 -24.43
C3P B12 C . 7.75 -4.93 -25.25
O3 B12 C . 7.37 -2.88 -24.19
O4 B12 C . 6.50 -0.49 -23.59
O5 B12 C . 8.93 -0.91 -24.12
P B12 C . 7.47 -1.28 -24.38
O2 B12 C . 7.31 -1.16 -25.98
C3R B12 C . 6.11 -0.97 -26.70
C2R B12 C . 6.17 0.00 -27.89
O7R B12 C . 7.12 1.04 -27.68
C1R B12 C . 6.61 -0.95 -29.02
O6R B12 C . 6.32 -2.27 -28.61
C4R B12 C . 5.64 -2.27 -27.33
C5R B12 C . 4.16 -2.37 -27.56
O8R B12 C . 3.46 -2.36 -26.32
N1B B12 C . 8.03 -0.87 -29.38
C8B B12 C . 8.47 -1.28 -30.63
C2B B12 C . 9.11 -0.91 -28.56
N3B B12 C . 10.21 -1.30 -29.15
C9B B12 C . 9.82 -1.54 -30.47
C4B B12 C . 10.57 -1.97 -31.55
C5B B12 C . 9.96 -2.16 -32.79
C5M B12 C . 10.78 -2.64 -33.96
C6B B12 C . 8.58 -1.89 -32.94
C6M B12 C . 7.88 -2.07 -34.27
C7B B12 C . 7.83 -1.44 -31.84
N1 5AD D . 19.05 4.15 -11.65
N1 5AD D . 18.53 3.78 -11.34
C2 5AD D . 18.21 3.37 -10.98
C2 5AD D . 17.68 2.84 -10.94
N3 5AD D . 17.60 2.25 -11.40
N3 5AD D . 17.25 1.76 -11.58
C4 5AD D . 17.94 1.95 -12.66
C4 5AD D . 17.79 1.69 -12.81
N9 5AD D . 17.53 0.88 -13.40
N9 5AD D . 17.59 0.72 -13.76
C8 5AD D . 18.15 1.01 -14.62
C8 5AD D . 18.36 1.08 -14.83
N7 5AD D . 18.92 2.06 -14.71
N7 5AD D . 19.03 2.19 -14.64
C5 5AD D . 18.80 2.67 -13.47
C5 5AD D . 18.68 2.58 -13.37
C6 5AD D . 19.38 3.83 -12.93
C6 5AD D . 19.06 3.68 -12.58
N6 5AD D . 20.23 4.62 -13.59
N6 5AD D . 19.92 4.62 -12.98
C1' 5AD D . 16.65 -0.21 -12.98
C1' 5AD D . 16.75 -0.47 -13.64
C2' 5AD D . 15.18 -0.01 -13.34
C2' 5AD D . 15.27 -0.22 -13.94
C3' 5AD D . 15.03 -0.89 -14.58
C3' 5AD D . 14.84 -1.59 -14.47
C4' 5AD D . 15.99 -2.03 -14.29
C4' 5AD D . 16.06 -2.05 -15.24
C5' 5AD D . 16.52 -2.77 -15.50
C5' 5AD D . 16.07 -1.71 -16.71
O4' 5AD D . 17.09 -1.41 -13.60
O4' 5AD D . 17.20 -1.42 -14.61
O2' 5AD D . 14.33 -0.45 -12.28
O2' 5AD D . 14.59 0.14 -12.75
O3' 5AD D . 13.71 -1.42 -14.70
O3' 5AD D . 14.59 -2.51 -13.40
O3 52O E . 28.32 -11.64 10.07
C4 52O E . 26.66 -9.97 9.48
C5 52O E . 27.93 -9.41 6.22
O4 52O E . 26.54 -9.29 5.88
C6 52O E . 24.22 -10.19 10.15
N1 52O E . 25.22 -9.80 9.29
C7 52O E . 24.60 -9.19 8.24
C8 52O E . 23.03 -9.77 9.56
N2 52O E . 23.28 -9.15 8.34
C9 52O E . 24.25 -9.22 -0.42
O5 52O E . 27.31 -14.40 8.05
C10 52O E . 24.74 -8.94 -1.85
O6 52O E . 29.34 -13.79 9.36
C11 52O E . 25.05 -8.41 0.60
C12 52O E . 21.84 -10.05 10.25
N3 52O E . 24.35 -10.82 11.33
C13 52O E . 24.41 -10.70 -0.09
O7 52O E . 25.00 -8.20 4.13
C14 52O E . 22.77 -8.83 -0.29
O8 52O E . 24.19 -8.01 1.70
C15 52O E . 23.15 -11.03 11.88
N4 52O E . 21.94 -10.70 11.43
O9 52O E . 29.58 -14.57 6.98
P1 52O E . 28.73 -13.83 7.95
O2 52O E . 28.57 -12.29 7.49
C1 52O E . 27.49 -11.39 7.80
C2 52O E . 27.16 -11.40 9.29
N5 52O E . 20.63 -9.71 9.81
O1 52O E . 27.33 -9.15 8.54
C3 52O E . 28.06 -9.97 7.61
P2 52O E . 26.03 -9.39 4.38
O12 52O E . 25.38 -10.68 4.06
O10 52O E . 27.22 -9.17 3.44
P3 52O E . 24.82 -7.19 2.91
O14 52O E . 26.11 -6.54 2.59
O13 52O E . 23.79 -6.15 3.32
O11 52O E . 24.22 -9.93 -2.72
C16 52O E . 24.35 -7.56 -2.36
O15 52O E . 24.85 -6.55 -1.87
N6 52O E . 23.46 -7.52 -3.34
C17 52O E . 23.08 -6.30 -4.03
C18 52O E . 22.98 -6.51 -5.52
C19 52O E . 22.31 -5.36 -6.22
O16 52O E . 21.91 -4.37 -5.61
N7 52O E . 22.16 -5.50 -7.53
C20 52O E . 21.48 -4.53 -8.37
C21 52O E . 21.34 -5.11 -9.77
S1 52O E . 20.50 -4.06 -10.98
C22 52O E . 20.60 -5.06 -12.42
O17 52O E . 21.12 -6.14 -12.43
C23 52O E . 19.97 -4.43 -13.63
C24 52O E . 20.91 -4.46 -14.80
C25 52O E . 19.63 -2.99 -13.33
C26 52O E . 18.71 -5.17 -13.98
PB GDP F . 23.77 -24.38 -37.79
O1B GDP F . 23.85 -25.78 -38.41
O2B GDP F . 22.28 -24.00 -37.59
O3B GDP F . 24.40 -23.42 -38.70
O3A GDP F . 24.52 -24.37 -36.42
PA GDP F . 24.92 -23.00 -35.70
O1A GDP F . 23.93 -22.01 -35.92
O2A GDP F . 26.23 -22.50 -36.23
O5' GDP F . 25.09 -23.27 -34.17
C5' GDP F . 24.07 -23.63 -33.46
C4' GDP F . 24.47 -23.78 -31.98
O4' GDP F . 25.57 -24.77 -31.81
C3' GDP F . 24.92 -22.55 -31.28
O3' GDP F . 24.43 -22.46 -29.96
C2' GDP F . 26.37 -22.68 -31.23
O2' GDP F . 26.98 -21.96 -30.15
C1' GDP F . 26.56 -24.14 -31.07
N9 GDP F . 27.91 -24.67 -31.42
C8 GDP F . 28.61 -24.39 -32.47
N7 GDP F . 29.75 -25.05 -32.42
C5 GDP F . 29.78 -25.76 -31.28
C6 GDP F . 30.73 -26.65 -30.65
O6 GDP F . 31.92 -26.91 -31.28
N1 GDP F . 30.45 -27.22 -29.48
C2 GDP F . 29.34 -26.96 -28.89
N2 GDP F . 29.03 -27.60 -27.59
N3 GDP F . 28.40 -26.11 -29.45
C4 GDP F . 28.63 -25.53 -30.64
MG MG G . 23.00 -22.01 -39.53
MG MG H . 21.77 -22.76 -42.20
CO B12 I . -9.49 20.48 13.82
N21 B12 I . -9.15 21.53 12.30
N22 B12 I . -11.13 19.88 13.04
N23 B12 I . -9.69 19.57 15.49
N24 B12 I . -7.72 20.97 14.29
C1 B12 I . -8.02 22.44 12.34
C20 B12 I . -8.42 23.69 13.12
C2 B12 I . -7.62 22.65 10.83
C25 B12 I . -7.07 24.05 10.52
C26 B12 I . -6.65 21.56 10.32
C27 B12 I . -6.24 21.65 8.85
O28 B12 I . -6.96 21.14 7.98
N29 B12 I . -5.11 22.28 8.56
C3 B12 I . -8.99 22.38 10.12
C30 B12 I . -9.82 23.65 9.90
C31 B12 I . -10.22 23.89 8.45
C32 B12 I . -11.20 25.02 8.28
O34 B12 I . -10.85 26.12 7.86
N33 B12 I . -12.46 24.76 8.62
C4 B12 I . -9.67 21.47 11.11
C5 B12 I . -10.79 20.57 10.75
C35 B12 I . -11.00 20.50 9.27
C6 B12 I . -11.54 19.93 11.72
C7 B12 I . -12.81 19.11 11.52
C36 B12 I . -13.91 19.95 10.84
C37 B12 I . -12.48 17.81 10.75
C38 B12 I . -13.75 17.25 10.12
O39 B12 I . -14.65 16.77 10.82
N40 B12 I . -13.82 17.30 8.80
C8 B12 I . -13.23 18.74 12.97
C41 B12 I . -14.42 19.51 13.57
C42 B12 I . -15.72 18.72 13.60
C43 B12 I . -15.55 17.37 14.25
O44 B12 I . -15.89 16.33 13.67
N45 B12 I . -15.02 17.38 15.46
C9 B12 I . -11.97 19.07 13.74
C10 B12 I . -11.78 18.48 14.98
C11 B12 I . -10.68 18.71 15.79
C12 B12 I . -10.48 18.03 17.14
C46 B12 I . -9.81 16.66 17.01
C47 B12 I . -11.82 17.88 17.88
C13 B12 I . -9.46 18.98 17.81
C48 B12 I . -10.15 20.10 18.63
C49 B12 I . -9.97 19.97 20.14
C50 B12 I . -10.91 20.86 20.90
O51 B12 I . -10.61 22.04 21.13
N52 B12 I . -12.05 20.31 21.28
C14 B12 I . -8.81 19.65 16.59
C15 B12 I . -7.55 20.19 16.61
C53 B12 I . -6.73 20.06 17.86
C16 B12 I . -7.00 20.92 15.39
C17 B12 I . -5.64 21.62 15.25
C54 B12 I . -4.56 20.53 15.01
C55 B12 I . -5.14 22.58 16.34
C56 B12 I . -6.19 23.57 16.84
C57 B12 I . -5.79 23.99 18.23
O58 B12 I . -6.39 23.58 19.22
N59 B12 I . -4.75 24.81 18.32
C18 B12 I . -5.91 22.47 13.99
C60 B12 I . -4.70 22.82 13.09
C61 B12 I . -3.95 24.06 13.50
O63 B12 I . -4.33 25.17 13.14
N62 B12 I . -2.87 23.87 14.26
C19 B12 I . -6.97 21.68 13.22
C1P B12 I . -4.22 25.31 19.58
C2P B12 I . -3.85 26.84 19.54
C3P B12 I . -3.52 27.29 20.94
O3 B12 I . -2.68 27.00 18.77
O4 B12 I . -1.16 27.78 16.76
O5 B12 I . -3.65 27.49 16.54
P B12 I . -2.47 27.89 17.42
O2 B12 I . -2.83 29.37 17.97
C3R B12 I . -1.90 30.37 18.34
C2R B12 I . -2.32 31.82 18.09
O7R B12 I . -3.14 31.93 16.93
C1R B12 I . -3.09 32.16 19.37
O6R B12 I . -2.67 31.24 20.37
C4R B12 I . -1.66 30.35 19.85
C5R B12 I . -0.31 30.82 20.29
O8R B12 I . 0.72 29.95 19.84
N1B B12 I . -4.54 32.09 19.26
C8B B12 I . -5.37 32.82 20.09
C2B B12 I . -5.30 31.07 18.78
N3B B12 I . -6.54 31.07 19.22
C9B B12 I . -6.60 32.18 20.06
C4B B12 I . -7.66 32.69 20.79
C5B B12 I . -7.49 33.84 21.57
C5M B12 I . -8.66 34.39 22.33
C6B B12 I . -6.22 34.48 21.60
C6M B12 I . -6.00 35.71 22.44
C7B B12 I . -5.17 33.97 20.85
O3 52O J . -26.41 -9.68 2.70
C4 52O J . -26.20 -9.78 0.28
C5 52O J . -27.85 -7.01 -0.84
O4 52O J . -26.51 -6.55 -0.60
C6 52O J . -23.93 -10.86 -0.13
N1 52O J . -24.78 -9.78 -0.09
C7 52O J . -24.02 -8.70 -0.45
C8 52O J . -22.69 -10.35 -0.52
N2 52O J . -22.77 -8.98 -0.73
O5 52O J . -31.00 -9.20 2.82
O6 52O J . -29.78 -11.34 3.17
C12 52O J . -21.64 -11.27 -0.64
N3 52O J . -24.22 -12.14 0.15
O7 52O J . -25.57 -4.33 -1.48
C15 52O J . -23.15 -12.92 0.00
N4 52O J . -21.91 -12.57 -0.36
O9 52O J . -28.81 -9.22 4.09
P1 52O J . -29.61 -9.84 2.99
O2 52O J . -28.86 -9.64 1.56
C1 52O J . -27.97 -8.56 1.21
C2 52O J . -26.52 -8.92 1.50
N5 52O J . -20.40 -10.94 -1.01
O1 52O J . -26.93 -9.23 -0.81
C3 52O J . -28.01 -8.41 -0.31
P2 52O J . -26.18 -5.00 -0.31
O12 52O J . -25.20 -4.93 0.94
O10 52O J . -27.48 -4.31 0.07
PB GDP K . -23.14 24.23 40.31
O1B GDP K . -23.44 24.04 41.80
O2B GDP K . -21.64 24.59 40.14
O3B GDP K . -23.97 25.33 39.80
O3A GDP K . -23.48 22.92 39.53
PA GDP K . -23.62 22.91 37.96
O1A GDP K . -25.02 23.32 37.56
O2A GDP K . -22.70 23.82 37.35
O5' GDP K . -23.36 21.45 37.43
C5' GDP K . -22.19 20.91 37.57
C4' GDP K . -22.19 19.50 36.94
O4' GDP K . -23.21 18.61 37.53
C3' GDP K . -22.39 19.44 35.48
O3' GDP K . -21.56 18.48 34.85
C2' GDP K . -23.77 19.00 35.33
O2' GDP K . -24.02 18.30 34.10
C1' GDP K . -23.95 18.08 36.48
N9 GDP K . -25.35 17.81 36.88
C8 GDP K . -26.30 18.67 37.03
N7 GDP K . -27.41 18.04 37.39
C5 GDP K . -27.14 16.73 37.46
C6 GDP K . -27.92 15.56 37.79
O6 GDP K . -29.24 15.68 38.12
N1 GDP K . -27.33 14.35 37.77
C2 GDP K . -26.09 14.24 37.46
N2 GDP K . -25.47 12.89 37.44
N3 GDP K . -25.32 15.34 37.13
C4 GDP K . -25.86 16.57 37.14
MG MG L . -22.82 27.03 39.21
MG MG M . -22.41 29.54 41.35
#